data_9DLB
#
_entry.id   9DLB
#
_cell.length_a   1.00
_cell.length_b   1.00
_cell.length_c   1.00
_cell.angle_alpha   90.00
_cell.angle_beta   90.00
_cell.angle_gamma   90.00
#
_symmetry.space_group_name_H-M   'P 1'
#
_entity_poly.entity_id   1
_entity_poly.type   'polypeptide(L)'
_entity_poly.pdbx_seq_one_letter_code
;MTRYQNLVNGKWKSSEQEITIYSPINQEELGTVPAMTQTEADEAMQAARAALPAWRALSAIERAAYLHKTAAILERDKEK
IGTILAKEVAKGIKAAIGEVVRTADLIRYAAEEGLRITGQAMEGGGFEAASKNKLAVVRREPVGIVLAIAPFNYPVNLSA
SKIAPALIAGNVVMLKPPTQGSISGLLLAKAFEEAGIPAGVFNTITGRGSEIGDYIIEHKEVNFINFTGSTPIGERIGRL
AGMRPIMLELGGKDAALVLEDADLEHAAKQIVAGAFSYSGQRCTAIKRVIVLESVADKLATLLQEEVSKLTVGDPFDNAD
ITPVIDNASADFIWGLIEDAQEKEAQALTPIKREGNLLWPVLFDQVTKDMKVAWEEPFGPVLPIIRVASVEEAIAFANES
EFGLQSSVFTNDFKKAFEIAEKLEVGTVHINNKTQRGPDNFPFLGVKGSGAGVQGIKYSIEAMTNVKSIVFDVK
;
_entity_poly.pdbx_strand_id   A,B,C,D
#
# COMPACT_ATOMS: atom_id res chain seq x y z
N MET A 1 5.65 46.80 25.36
CA MET A 1 4.53 46.89 24.41
C MET A 1 5.01 46.58 23.00
N THR A 2 4.95 45.30 22.63
CA THR A 2 5.32 44.92 21.27
C THR A 2 4.07 44.92 20.40
N ARG A 3 4.21 45.36 19.15
CA ARG A 3 3.10 45.47 18.22
C ARG A 3 3.30 44.41 17.15
N TYR A 4 2.40 43.44 17.10
CA TYR A 4 2.55 42.32 16.17
C TYR A 4 1.69 42.54 14.94
N GLN A 5 2.11 41.92 13.84
CA GLN A 5 1.55 42.18 12.53
C GLN A 5 1.20 40.87 11.84
N ASN A 6 0.27 40.94 10.90
CA ASN A 6 -0.21 39.77 10.18
C ASN A 6 0.54 39.61 8.85
N LEU A 7 0.88 38.37 8.53
CA LEU A 7 1.58 38.05 7.30
C LEU A 7 0.57 37.84 6.18
N VAL A 8 0.75 38.57 5.08
CA VAL A 8 -0.10 38.45 3.92
C VAL A 8 0.65 39.01 2.71
N ASN A 9 0.68 38.24 1.62
CA ASN A 9 1.62 38.47 0.51
C ASN A 9 3.04 38.69 0.96
N GLY A 10 3.50 37.97 1.97
CA GLY A 10 4.87 38.14 2.40
C GLY A 10 5.18 39.48 3.00
N LYS A 11 4.16 40.30 3.27
CA LYS A 11 4.32 41.60 3.88
C LYS A 11 3.53 41.65 5.18
N TRP A 12 4.05 42.41 6.13
CA TRP A 12 3.43 42.54 7.44
C TRP A 12 2.49 43.73 7.42
N LYS A 13 1.21 43.47 7.70
CA LYS A 13 0.22 44.53 7.80
C LYS A 13 -0.32 44.61 9.22
N SER A 14 -0.87 45.77 9.56
CA SER A 14 -1.54 45.98 10.83
C SER A 14 -2.87 46.65 10.52
N SER A 15 -3.85 46.47 11.40
CA SER A 15 -5.16 47.06 11.19
C SER A 15 -5.31 48.34 12.01
N GLU A 16 -6.48 48.96 11.89
CA GLU A 16 -6.76 50.17 12.68
C GLU A 16 -6.89 49.84 14.15
N GLN A 17 -7.86 49.01 14.50
CA GLN A 17 -7.98 48.54 15.87
C GLN A 17 -7.06 47.36 16.11
N GLU A 18 -6.83 47.05 17.38
CA GLU A 18 -6.01 45.90 17.73
C GLU A 18 -6.46 45.35 19.07
N ILE A 19 -6.15 44.08 19.29
CA ILE A 19 -6.53 43.35 20.50
C ILE A 19 -5.32 43.25 21.39
N THR A 20 -5.52 43.51 22.68
CA THR A 20 -4.44 43.46 23.67
C THR A 20 -4.41 42.08 24.31
N ILE A 21 -3.21 41.56 24.53
CA ILE A 21 -3.02 40.22 25.06
C ILE A 21 -2.46 40.34 26.46
N TYR A 22 -3.09 39.66 27.41
CA TYR A 22 -2.68 39.69 28.81
C TYR A 22 -2.29 38.30 29.25
N SER A 23 -1.15 38.18 29.92
CA SER A 23 -0.69 36.87 30.34
C SER A 23 -1.62 36.31 31.41
N PRO A 24 -2.01 35.04 31.33
CA PRO A 24 -2.87 34.48 32.37
C PRO A 24 -2.15 34.30 33.70
N ILE A 25 -0.84 34.52 33.72
CA ILE A 25 -0.06 34.39 34.95
C ILE A 25 -0.27 35.58 35.86
N ASN A 26 -0.05 36.79 35.35
CA ASN A 26 -0.12 38.00 36.16
C ASN A 26 -0.98 39.09 35.55
N GLN A 27 -1.72 38.81 34.48
CA GLN A 27 -2.44 39.82 33.71
C GLN A 27 -1.49 40.91 33.23
N GLU A 28 -0.25 40.55 32.95
CA GLU A 28 0.75 41.47 32.46
C GLU A 28 0.53 41.74 30.97
N GLU A 29 1.18 42.78 30.48
CA GLU A 29 1.04 43.18 29.08
C GLU A 29 2.04 42.41 28.24
N LEU A 30 1.55 41.69 27.23
CA LEU A 30 2.41 40.97 26.31
C LEU A 30 2.54 41.66 24.96
N GLY A 31 1.57 42.49 24.59
CA GLY A 31 1.55 43.13 23.29
C GLY A 31 0.16 43.13 22.70
N THR A 32 0.07 43.67 21.49
CA THR A 32 -1.19 43.77 20.78
C THR A 32 -1.08 43.08 19.42
N VAL A 33 -2.16 42.45 19.00
CA VAL A 33 -2.25 41.81 17.69
C VAL A 33 -3.31 42.54 16.88
N PRO A 34 -3.21 42.58 15.55
CA PRO A 34 -4.21 43.29 14.76
C PRO A 34 -5.58 42.66 14.90
N ALA A 35 -6.61 43.50 14.74
CA ALA A 35 -7.98 43.04 14.70
C ALA A 35 -8.52 43.34 13.31
N MET A 36 -8.23 42.48 12.35
CA MET A 36 -8.53 42.83 10.97
C MET A 36 -10.03 42.76 10.71
N THR A 37 -10.46 43.44 9.66
CA THR A 37 -11.83 43.52 9.24
C THR A 37 -12.07 42.50 8.14
N GLN A 38 -13.33 42.40 7.72
CA GLN A 38 -13.69 41.44 6.69
C GLN A 38 -13.03 41.74 5.35
N THR A 39 -12.83 43.02 5.02
CA THR A 39 -12.17 43.37 3.77
C THR A 39 -10.72 42.90 3.76
N GLU A 40 -10.03 43.04 4.88
CA GLU A 40 -8.64 42.58 4.96
C GLU A 40 -8.58 41.05 4.85
N ALA A 41 -9.59 40.37 5.38
CA ALA A 41 -9.68 38.93 5.21
C ALA A 41 -9.91 38.57 3.74
N ASP A 42 -10.72 39.35 3.02
CA ASP A 42 -10.87 39.14 1.59
C ASP A 42 -9.53 39.30 0.88
N GLU A 43 -8.77 40.33 1.25
CA GLU A 43 -7.49 40.55 0.59
C GLU A 43 -6.53 39.40 0.86
N ALA A 44 -6.53 38.86 2.08
CA ALA A 44 -5.70 37.68 2.36
C ALA A 44 -6.14 36.47 1.55
N MET A 45 -7.45 36.22 1.47
CA MET A 45 -7.96 35.15 0.62
C MET A 45 -7.50 35.32 -0.83
N GLN A 46 -7.61 36.53 -1.37
CA GLN A 46 -7.25 36.75 -2.77
C GLN A 46 -5.75 36.56 -2.97
N ALA A 47 -4.95 36.99 -1.98
CA ALA A 47 -3.52 36.76 -2.05
C ALA A 47 -3.20 35.28 -2.14
N ALA A 48 -3.87 34.47 -1.33
CA ALA A 48 -3.65 33.03 -1.37
C ALA A 48 -4.10 32.43 -2.70
N ARG A 49 -5.26 32.86 -3.19
CA ARG A 49 -5.75 32.35 -4.47
C ARG A 49 -4.80 32.69 -5.61
N ALA A 50 -4.14 33.85 -5.54
CA ALA A 50 -3.18 34.21 -6.57
C ALA A 50 -1.87 33.47 -6.40
N ALA A 51 -1.50 33.14 -5.16
CA ALA A 51 -0.24 32.45 -4.93
C ALA A 51 -0.35 30.96 -5.20
N LEU A 52 -1.56 30.42 -5.25
CA LEU A 52 -1.72 28.98 -5.41
C LEU A 52 -1.07 28.40 -6.66
N PRO A 53 -1.27 28.92 -7.88
CA PRO A 53 -0.70 28.23 -9.06
C PRO A 53 0.81 28.06 -9.03
N ALA A 54 1.55 29.07 -8.58
CA ALA A 54 3.01 28.98 -8.60
C ALA A 54 3.53 28.06 -7.51
N TRP A 55 2.79 27.93 -6.42
CA TRP A 55 3.16 26.99 -5.36
C TRP A 55 2.86 25.56 -5.77
N ARG A 56 1.70 25.34 -6.39
CA ARG A 56 1.35 24.06 -6.97
C ARG A 56 2.32 23.62 -8.05
N ALA A 57 2.82 24.57 -8.84
CA ALA A 57 3.66 24.25 -9.98
C ALA A 57 5.02 23.68 -9.57
N LEU A 58 5.65 24.28 -8.57
CA LEU A 58 7.00 23.87 -8.24
C LEU A 58 6.99 22.54 -7.49
N SER A 59 8.11 21.85 -7.56
CA SER A 59 8.17 20.43 -7.23
C SER A 59 8.19 20.24 -5.72
N ALA A 60 8.03 18.99 -5.29
CA ALA A 60 7.97 18.65 -3.88
C ALA A 60 9.29 18.83 -3.15
N ILE A 61 10.42 18.64 -3.82
CA ILE A 61 11.71 18.96 -3.23
C ILE A 61 11.77 20.41 -2.79
N GLU A 62 11.23 21.31 -3.60
CA GLU A 62 11.37 22.74 -3.33
C GLU A 62 10.50 23.18 -2.15
N ARG A 63 9.25 22.72 -2.12
CA ARG A 63 8.39 22.96 -0.97
C ARG A 63 8.99 22.35 0.29
N ALA A 64 9.54 21.15 0.17
CA ALA A 64 10.16 20.51 1.32
C ALA A 64 11.36 21.32 1.81
N ALA A 65 12.10 21.93 0.88
CA ALA A 65 13.24 22.77 1.28
C ALA A 65 12.78 23.96 2.09
N TYR A 66 11.70 24.60 1.65
CA TYR A 66 11.16 25.71 2.44
C TYR A 66 10.77 25.25 3.84
N LEU A 67 10.09 24.10 3.92
CA LEU A 67 9.65 23.61 5.23
C LEU A 67 10.83 23.28 6.14
N HIS A 68 11.88 22.70 5.56
CA HIS A 68 13.08 22.40 6.33
C HIS A 68 13.73 23.67 6.87
N LYS A 69 13.76 24.73 6.07
CA LYS A 69 14.31 25.99 6.57
C LYS A 69 13.46 26.56 7.71
N THR A 70 12.14 26.48 7.60
CA THR A 70 11.30 26.95 8.70
C THR A 70 11.60 26.17 9.98
N ALA A 71 11.76 24.84 9.86
CA ALA A 71 12.05 24.03 11.02
C ALA A 71 13.40 24.39 11.64
N ALA A 72 14.40 24.67 10.79
CA ALA A 72 15.70 25.08 11.32
C ALA A 72 15.60 26.40 12.07
N ILE A 73 14.85 27.35 11.54
CA ILE A 73 14.70 28.63 12.24
C ILE A 73 13.94 28.46 13.54
N LEU A 74 12.95 27.56 13.59
CA LEU A 74 12.26 27.28 14.84
C LEU A 74 13.21 26.69 15.88
N GLU A 75 14.07 25.75 15.46
CA GLU A 75 15.11 25.26 16.36
C GLU A 75 16.00 26.41 16.84
N ARG A 76 16.27 27.37 15.98
CA ARG A 76 17.18 28.46 16.34
C ARG A 76 16.62 29.31 17.47
N ASP A 77 15.35 29.70 17.37
CA ASP A 77 14.74 30.62 18.33
C ASP A 77 13.90 29.91 19.39
N LYS A 78 14.33 28.75 19.88
CA LYS A 78 13.58 28.02 20.89
C LYS A 78 13.19 28.91 22.06
N GLU A 79 14.16 29.67 22.58
CA GLU A 79 13.99 30.38 23.83
C GLU A 79 13.05 31.57 23.70
N LYS A 80 13.15 32.34 22.61
CA LYS A 80 12.28 33.49 22.43
C LYS A 80 10.81 33.08 22.37
N ILE A 81 10.47 32.27 21.37
CA ILE A 81 9.09 31.80 21.23
C ILE A 81 8.68 30.98 22.44
N GLY A 82 9.63 30.28 23.07
CA GLY A 82 9.29 29.50 24.24
C GLY A 82 8.83 30.36 25.41
N THR A 83 9.58 31.42 25.71
CA THR A 83 9.19 32.31 26.80
C THR A 83 7.90 33.04 26.48
N ILE A 84 7.74 33.50 25.24
CA ILE A 84 6.51 34.20 24.88
C ILE A 84 5.31 33.27 24.99
N LEU A 85 5.47 32.03 24.54
CA LEU A 85 4.42 31.01 24.67
C LEU A 85 4.09 30.71 26.12
N ALA A 86 5.10 30.54 26.97
CA ALA A 86 4.87 30.30 28.39
C ALA A 86 4.12 31.45 29.05
N LYS A 87 4.48 32.69 28.74
CA LYS A 87 3.72 33.81 29.28
C LYS A 87 2.30 33.83 28.75
N GLU A 88 2.11 33.50 27.48
CA GLU A 88 0.81 33.72 26.84
C GLU A 88 -0.21 32.67 27.23
N VAL A 89 0.20 31.42 27.42
CA VAL A 89 -0.81 30.41 27.75
C VAL A 89 -0.53 29.75 29.09
N ALA A 90 0.34 30.35 29.89
CA ALA A 90 0.66 29.87 31.23
C ALA A 90 1.19 28.43 31.19
N LYS A 91 1.88 28.12 30.10
CA LYS A 91 2.55 26.85 29.88
C LYS A 91 3.87 26.85 30.65
N GLY A 92 4.26 25.70 31.17
CA GLY A 92 5.56 25.59 31.80
C GLY A 92 6.66 25.92 30.82
N ILE A 93 7.72 26.56 31.32
CA ILE A 93 8.74 27.12 30.41
C ILE A 93 9.49 26.00 29.69
N LYS A 94 9.88 24.95 30.39
CA LYS A 94 10.47 23.81 29.71
C LYS A 94 9.46 23.14 28.78
N ALA A 95 8.18 23.10 29.21
CA ALA A 95 7.14 22.57 28.35
C ALA A 95 6.99 23.39 27.09
N ALA A 96 7.11 24.72 27.19
CA ALA A 96 7.01 25.56 26.00
C ALA A 96 8.21 25.36 25.07
N ILE A 97 9.42 25.29 25.62
CA ILE A 97 10.58 25.02 24.79
C ILE A 97 10.43 23.67 24.10
N GLY A 98 9.95 22.67 24.83
CA GLY A 98 9.71 21.35 24.30
C GLY A 98 8.67 21.35 23.21
N GLU A 99 7.63 22.18 23.35
CA GLU A 99 6.63 22.27 22.29
C GLU A 99 7.22 22.86 21.02
N VAL A 100 8.08 23.86 21.14
CA VAL A 100 8.71 24.41 19.94
C VAL A 100 9.61 23.37 19.27
N VAL A 101 10.37 22.62 20.07
CA VAL A 101 11.23 21.57 19.49
C VAL A 101 10.40 20.47 18.82
N ARG A 102 9.34 20.02 19.47
CA ARG A 102 8.44 19.03 18.86
C ARG A 102 7.82 19.57 17.59
N THR A 103 7.53 20.87 17.56
CA THR A 103 6.99 21.49 16.36
C THR A 103 7.97 21.42 15.21
N ALA A 104 9.23 21.72 15.47
CA ALA A 104 10.23 21.63 14.41
C ALA A 104 10.37 20.20 13.90
N ASP A 105 10.34 19.23 14.81
CA ASP A 105 10.40 17.82 14.40
C ASP A 105 9.20 17.44 13.54
N LEU A 106 8.01 17.93 13.89
CA LEU A 106 6.82 17.67 13.09
C LEU A 106 6.95 18.28 11.71
N ILE A 107 7.49 19.50 11.63
CA ILE A 107 7.66 20.16 10.33
C ILE A 107 8.56 19.31 9.44
N ARG A 108 9.68 18.85 9.99
CA ARG A 108 10.61 18.06 9.19
C ARG A 108 9.99 16.75 8.74
N TYR A 109 9.30 16.05 9.65
CA TYR A 109 8.68 14.79 9.27
C TYR A 109 7.62 14.99 8.21
N ALA A 110 6.80 16.04 8.31
CA ALA A 110 5.79 16.30 7.31
C ALA A 110 6.40 16.61 5.95
N ALA A 111 7.45 17.42 5.90
CA ALA A 111 8.14 17.68 4.65
C ALA A 111 8.69 16.42 4.01
N GLU A 112 9.28 15.52 4.79
CA GLU A 112 9.86 14.32 4.21
C GLU A 112 8.78 13.31 3.83
N GLU A 113 7.66 13.32 4.55
CA GLU A 113 6.51 12.47 4.27
C GLU A 113 5.85 12.86 2.96
N GLY A 114 5.76 14.18 2.70
CA GLY A 114 5.04 14.64 1.54
C GLY A 114 5.72 14.29 0.23
N LEU A 115 7.02 14.02 0.27
CA LEU A 115 7.74 13.61 -0.93
C LEU A 115 7.40 12.20 -1.38
N ARG A 116 7.08 11.31 -0.45
CA ARG A 116 6.87 9.90 -0.75
C ARG A 116 5.49 9.59 -1.28
N ILE A 117 4.62 10.59 -1.42
CA ILE A 117 3.23 10.31 -1.75
C ILE A 117 3.15 9.74 -3.16
N THR A 118 2.73 8.48 -3.26
CA THR A 118 2.76 7.74 -4.49
C THR A 118 1.35 7.41 -4.94
N GLY A 119 1.15 7.41 -6.25
CA GLY A 119 -0.17 7.17 -6.81
C GLY A 119 -0.37 5.73 -7.23
N GLN A 120 -1.61 5.40 -7.61
CA GLN A 120 -1.89 4.06 -8.09
C GLN A 120 -1.96 4.05 -9.61
N ALA A 121 -1.81 2.87 -10.19
CA ALA A 121 -1.99 2.66 -11.61
C ALA A 121 -2.85 1.42 -11.79
N MET A 122 -4.14 1.63 -11.99
CA MET A 122 -5.13 0.56 -11.92
C MET A 122 -5.43 0.07 -13.32
N GLU A 123 -5.88 -1.16 -13.42
CA GLU A 123 -6.27 -1.75 -14.69
C GLU A 123 -7.74 -2.15 -14.60
N GLY A 124 -8.40 -2.32 -15.74
CA GLY A 124 -9.81 -2.74 -15.70
C GLY A 124 -10.01 -4.23 -15.92
N GLY A 125 -8.96 -5.00 -16.16
CA GLY A 125 -9.10 -6.43 -16.50
C GLY A 125 -9.82 -7.24 -15.46
N GLY A 126 -9.50 -7.07 -14.18
CA GLY A 126 -10.08 -7.90 -13.11
C GLY A 126 -11.51 -7.58 -12.76
N PHE A 127 -12.05 -6.45 -13.20
CA PHE A 127 -13.48 -6.17 -12.95
C PHE A 127 -14.29 -6.63 -14.16
N GLU A 128 -13.85 -6.25 -15.36
CA GLU A 128 -14.56 -6.61 -16.61
C GLU A 128 -13.53 -6.90 -17.68
N ALA A 129 -13.80 -7.87 -18.56
CA ALA A 129 -12.88 -8.16 -19.68
C ALA A 129 -13.07 -7.08 -20.74
N ALA A 130 -14.27 -6.50 -20.81
CA ALA A 130 -14.55 -5.43 -21.77
C ALA A 130 -13.53 -4.31 -21.59
N SER A 131 -13.26 -3.92 -20.35
CA SER A 131 -12.36 -2.79 -20.16
C SER A 131 -11.00 -3.28 -19.66
N LYS A 132 -10.48 -4.28 -20.36
CA LYS A 132 -9.17 -4.86 -20.06
C LYS A 132 -8.01 -3.95 -20.46
N ASN A 133 -8.21 -3.10 -21.46
CA ASN A 133 -7.15 -2.27 -22.01
C ASN A 133 -7.17 -0.87 -21.43
N LYS A 134 -7.93 -0.64 -20.38
CA LYS A 134 -8.13 0.67 -19.80
C LYS A 134 -7.23 0.79 -18.58
N LEU A 135 -6.46 1.86 -18.50
CA LEU A 135 -5.58 2.06 -17.36
C LEU A 135 -5.83 3.42 -16.75
N ALA A 136 -5.95 3.45 -15.43
CA ALA A 136 -6.19 4.68 -14.70
C ALA A 136 -4.96 5.03 -13.89
N VAL A 137 -4.41 6.21 -14.13
CA VAL A 137 -3.36 6.74 -13.28
C VAL A 137 -3.97 7.63 -12.21
N VAL A 138 -4.01 7.12 -10.99
CA VAL A 138 -4.74 7.75 -9.90
C VAL A 138 -3.71 8.45 -9.03
N ARG A 139 -3.61 9.76 -9.13
CA ARG A 139 -2.69 10.53 -8.34
C ARG A 139 -3.45 11.50 -7.46
N ARG A 140 -2.70 12.39 -6.81
CA ARG A 140 -3.24 13.18 -5.73
C ARG A 140 -2.91 14.66 -5.95
N GLU A 141 -3.89 15.52 -5.73
CA GLU A 141 -3.79 16.93 -6.06
C GLU A 141 -4.28 17.79 -4.91
N PRO A 142 -3.72 18.98 -4.68
CA PRO A 142 -4.16 19.80 -3.54
C PRO A 142 -5.60 20.27 -3.63
N VAL A 143 -6.24 20.50 -2.49
CA VAL A 143 -7.60 21.04 -2.51
C VAL A 143 -7.58 22.50 -2.93
N GLY A 144 -6.58 23.26 -2.51
CA GLY A 144 -6.57 24.68 -2.77
C GLY A 144 -6.13 25.48 -1.56
N ILE A 145 -6.99 26.36 -1.07
CA ILE A 145 -6.72 27.13 0.13
C ILE A 145 -7.21 26.33 1.33
N VAL A 146 -6.31 26.10 2.29
CA VAL A 146 -6.62 25.39 3.51
C VAL A 146 -6.66 26.41 4.64
N LEU A 147 -7.73 26.39 5.41
CA LEU A 147 -7.89 27.28 6.55
C LEU A 147 -7.70 26.47 7.82
N ALA A 148 -6.59 26.72 8.48
CA ALA A 148 -6.26 26.08 9.74
C ALA A 148 -6.48 27.06 10.87
N ILE A 149 -7.29 26.68 11.86
CA ILE A 149 -7.48 27.51 13.02
C ILE A 149 -7.09 26.71 14.25
N ALA A 150 -6.18 27.26 15.05
CA ALA A 150 -5.42 26.59 16.09
C ALA A 150 -6.08 26.78 17.45
N PRO A 151 -5.77 25.91 18.41
CA PRO A 151 -6.29 26.09 19.77
C PRO A 151 -5.29 26.80 20.66
N PHE A 152 -5.74 27.12 21.87
CA PHE A 152 -4.85 27.75 22.84
C PHE A 152 -3.91 26.74 23.48
N ASN A 153 -4.28 25.47 23.50
CA ASN A 153 -3.46 24.45 24.12
C ASN A 153 -2.06 24.47 23.57
N TYR A 154 -1.94 24.18 22.28
CA TYR A 154 -0.69 24.12 21.56
C TYR A 154 -0.85 25.05 20.36
N PRO A 155 -0.67 26.35 20.55
CA PRO A 155 -0.84 27.28 19.44
C PRO A 155 0.31 27.30 18.45
N VAL A 156 1.40 26.59 18.74
CA VAL A 156 2.51 26.42 17.82
C VAL A 156 2.56 25.02 17.26
N ASN A 157 2.22 24.02 18.06
CA ASN A 157 2.33 22.63 17.62
C ASN A 157 1.10 22.20 16.85
N LEU A 158 -0.09 22.43 17.40
CA LEU A 158 -1.32 22.09 16.72
C LEU A 158 -1.64 23.05 15.60
N SER A 159 -0.91 24.15 15.50
CA SER A 159 -0.90 24.99 14.31
C SER A 159 -0.06 24.39 13.21
N ALA A 160 1.16 23.96 13.54
CA ALA A 160 2.06 23.40 12.55
C ALA A 160 1.55 22.06 12.02
N SER A 161 0.85 21.31 12.86
CA SER A 161 0.32 20.02 12.45
C SER A 161 -0.74 20.17 11.37
N LYS A 162 -1.20 21.39 11.17
CA LYS A 162 -2.10 21.75 10.08
C LYS A 162 -1.40 22.48 8.94
N ILE A 163 -0.48 23.38 9.25
CA ILE A 163 0.27 24.10 8.22
C ILE A 163 1.11 23.14 7.39
N ALA A 164 1.92 22.30 8.03
CA ALA A 164 2.95 21.55 7.29
C ALA A 164 2.36 20.50 6.36
N PRO A 165 1.44 19.62 6.79
CA PRO A 165 0.87 18.65 5.84
C PRO A 165 0.20 19.30 4.66
N ALA A 166 -0.59 20.35 4.89
CA ALA A 166 -1.27 21.05 3.81
C ALA A 166 -0.27 21.69 2.87
N LEU A 167 0.79 22.26 3.42
CA LEU A 167 1.65 23.12 2.63
C LEU A 167 2.68 22.29 1.86
N ILE A 168 2.96 21.07 2.32
CA ILE A 168 3.76 20.14 1.52
C ILE A 168 2.88 19.43 0.50
N ALA A 169 1.58 19.29 0.77
CA ALA A 169 0.72 18.67 -0.22
C ALA A 169 0.55 19.54 -1.46
N GLY A 170 0.99 20.79 -1.42
CA GLY A 170 0.82 21.73 -2.50
C GLY A 170 -0.21 22.80 -2.26
N ASN A 171 -0.81 22.84 -1.06
CA ASN A 171 -1.88 23.77 -0.73
C ASN A 171 -1.26 25.06 -0.23
N VAL A 172 -1.99 26.17 -0.41
CA VAL A 172 -1.63 27.36 0.34
C VAL A 172 -2.52 27.45 1.57
N VAL A 173 -1.98 28.01 2.63
CA VAL A 173 -2.62 27.96 3.94
C VAL A 173 -2.77 29.39 4.43
N MET A 174 -3.84 29.62 5.18
CA MET A 174 -3.88 30.80 6.03
C MET A 174 -4.37 30.41 7.41
N LEU A 175 -3.64 30.86 8.42
CA LEU A 175 -3.82 30.44 9.79
C LEU A 175 -4.58 31.50 10.57
N LYS A 176 -5.59 31.07 11.31
CA LYS A 176 -6.30 31.89 12.27
C LYS A 176 -5.86 31.43 13.65
N PRO A 177 -4.84 32.06 14.23
CA PRO A 177 -4.36 31.64 15.54
C PRO A 177 -5.38 31.95 16.61
N PRO A 178 -5.31 31.28 17.76
CA PRO A 178 -6.35 31.47 18.78
C PRO A 178 -6.38 32.89 19.28
N THR A 179 -7.45 33.27 19.98
CA THR A 179 -7.50 34.58 20.60
C THR A 179 -6.41 34.72 21.65
N GLN A 180 -6.22 33.68 22.46
CA GLN A 180 -5.17 33.64 23.47
C GLN A 180 -4.09 32.69 22.98
N GLY A 181 -3.07 33.26 22.36
CA GLY A 181 -2.05 32.47 21.72
C GLY A 181 -1.76 32.99 20.33
N SER A 182 -2.37 34.13 19.98
CA SER A 182 -2.16 34.71 18.68
C SER A 182 -0.71 35.12 18.47
N ILE A 183 -0.06 35.62 19.52
CA ILE A 183 1.32 36.05 19.38
C ILE A 183 2.23 34.89 19.01
N SER A 184 1.97 33.71 19.56
CA SER A 184 2.74 32.51 19.23
C SER A 184 2.54 32.12 17.76
N GLY A 185 1.29 32.19 17.29
CA GLY A 185 1.05 31.94 15.88
C GLY A 185 1.73 32.96 14.98
N LEU A 186 1.80 34.21 15.41
CA LEU A 186 2.49 35.23 14.64
C LEU A 186 3.99 35.01 14.66
N LEU A 187 4.52 34.43 15.73
CA LEU A 187 5.94 34.07 15.76
C LEU A 187 6.21 32.88 14.84
N LEU A 188 5.29 31.93 14.77
CA LEU A 188 5.37 30.88 13.76
C LEU A 188 5.36 31.47 12.36
N ALA A 189 4.51 32.45 12.10
CA ALA A 189 4.51 33.13 10.81
C ALA A 189 5.82 33.86 10.57
N LYS A 190 6.43 34.41 11.61
CA LYS A 190 7.75 35.02 11.47
C LYS A 190 8.76 33.99 10.98
N ALA A 191 8.76 32.81 11.57
CA ALA A 191 9.69 31.76 11.12
C ALA A 191 9.43 31.37 9.67
N PHE A 192 8.15 31.22 9.32
CA PHE A 192 7.79 30.87 7.95
C PHE A 192 8.24 31.94 6.95
N GLU A 193 8.05 33.21 7.27
CA GLU A 193 8.47 34.28 6.37
C GLU A 193 9.99 34.37 6.28
N GLU A 194 10.68 34.21 7.41
CA GLU A 194 12.14 34.26 7.38
C GLU A 194 12.72 33.15 6.53
N ALA A 195 12.11 31.96 6.57
CA ALA A 195 12.59 30.87 5.73
C ALA A 195 12.53 31.23 4.25
N GLY A 196 11.68 32.17 3.90
CA GLY A 196 11.61 32.61 2.52
C GLY A 196 10.45 31.97 1.79
N ILE A 197 9.43 31.59 2.54
CA ILE A 197 8.26 30.95 1.92
C ILE A 197 7.67 31.94 0.92
N PRO A 198 7.22 31.50 -0.25
CA PRO A 198 6.77 32.47 -1.26
C PRO A 198 5.60 33.30 -0.79
N ALA A 199 5.44 34.48 -1.39
CA ALA A 199 4.44 35.43 -0.93
C ALA A 199 3.04 34.93 -1.25
N GLY A 200 2.19 34.91 -0.24
CA GLY A 200 0.82 34.51 -0.39
C GLY A 200 0.52 33.06 -0.14
N VAL A 201 1.54 32.21 0.00
CA VAL A 201 1.29 30.80 0.28
C VAL A 201 1.09 30.55 1.76
N PHE A 202 1.48 31.48 2.61
CA PHE A 202 1.17 31.40 4.04
C PHE A 202 0.70 32.77 4.49
N ASN A 203 -0.51 32.85 5.01
CA ASN A 203 -1.13 34.08 5.45
C ASN A 203 -1.62 33.90 6.87
N THR A 204 -1.76 35.01 7.59
CA THR A 204 -2.23 34.97 8.97
C THR A 204 -3.39 35.94 9.13
N ILE A 205 -4.37 35.53 9.92
CA ILE A 205 -5.59 36.29 10.14
C ILE A 205 -5.85 36.34 11.64
N THR A 206 -5.75 37.53 12.22
CA THR A 206 -6.07 37.74 13.62
C THR A 206 -7.15 38.81 13.75
N GLY A 207 -8.04 38.61 14.71
CA GLY A 207 -9.07 39.60 14.94
C GLY A 207 -10.11 39.08 15.91
N ARG A 208 -11.09 39.93 16.17
CA ARG A 208 -12.19 39.57 17.05
C ARG A 208 -13.01 38.48 16.38
N GLY A 209 -13.39 37.47 17.15
CA GLY A 209 -14.16 36.37 16.58
C GLY A 209 -15.46 36.84 15.96
N SER A 210 -16.14 37.76 16.64
CA SER A 210 -17.47 38.24 16.19
C SER A 210 -17.41 39.01 14.86
N GLU A 211 -16.22 39.32 14.37
CA GLU A 211 -16.09 40.11 13.12
C GLU A 211 -15.59 39.22 11.98
N ILE A 212 -14.29 38.90 11.97
CA ILE A 212 -13.68 38.12 10.85
C ILE A 212 -14.12 36.65 10.93
N GLY A 213 -14.06 36.02 12.10
CA GLY A 213 -14.40 34.59 12.23
C GLY A 213 -15.81 34.32 11.72
N ASP A 214 -16.14 33.08 11.40
CA ASP A 214 -17.45 32.75 10.77
C ASP A 214 -17.46 33.31 9.35
N TYR A 215 -17.15 34.58 9.17
CA TYR A 215 -17.01 35.11 7.79
C TYR A 215 -15.84 34.39 7.18
N ILE A 216 -14.84 34.11 8.02
CA ILE A 216 -13.64 33.44 7.57
C ILE A 216 -13.92 32.01 7.16
N ILE A 217 -14.74 31.31 7.95
CA ILE A 217 -15.14 29.94 7.64
C ILE A 217 -16.05 29.88 6.43
N GLU A 218 -16.85 30.91 6.19
CA GLU A 218 -17.88 30.83 5.17
C GLU A 218 -17.43 31.29 3.81
N HIS A 219 -16.18 31.70 3.67
CA HIS A 219 -15.71 32.32 2.43
C HIS A 219 -15.76 31.31 1.29
N LYS A 220 -15.89 31.82 0.07
CA LYS A 220 -15.99 30.93 -1.10
C LYS A 220 -14.64 30.36 -1.47
N GLU A 221 -13.56 31.07 -1.16
CA GLU A 221 -12.23 30.66 -1.56
C GLU A 221 -11.62 29.62 -0.63
N VAL A 222 -12.22 29.36 0.51
CA VAL A 222 -11.70 28.37 1.44
C VAL A 222 -12.12 26.99 0.96
N ASN A 223 -11.15 26.10 0.79
CA ASN A 223 -11.41 24.78 0.24
C ASN A 223 -11.37 23.67 1.26
N PHE A 224 -10.73 23.91 2.41
CA PHE A 224 -10.62 22.89 3.45
C PHE A 224 -10.59 23.65 4.77
N ILE A 225 -11.36 23.18 5.75
CA ILE A 225 -11.27 23.77 7.08
C ILE A 225 -10.72 22.74 8.05
N ASN A 226 -9.61 23.07 8.68
CA ASN A 226 -8.95 22.20 9.63
C ASN A 226 -8.99 22.88 10.98
N PHE A 227 -9.89 22.42 11.84
CA PHE A 227 -10.22 23.07 13.11
C PHE A 227 -9.94 22.13 14.25
N THR A 228 -9.31 22.63 15.29
CA THR A 228 -9.23 21.97 16.59
C THR A 228 -9.63 22.95 17.68
N GLY A 229 -10.43 22.48 18.62
CA GLY A 229 -11.02 23.34 19.61
C GLY A 229 -12.05 22.61 20.43
N SER A 230 -13.22 23.20 20.61
CA SER A 230 -14.27 22.65 21.46
C SER A 230 -15.37 22.07 20.61
N THR A 231 -16.10 21.10 21.16
CA THR A 231 -17.15 20.39 20.45
C THR A 231 -18.27 21.33 20.01
N PRO A 232 -18.76 22.24 20.86
CA PRO A 232 -19.79 23.18 20.39
C PRO A 232 -19.39 24.00 19.18
N ILE A 233 -18.17 24.52 19.16
CA ILE A 233 -17.72 25.33 18.02
C ILE A 233 -17.48 24.45 16.81
N GLY A 234 -16.97 23.23 17.02
CA GLY A 234 -16.76 22.32 15.92
C GLY A 234 -18.04 21.89 15.25
N GLU A 235 -19.11 21.77 16.04
CA GLU A 235 -20.41 21.43 15.46
C GLU A 235 -20.94 22.58 14.61
N ARG A 236 -20.75 23.82 15.06
CA ARG A 236 -21.10 24.97 14.24
C ARG A 236 -20.31 24.98 12.94
N ILE A 237 -19.02 24.67 13.02
CA ILE A 237 -18.19 24.66 11.82
C ILE A 237 -18.62 23.55 10.87
N GLY A 238 -19.01 22.40 11.42
CA GLY A 238 -19.53 21.34 10.59
C GLY A 238 -20.80 21.74 9.86
N ARG A 239 -21.66 22.50 10.53
CA ARG A 239 -22.86 23.01 9.84
C ARG A 239 -22.53 24.13 8.87
N LEU A 240 -21.47 24.90 9.15
CA LEU A 240 -21.26 26.16 8.45
C LEU A 240 -20.35 25.99 7.24
N ALA A 241 -19.58 24.91 7.21
CA ALA A 241 -18.73 24.60 6.07
C ALA A 241 -19.55 24.22 4.84
N GLY A 242 -20.62 23.47 5.05
CA GLY A 242 -21.45 23.04 3.95
C GLY A 242 -21.03 21.69 3.42
N MET A 243 -20.74 21.62 2.13
CA MET A 243 -20.28 20.38 1.52
C MET A 243 -18.76 20.33 1.41
N ARG A 244 -18.07 21.40 1.80
CA ARG A 244 -16.62 21.44 1.76
C ARG A 244 -16.02 20.48 2.78
N PRO A 245 -14.86 19.91 2.49
CA PRO A 245 -14.22 18.98 3.42
C PRO A 245 -13.71 19.70 4.66
N ILE A 246 -13.84 19.04 5.80
CA ILE A 246 -13.38 19.57 7.08
C ILE A 246 -12.63 18.46 7.80
N MET A 247 -11.82 18.86 8.77
CA MET A 247 -11.24 17.90 9.70
C MET A 247 -11.28 18.56 11.06
N LEU A 248 -12.05 17.97 11.97
CA LEU A 248 -12.31 18.54 13.28
C LEU A 248 -11.73 17.66 14.37
N GLU A 249 -11.01 18.28 15.28
CA GLU A 249 -10.56 17.63 16.50
C GLU A 249 -11.16 18.34 17.70
N LEU A 250 -11.94 17.61 18.48
CA LEU A 250 -12.73 18.18 19.57
C LEU A 250 -12.36 17.47 20.87
N GLY A 251 -13.16 17.66 21.90
CA GLY A 251 -12.80 17.21 23.23
C GLY A 251 -12.92 15.71 23.43
N GLY A 252 -12.62 15.27 24.65
CA GLY A 252 -12.82 13.88 25.01
C GLY A 252 -12.64 13.68 26.50
N LYS A 253 -13.27 12.62 27.00
CA LYS A 253 -12.98 12.05 28.32
C LYS A 253 -12.24 10.76 28.06
N ASP A 254 -10.93 10.81 27.98
CA ASP A 254 -10.19 9.56 27.81
C ASP A 254 -10.30 8.77 29.10
N ALA A 255 -11.05 7.67 29.06
CA ALA A 255 -11.19 6.77 30.19
C ALA A 255 -9.92 5.96 30.38
N ALA A 256 -9.62 5.66 31.64
CA ALA A 256 -8.54 4.74 31.98
C ALA A 256 -9.19 3.54 32.66
N LEU A 257 -9.50 2.51 31.89
CA LEU A 257 -10.09 1.29 32.43
C LEU A 257 -9.04 0.47 33.14
N VAL A 258 -9.12 0.41 34.46
CA VAL A 258 -8.17 -0.32 35.29
C VAL A 258 -8.86 -1.58 35.77
N LEU A 259 -8.23 -2.72 35.56
CA LEU A 259 -8.88 -4.01 35.79
C LEU A 259 -8.29 -4.68 37.02
N GLU A 260 -8.68 -5.94 37.24
CA GLU A 260 -8.23 -6.68 38.41
C GLU A 260 -6.72 -6.85 38.42
N ASP A 261 -6.16 -7.31 37.31
CA ASP A 261 -4.76 -7.74 37.23
C ASP A 261 -3.83 -6.60 36.83
N ALA A 262 -4.36 -5.39 36.68
CA ALA A 262 -3.56 -4.26 36.27
C ALA A 262 -2.41 -4.02 37.24
N ASP A 263 -1.27 -3.64 36.69
CA ASP A 263 -0.14 -3.18 37.49
C ASP A 263 -0.48 -1.82 38.06
N LEU A 264 -1.00 -1.80 39.30
CA LEU A 264 -1.57 -0.57 39.84
C LEU A 264 -0.52 0.51 40.03
N GLU A 265 0.71 0.12 40.37
CA GLU A 265 1.75 1.13 40.57
C GLU A 265 2.08 1.86 39.28
N HIS A 266 2.17 1.15 38.16
CA HIS A 266 2.36 1.72 36.83
C HIS A 266 1.15 2.48 36.33
N ALA A 267 -0.06 1.92 36.56
CA ALA A 267 -1.27 2.61 36.17
C ALA A 267 -1.43 3.94 36.88
N ALA A 268 -1.11 4.00 38.18
CA ALA A 268 -1.26 5.25 38.92
C ALA A 268 -0.36 6.34 38.36
N LYS A 269 0.89 6.01 38.08
CA LYS A 269 1.81 6.99 37.52
C LYS A 269 1.38 7.43 36.13
N GLN A 270 1.02 6.48 35.27
CA GLN A 270 0.56 6.83 33.93
C GLN A 270 -0.68 7.70 33.99
N ILE A 271 -1.61 7.37 34.88
CA ILE A 271 -2.87 8.08 34.96
C ILE A 271 -2.65 9.50 35.42
N VAL A 272 -1.80 9.70 36.44
CA VAL A 272 -1.61 11.05 36.95
C VAL A 272 -0.83 11.90 35.94
N ALA A 273 0.20 11.32 35.32
CA ALA A 273 0.93 12.07 34.30
C ALA A 273 -0.01 12.50 33.17
N GLY A 274 -0.79 11.56 32.63
CA GLY A 274 -1.71 11.91 31.57
C GLY A 274 -2.76 12.92 31.99
N ALA A 275 -3.34 12.73 33.17
CA ALA A 275 -4.44 13.57 33.61
C ALA A 275 -4.02 14.98 33.96
N PHE A 276 -2.80 15.19 34.42
CA PHE A 276 -2.40 16.51 34.91
C PHE A 276 -1.29 17.17 34.13
N SER A 277 -0.87 16.61 32.98
CA SER A 277 0.01 17.38 32.12
C SER A 277 -0.71 18.65 31.64
N TYR A 278 -0.06 19.79 31.83
CA TYR A 278 -0.60 21.10 31.48
C TYR A 278 -1.89 21.39 32.25
N SER A 279 -1.98 20.82 33.44
CA SER A 279 -3.09 21.00 34.38
C SER A 279 -4.44 20.66 33.77
N GLY A 280 -4.53 19.50 33.11
CA GLY A 280 -5.79 18.99 32.62
C GLY A 280 -6.26 19.57 31.31
N GLN A 281 -5.48 20.49 30.74
CA GLN A 281 -5.89 21.28 29.59
C GLN A 281 -5.41 20.69 28.27
N ARG A 282 -5.44 19.38 28.13
CA ARG A 282 -5.25 18.74 26.84
C ARG A 282 -6.54 18.04 26.44
N CYS A 283 -6.74 17.89 25.14
CA CYS A 283 -7.89 17.13 24.66
C CYS A 283 -7.65 15.63 24.85
N THR A 284 -6.45 15.16 24.55
CA THR A 284 -6.13 13.74 24.67
C THR A 284 -5.39 13.50 25.99
N ALA A 285 -6.05 13.92 27.07
CA ALA A 285 -5.59 13.60 28.41
C ALA A 285 -6.63 12.65 28.98
N ILE A 286 -6.23 11.75 29.88
CA ILE A 286 -7.22 10.89 30.49
C ILE A 286 -7.91 11.66 31.61
N LYS A 287 -9.23 11.76 31.51
CA LYS A 287 -10.04 12.64 32.32
C LYS A 287 -10.98 11.89 33.24
N ARG A 288 -10.81 10.57 33.35
CA ARG A 288 -11.83 9.72 33.94
C ARG A 288 -11.24 8.35 34.17
N VAL A 289 -11.32 7.86 35.41
CA VAL A 289 -10.74 6.58 35.78
C VAL A 289 -11.89 5.62 36.08
N ILE A 290 -12.00 4.57 35.28
CA ILE A 290 -12.95 3.48 35.54
C ILE A 290 -12.17 2.31 36.11
N VAL A 291 -12.44 1.94 37.35
CA VAL A 291 -11.67 0.92 38.04
C VAL A 291 -12.62 -0.08 38.69
N LEU A 292 -12.22 -1.35 38.68
CA LEU A 292 -12.97 -2.41 39.32
C LEU A 292 -12.95 -2.25 40.84
N GLU A 293 -14.05 -2.61 41.48
CA GLU A 293 -14.24 -2.28 42.89
C GLU A 293 -13.26 -3.00 43.81
N SER A 294 -12.70 -4.13 43.39
CA SER A 294 -11.84 -4.90 44.28
C SER A 294 -10.46 -4.28 44.39
N VAL A 295 -9.95 -3.71 43.31
CA VAL A 295 -8.63 -3.06 43.30
C VAL A 295 -8.77 -1.54 43.43
N ALA A 296 -9.99 -1.04 43.61
CA ALA A 296 -10.25 0.39 43.51
C ALA A 296 -9.63 1.16 44.67
N ASP A 297 -9.62 0.58 45.87
CA ASP A 297 -9.07 1.30 47.02
C ASP A 297 -7.56 1.43 46.92
N LYS A 298 -6.88 0.34 46.56
CA LYS A 298 -5.43 0.41 46.38
C LYS A 298 -5.07 1.36 45.26
N LEU A 299 -5.82 1.31 44.14
CA LEU A 299 -5.57 2.27 43.07
C LEU A 299 -5.76 3.69 43.55
N ALA A 300 -6.80 3.95 44.35
CA ALA A 300 -7.07 5.29 44.83
C ALA A 300 -5.96 5.80 45.72
N THR A 301 -5.42 4.92 46.58
CA THR A 301 -4.30 5.34 47.43
C THR A 301 -3.08 5.70 46.61
N LEU A 302 -2.75 4.87 45.62
CA LEU A 302 -1.61 5.17 44.75
C LEU A 302 -1.83 6.46 43.97
N LEU A 303 -3.04 6.66 43.45
CA LEU A 303 -3.36 7.88 42.74
C LEU A 303 -3.24 9.09 43.64
N GLN A 304 -3.69 8.98 44.89
CA GLN A 304 -3.56 10.08 45.84
C GLN A 304 -2.11 10.44 46.07
N GLU A 305 -1.25 9.46 46.27
CA GLU A 305 0.17 9.78 46.46
C GLU A 305 0.75 10.48 45.25
N GLU A 306 0.45 9.97 44.05
CA GLU A 306 0.97 10.58 42.84
C GLU A 306 0.48 12.01 42.68
N VAL A 307 -0.81 12.26 42.92
CA VAL A 307 -1.33 13.62 42.79
C VAL A 307 -0.73 14.53 43.85
N SER A 308 -0.47 14.03 45.05
CA SER A 308 0.13 14.87 46.09
C SER A 308 1.55 15.26 45.71
N LYS A 309 2.26 14.43 44.94
CA LYS A 309 3.60 14.81 44.52
C LYS A 309 3.61 16.02 43.59
N LEU A 310 2.46 16.36 42.98
CA LEU A 310 2.43 17.41 41.96
C LEU A 310 2.64 18.79 42.57
N THR A 311 3.36 19.65 41.84
CA THR A 311 3.67 20.99 42.29
C THR A 311 2.74 21.99 41.64
N VAL A 312 2.29 22.97 42.41
CA VAL A 312 1.36 24.00 41.95
C VAL A 312 2.04 25.35 42.09
N GLY A 313 1.98 26.16 41.03
CA GLY A 313 2.62 27.45 41.08
C GLY A 313 2.67 28.21 39.77
N ASP A 314 3.84 28.74 39.45
CA ASP A 314 4.23 29.61 38.36
C ASP A 314 4.83 28.80 37.21
N PRO A 315 4.51 29.18 35.97
CA PRO A 315 5.08 28.46 34.82
C PRO A 315 6.59 28.46 34.79
N PHE A 316 7.23 29.60 35.07
CA PHE A 316 8.64 29.60 35.44
C PHE A 316 8.72 29.07 36.87
N ASP A 317 9.76 28.29 37.16
CA ASP A 317 9.86 27.33 38.26
C ASP A 317 9.19 26.03 37.89
N ASN A 318 8.59 25.92 36.70
CA ASN A 318 8.14 24.66 36.11
C ASN A 318 7.13 23.92 36.95
N ALA A 319 6.09 24.60 37.42
CA ALA A 319 5.07 23.91 38.18
C ALA A 319 4.29 22.95 37.28
N ASP A 320 3.98 21.78 37.83
CA ASP A 320 3.12 20.84 37.14
C ASP A 320 1.73 21.44 36.92
N ILE A 321 1.23 22.12 37.94
CA ILE A 321 -0.07 22.78 37.86
C ILE A 321 0.13 24.28 37.79
N THR A 322 -0.37 24.87 36.71
CA THR A 322 -0.22 26.28 36.39
C THR A 322 -1.62 26.88 36.23
N PRO A 323 -1.74 28.20 36.30
CA PRO A 323 -3.08 28.80 36.20
C PRO A 323 -3.76 28.41 34.90
N VAL A 324 -5.07 28.15 34.99
CA VAL A 324 -5.84 27.82 33.81
C VAL A 324 -5.99 29.06 32.93
N ILE A 325 -6.49 28.86 31.71
CA ILE A 325 -6.30 29.85 30.65
C ILE A 325 -7.00 31.17 30.96
N ASP A 326 -8.20 31.12 31.54
CA ASP A 326 -8.91 32.35 31.84
C ASP A 326 -9.80 32.12 33.05
N ASN A 327 -10.52 33.17 33.44
CA ASN A 327 -11.36 33.10 34.63
C ASN A 327 -12.68 32.39 34.37
N ALA A 328 -13.20 32.46 33.15
CA ALA A 328 -14.42 31.74 32.82
C ALA A 328 -14.22 30.24 32.96
N SER A 329 -13.07 29.75 32.51
CA SER A 329 -12.76 28.33 32.66
C SER A 329 -12.50 27.96 34.11
N ALA A 330 -11.84 28.82 34.88
CA ALA A 330 -11.65 28.56 36.30
C ALA A 330 -12.98 28.45 37.02
N ASP A 331 -13.92 29.33 36.67
CA ASP A 331 -15.28 29.25 37.22
C ASP A 331 -16.00 27.98 36.78
N PHE A 332 -15.82 27.57 35.53
CA PHE A 332 -16.44 26.33 35.04
C PHE A 332 -15.91 25.11 35.82
N ILE A 333 -14.59 25.04 35.99
CA ILE A 333 -14.00 23.95 36.76
C ILE A 333 -14.46 24.01 38.20
N TRP A 334 -14.55 25.20 38.78
CA TRP A 334 -15.00 25.31 40.16
C TRP A 334 -16.46 24.90 40.31
N GLY A 335 -17.28 25.17 39.30
CA GLY A 335 -18.65 24.71 39.33
C GLY A 335 -18.75 23.20 39.28
N LEU A 336 -17.90 22.57 38.46
CA LEU A 336 -17.86 21.11 38.43
C LEU A 336 -17.42 20.53 39.77
N ILE A 337 -16.40 21.15 40.37
CA ILE A 337 -15.92 20.72 41.69
C ILE A 337 -17.01 20.90 42.74
N GLU A 338 -17.75 22.00 42.67
CA GLU A 338 -18.84 22.25 43.61
C GLU A 338 -19.94 21.20 43.46
N ASP A 339 -20.30 20.86 42.22
CA ASP A 339 -21.31 19.83 42.02
C ASP A 339 -20.85 18.49 42.56
N ALA A 340 -19.59 18.13 42.33
CA ALA A 340 -19.09 16.87 42.86
C ALA A 340 -19.07 16.88 44.38
N GLN A 341 -18.65 18.00 44.97
CA GLN A 341 -18.55 18.12 46.42
C GLN A 341 -19.93 18.09 47.06
N GLU A 342 -20.94 18.61 46.35
CA GLU A 342 -22.32 18.62 46.83
C GLU A 342 -22.85 17.21 47.07
N LYS A 343 -22.62 16.30 46.13
CA LYS A 343 -23.25 14.98 46.15
C LYS A 343 -22.37 13.92 46.79
N GLU A 344 -21.59 14.31 47.80
CA GLU A 344 -20.90 13.38 48.69
C GLU A 344 -19.84 12.57 47.95
N ALA A 345 -19.10 13.22 47.06
CA ALA A 345 -17.92 12.61 46.44
C ALA A 345 -16.72 13.01 47.27
N GLN A 346 -15.93 12.03 47.68
CA GLN A 346 -14.83 12.29 48.59
C GLN A 346 -13.61 12.76 47.83
N ALA A 347 -13.20 14.01 48.07
CA ALA A 347 -11.96 14.52 47.51
C ALA A 347 -10.77 13.95 48.27
N LEU A 348 -9.83 13.38 47.53
CA LEU A 348 -8.61 12.85 48.10
C LEU A 348 -7.48 13.85 48.13
N THR A 349 -7.66 15.00 47.50
CA THR A 349 -6.67 16.06 47.44
C THR A 349 -7.36 17.37 47.76
N PRO A 350 -6.69 18.31 48.44
CA PRO A 350 -7.37 19.55 48.82
C PRO A 350 -7.95 20.30 47.62
N ILE A 351 -9.17 20.81 47.80
CA ILE A 351 -9.77 21.76 46.87
C ILE A 351 -9.31 23.15 47.30
N LYS A 352 -8.84 23.93 46.33
CA LYS A 352 -8.16 25.17 46.67
C LYS A 352 -8.04 26.00 45.41
N ARG A 353 -8.43 27.27 45.50
CA ARG A 353 -8.40 28.18 44.37
C ARG A 353 -7.77 29.50 44.76
N GLU A 354 -6.92 30.02 43.88
CA GLU A 354 -6.32 31.34 44.03
C GLU A 354 -6.63 32.20 42.82
N GLY A 355 -7.91 32.26 42.46
CA GLY A 355 -8.36 33.08 41.35
C GLY A 355 -8.33 32.36 40.03
N ASN A 356 -7.13 32.18 39.49
CA ASN A 356 -6.91 31.43 38.26
C ASN A 356 -6.22 30.11 38.50
N LEU A 357 -5.38 30.03 39.52
CA LEU A 357 -4.67 28.83 39.89
C LEU A 357 -5.58 27.92 40.70
N LEU A 358 -5.79 26.71 40.20
CA LEU A 358 -6.61 25.72 40.88
C LEU A 358 -5.68 24.60 41.33
N TRP A 359 -5.99 23.98 42.47
CA TRP A 359 -5.24 22.83 42.89
C TRP A 359 -5.82 21.58 42.25
N PRO A 360 -4.97 20.60 41.93
CA PRO A 360 -5.48 19.32 41.42
C PRO A 360 -6.41 18.67 42.42
N VAL A 361 -7.53 18.16 41.92
CA VAL A 361 -8.53 17.54 42.78
C VAL A 361 -8.74 16.10 42.31
N LEU A 362 -8.57 15.15 43.23
CA LEU A 362 -8.77 13.74 42.96
C LEU A 362 -10.04 13.31 43.67
N PHE A 363 -11.13 13.19 42.91
CA PHE A 363 -12.41 12.79 43.47
C PHE A 363 -12.60 11.29 43.37
N ASP A 364 -13.19 10.72 44.41
CA ASP A 364 -13.58 9.31 44.39
C ASP A 364 -15.08 9.23 44.65
N GLN A 365 -15.60 8.01 44.57
CA GLN A 365 -17.03 7.73 44.76
C GLN A 365 -17.88 8.57 43.82
N VAL A 366 -17.40 8.73 42.60
CA VAL A 366 -18.09 9.53 41.59
C VAL A 366 -19.14 8.64 40.92
N THR A 367 -20.35 9.16 40.78
CA THR A 367 -21.46 8.40 40.26
C THR A 367 -21.90 8.97 38.92
N LYS A 368 -22.90 8.34 38.33
CA LYS A 368 -23.46 8.74 37.05
C LYS A 368 -24.17 10.08 37.11
N ASP A 369 -24.46 10.59 38.30
CA ASP A 369 -25.31 11.77 38.46
C ASP A 369 -24.51 13.04 38.69
N MET A 370 -23.19 12.97 38.71
CA MET A 370 -22.34 14.13 38.90
C MET A 370 -21.89 14.64 37.54
N LYS A 371 -21.74 15.96 37.41
CA LYS A 371 -21.38 16.52 36.12
C LYS A 371 -19.92 16.25 35.77
N VAL A 372 -19.06 16.13 36.78
CA VAL A 372 -17.64 15.90 36.52
C VAL A 372 -17.44 14.54 35.86
N ALA A 373 -18.43 13.67 35.97
CA ALA A 373 -18.33 12.35 35.35
C ALA A 373 -18.66 12.39 33.87
N TRP A 374 -19.28 13.48 33.40
CA TRP A 374 -19.72 13.57 32.01
C TRP A 374 -19.32 14.86 31.31
N GLU A 375 -18.89 15.89 32.03
CA GLU A 375 -18.46 17.11 31.35
C GLU A 375 -16.95 17.21 31.32
N GLU A 376 -16.42 17.74 30.21
CA GLU A 376 -14.95 17.88 30.06
C GLU A 376 -14.53 19.17 30.75
N PRO A 377 -13.75 19.10 31.84
CA PRO A 377 -13.44 20.31 32.59
C PRO A 377 -12.29 21.16 32.01
N PHE A 378 -11.46 20.59 31.15
CA PHE A 378 -10.24 21.31 30.68
C PHE A 378 -9.62 21.97 31.90
N GLY A 379 -9.51 21.20 32.98
CA GLY A 379 -8.99 21.73 34.25
C GLY A 379 -8.49 20.62 35.10
N PRO A 380 -7.72 20.88 36.17
CA PRO A 380 -7.05 19.83 36.93
C PRO A 380 -7.93 19.07 37.90
N VAL A 381 -8.84 18.25 37.41
CA VAL A 381 -9.65 17.39 38.28
C VAL A 381 -9.99 16.12 37.52
N LEU A 382 -9.78 14.97 38.15
CA LEU A 382 -10.28 13.77 37.51
C LEU A 382 -11.10 12.95 38.49
N PRO A 383 -12.23 12.42 38.04
CA PRO A 383 -13.03 11.53 38.87
C PRO A 383 -12.55 10.08 38.80
N ILE A 384 -12.85 9.35 39.88
CA ILE A 384 -12.65 7.91 39.93
C ILE A 384 -14.02 7.26 40.03
N ILE A 385 -14.31 6.33 39.13
CA ILE A 385 -15.60 5.66 39.06
C ILE A 385 -15.40 4.19 39.41
N ARG A 386 -16.28 3.68 40.27
CA ARG A 386 -16.25 2.29 40.69
C ARG A 386 -17.24 1.48 39.86
N VAL A 387 -16.78 0.37 39.31
CA VAL A 387 -17.64 -0.56 38.58
C VAL A 387 -17.38 -1.96 39.11
N ALA A 388 -18.36 -2.83 38.91
CA ALA A 388 -18.30 -4.17 39.46
C ALA A 388 -17.86 -5.24 38.47
N SER A 389 -17.85 -4.93 37.18
CA SER A 389 -17.47 -5.90 36.17
C SER A 389 -16.86 -5.17 34.99
N VAL A 390 -16.23 -5.94 34.10
CA VAL A 390 -15.62 -5.36 32.91
C VAL A 390 -16.70 -4.87 31.94
N GLU A 391 -17.79 -5.62 31.82
CA GLU A 391 -18.88 -5.19 30.96
C GLU A 391 -19.48 -3.88 31.44
N GLU A 392 -19.60 -3.72 32.76
CA GLU A 392 -20.11 -2.46 33.31
C GLU A 392 -19.14 -1.32 33.04
N ALA A 393 -17.83 -1.58 33.12
CA ALA A 393 -16.83 -0.57 32.79
C ALA A 393 -16.93 -0.16 31.34
N ILE A 394 -17.09 -1.13 30.44
CA ILE A 394 -17.18 -0.82 29.02
C ILE A 394 -18.45 -0.01 28.72
N ALA A 395 -19.55 -0.38 29.36
CA ALA A 395 -20.80 0.36 29.19
C ALA A 395 -20.66 1.78 29.68
N PHE A 396 -20.03 1.97 30.85
CA PHE A 396 -19.85 3.33 31.37
C PHE A 396 -18.94 4.14 30.47
N ALA A 397 -17.87 3.54 29.97
CA ALA A 397 -16.98 4.26 29.06
C ALA A 397 -17.70 4.65 27.77
N ASN A 398 -18.55 3.77 27.25
CA ASN A 398 -19.23 4.07 25.99
C ASN A 398 -20.49 4.90 26.18
N GLU A 399 -20.90 5.19 27.41
CA GLU A 399 -21.98 6.16 27.60
C GLU A 399 -21.53 7.58 27.34
N SER A 400 -20.24 7.82 27.19
CA SER A 400 -19.73 9.17 26.99
C SER A 400 -20.13 9.69 25.61
N GLU A 401 -20.01 10.99 25.41
CA GLU A 401 -20.40 11.61 24.12
C GLU A 401 -19.14 11.87 23.31
N PHE A 402 -18.02 11.29 23.71
CA PHE A 402 -16.74 11.56 23.04
C PHE A 402 -16.03 10.25 22.74
N GLY A 403 -15.33 10.20 21.61
CA GLY A 403 -14.52 9.01 21.27
C GLY A 403 -13.08 9.32 21.57
N LEU A 404 -12.30 9.71 20.58
CA LEU A 404 -10.86 10.04 20.76
C LEU A 404 -10.09 8.82 21.27
N GLN A 405 -9.51 8.89 22.47
CA GLN A 405 -8.63 7.79 22.94
C GLN A 405 -9.09 7.25 24.29
N SER A 406 -8.47 6.15 24.74
CA SER A 406 -8.82 5.50 26.02
C SER A 406 -7.69 4.53 26.36
N SER A 407 -7.51 4.20 27.64
CA SER A 407 -6.42 3.30 28.06
C SER A 407 -7.01 2.09 28.77
N VAL A 408 -6.45 0.91 28.57
CA VAL A 408 -6.89 -0.30 29.31
C VAL A 408 -5.68 -0.81 30.08
N PHE A 409 -5.69 -0.66 31.41
CA PHE A 409 -4.57 -1.15 32.24
C PHE A 409 -4.94 -2.56 32.67
N THR A 410 -4.12 -3.54 32.27
CA THR A 410 -4.44 -4.96 32.52
C THR A 410 -3.14 -5.75 32.54
N ASN A 411 -3.23 -7.08 32.47
CA ASN A 411 -2.01 -7.92 32.36
C ASN A 411 -2.25 -8.93 31.24
N ASP A 412 -3.51 -9.25 30.93
CA ASP A 412 -3.82 -10.15 29.78
C ASP A 412 -4.06 -9.30 28.53
N PHE A 413 -3.13 -9.34 27.57
CA PHE A 413 -3.25 -8.55 26.33
C PHE A 413 -4.39 -9.09 25.46
N LYS A 414 -4.66 -10.40 25.52
CA LYS A 414 -5.82 -10.94 24.76
C LYS A 414 -7.12 -10.36 25.31
N LYS A 415 -7.24 -10.18 26.62
CA LYS A 415 -8.45 -9.54 27.20
C LYS A 415 -8.45 -8.06 26.82
N ALA A 416 -7.31 -7.40 26.94
CA ALA A 416 -7.23 -5.96 26.62
C ALA A 416 -7.60 -5.74 25.15
N PHE A 417 -7.10 -6.58 24.26
CA PHE A 417 -7.37 -6.43 22.81
C PHE A 417 -8.87 -6.62 22.56
N GLU A 418 -9.52 -7.44 23.38
CA GLU A 418 -10.98 -7.68 23.27
C GLU A 418 -11.75 -6.45 23.77
N ILE A 419 -11.33 -5.86 24.90
CA ILE A 419 -11.96 -4.63 25.45
C ILE A 419 -11.71 -3.47 24.48
N ALA A 420 -10.54 -3.42 23.85
CA ALA A 420 -10.21 -2.35 22.87
C ALA A 420 -11.15 -2.37 21.68
N GLU A 421 -11.54 -3.55 21.20
CA GLU A 421 -12.44 -3.69 20.05
C GLU A 421 -13.86 -3.26 20.44
N LYS A 422 -14.17 -3.25 21.74
CA LYS A 422 -15.54 -2.91 22.18
C LYS A 422 -15.60 -1.47 22.72
N LEU A 423 -14.45 -0.81 22.84
CA LEU A 423 -14.43 0.61 23.27
C LEU A 423 -14.62 1.50 22.05
N GLU A 424 -15.62 2.38 22.06
CA GLU A 424 -15.94 3.23 20.87
C GLU A 424 -15.06 4.46 20.88
N VAL A 425 -13.77 4.28 20.65
CA VAL A 425 -12.79 5.39 20.66
C VAL A 425 -12.02 5.27 19.35
N GLY A 426 -11.16 6.23 19.00
CA GLY A 426 -10.30 6.08 17.82
C GLY A 426 -9.06 5.27 18.12
N THR A 427 -8.40 5.53 19.24
CA THR A 427 -7.16 4.81 19.63
C THR A 427 -7.31 4.27 21.05
N VAL A 428 -6.73 3.12 21.32
CA VAL A 428 -6.76 2.51 22.68
C VAL A 428 -5.32 2.15 23.03
N HIS A 429 -4.82 2.72 24.13
CA HIS A 429 -3.45 2.44 24.60
C HIS A 429 -3.51 1.33 25.65
N ILE A 430 -2.80 0.23 25.43
CA ILE A 430 -2.83 -0.91 26.38
C ILE A 430 -1.72 -0.71 27.40
N ASN A 431 -2.06 -0.56 28.69
CA ASN A 431 -1.06 -0.45 29.78
C ASN A 431 -0.23 0.83 29.64
N ASN A 432 -0.78 1.87 29.03
CA ASN A 432 -0.08 3.18 28.94
C ASN A 432 -1.12 4.28 28.80
N LYS A 433 -0.73 5.53 28.98
CA LYS A 433 -1.69 6.66 28.97
C LYS A 433 -2.00 7.12 27.56
N THR A 434 -3.12 7.82 27.38
CA THR A 434 -3.52 8.36 26.06
C THR A 434 -2.60 9.52 25.67
N GLN A 435 -2.31 9.68 24.38
CA GLN A 435 -1.44 10.77 23.88
C GLN A 435 -1.64 10.94 22.37
N ARG A 436 -1.40 12.14 21.82
CA ARG A 436 -1.45 12.34 20.34
C ARG A 436 -0.40 11.37 19.78
N GLY A 437 0.68 11.14 20.52
CA GLY A 437 1.62 10.05 20.19
C GLY A 437 2.62 10.36 19.13
N PRO A 438 3.46 9.38 18.76
CA PRO A 438 4.36 9.59 17.65
C PRO A 438 3.38 10.15 16.61
N ASP A 439 3.58 11.38 16.13
CA ASP A 439 2.60 12.03 15.22
C ASP A 439 2.47 11.25 13.91
N ASN A 440 3.31 10.25 13.68
CA ASN A 440 3.17 9.39 12.49
C ASN A 440 1.96 8.49 12.71
N PHE A 441 1.59 8.22 13.97
CA PHE A 441 0.45 7.32 14.30
C PHE A 441 -0.87 8.00 13.98
N PRO A 442 -1.91 7.26 13.56
CA PRO A 442 -3.24 7.86 13.32
C PRO A 442 -3.86 8.53 14.57
N PHE A 443 -4.42 9.73 14.41
CA PHE A 443 -5.09 10.44 15.53
C PHE A 443 -6.51 10.79 15.08
N LEU A 444 -7.49 10.16 15.69
CA LEU A 444 -8.89 10.32 15.24
C LEU A 444 -9.84 10.27 16.45
N GLY A 445 -10.97 10.95 16.37
CA GLY A 445 -12.04 10.85 17.37
C GLY A 445 -13.23 10.26 16.64
N VAL A 446 -14.10 9.49 17.29
CA VAL A 446 -15.17 8.77 16.54
C VAL A 446 -16.58 9.31 16.79
N LYS A 447 -16.87 9.90 17.94
CA LYS A 447 -18.30 10.26 18.19
C LYS A 447 -18.42 11.64 18.81
N GLY A 448 -18.70 12.68 18.06
CA GLY A 448 -18.81 13.98 18.74
C GLY A 448 -17.47 14.44 19.27
N SER A 449 -16.43 13.66 19.01
CA SER A 449 -15.06 14.08 19.39
C SER A 449 -14.32 14.46 18.11
N GLY A 450 -14.97 14.41 16.95
CA GLY A 450 -14.27 14.91 15.80
C GLY A 450 -14.75 14.25 14.54
N ALA A 451 -14.16 14.70 13.43
CA ALA A 451 -14.47 14.19 12.11
C ALA A 451 -13.21 14.25 11.26
N GLY A 452 -12.76 13.09 10.77
CA GLY A 452 -11.53 13.01 10.01
C GLY A 452 -10.43 12.28 10.72
N VAL A 453 -9.38 11.91 10.00
CA VAL A 453 -8.23 11.22 10.57
C VAL A 453 -7.03 12.12 10.42
N GLN A 454 -6.35 12.39 11.54
CA GLN A 454 -5.13 13.16 11.56
C GLN A 454 -3.95 12.20 11.69
N GLY A 455 -2.79 12.72 12.03
CA GLY A 455 -1.58 11.95 11.86
C GLY A 455 -0.95 12.48 10.60
N ILE A 456 0.35 12.39 10.45
CA ILE A 456 1.00 13.21 9.43
C ILE A 456 0.65 12.72 8.03
N LYS A 457 0.70 11.40 7.80
CA LYS A 457 0.35 10.85 6.50
C LYS A 457 -1.13 11.04 6.21
N TYR A 458 -1.96 10.88 7.25
CA TYR A 458 -3.40 10.97 7.09
C TYR A 458 -3.84 12.42 6.87
N SER A 459 -3.19 13.36 7.54
CA SER A 459 -3.44 14.77 7.28
C SER A 459 -2.94 15.20 5.91
N ILE A 460 -1.89 14.60 5.39
CA ILE A 460 -1.44 14.92 4.05
C ILE A 460 -2.46 14.40 3.04
N GLU A 461 -2.94 13.17 3.25
CA GLU A 461 -3.94 12.62 2.34
C GLU A 461 -5.28 13.33 2.45
N ALA A 462 -5.59 13.95 3.58
CA ALA A 462 -6.87 14.62 3.76
C ALA A 462 -6.93 15.95 3.04
N MET A 463 -5.80 16.63 2.91
CA MET A 463 -5.76 17.96 2.33
C MET A 463 -5.77 17.94 0.82
N THR A 464 -6.05 16.80 0.21
CA THR A 464 -5.83 16.64 -1.23
C THR A 464 -7.02 15.94 -1.87
N ASN A 465 -7.12 16.11 -3.17
CA ASN A 465 -8.16 15.50 -4.00
C ASN A 465 -7.56 14.41 -4.87
N VAL A 466 -8.34 13.36 -5.11
CA VAL A 466 -7.96 12.29 -6.02
C VAL A 466 -8.18 12.78 -7.45
N LYS A 467 -7.28 12.39 -8.35
CA LYS A 467 -7.48 12.68 -9.76
C LYS A 467 -7.07 11.45 -10.58
N SER A 468 -7.97 11.04 -11.48
CA SER A 468 -7.71 9.92 -12.38
C SER A 468 -7.55 10.45 -13.79
N ILE A 469 -6.66 9.81 -14.55
CA ILE A 469 -6.40 10.13 -15.94
C ILE A 469 -6.56 8.88 -16.80
N VAL A 470 -7.65 8.15 -16.60
CA VAL A 470 -7.98 6.95 -17.36
C VAL A 470 -7.70 7.10 -18.86
N PHE A 471 -6.96 6.14 -19.44
CA PHE A 471 -6.70 6.13 -20.87
C PHE A 471 -6.55 4.67 -21.32
N ASP A 472 -6.32 4.49 -22.63
CA ASP A 472 -6.22 3.17 -23.26
C ASP A 472 -4.77 2.79 -23.47
N VAL A 473 -4.45 1.53 -23.24
CA VAL A 473 -3.09 1.04 -23.43
C VAL A 473 -2.92 0.19 -24.69
N LYS A 474 -3.94 -0.51 -25.16
CA LYS A 474 -3.83 -1.25 -26.41
C LYS A 474 -4.82 -0.67 -27.41
N MET B 1 -53.39 -4.37 -9.19
CA MET B 1 -53.19 -3.67 -7.93
C MET B 1 -52.12 -4.36 -7.08
N THR B 2 -50.91 -4.47 -7.62
CA THR B 2 -49.82 -5.09 -6.88
C THR B 2 -49.29 -4.17 -5.79
N ARG B 3 -49.13 -4.73 -4.60
CA ARG B 3 -48.74 -3.98 -3.42
C ARG B 3 -47.35 -4.45 -2.98
N TYR B 4 -46.42 -3.52 -2.85
CA TYR B 4 -45.06 -3.83 -2.42
C TYR B 4 -44.89 -3.43 -0.97
N GLN B 5 -43.93 -4.06 -0.30
CA GLN B 5 -43.72 -3.90 1.12
C GLN B 5 -42.28 -3.54 1.42
N ASN B 6 -42.06 -3.03 2.63
CA ASN B 6 -40.74 -2.66 3.10
C ASN B 6 -40.13 -3.78 3.92
N LEU B 7 -38.88 -4.10 3.63
CA LEU B 7 -38.10 -5.02 4.44
C LEU B 7 -37.61 -4.27 5.66
N VAL B 8 -38.16 -4.59 6.82
CA VAL B 8 -37.70 -4.03 8.09
C VAL B 8 -37.60 -5.17 9.10
N ASN B 9 -36.46 -5.27 9.76
CA ASN B 9 -36.20 -6.30 10.77
C ASN B 9 -36.48 -7.70 10.23
N GLY B 10 -36.12 -7.92 8.96
CA GLY B 10 -36.22 -9.24 8.37
C GLY B 10 -37.58 -9.63 7.88
N LYS B 11 -38.57 -8.76 8.03
CA LYS B 11 -39.94 -9.10 7.69
C LYS B 11 -40.55 -7.98 6.87
N TRP B 12 -41.65 -8.30 6.19
CA TRP B 12 -42.28 -7.36 5.28
C TRP B 12 -43.42 -6.64 5.98
N LYS B 13 -43.44 -5.32 5.84
CA LYS B 13 -44.47 -4.51 6.47
C LYS B 13 -44.97 -3.44 5.50
N SER B 14 -46.29 -3.28 5.49
CA SER B 14 -46.95 -2.23 4.75
C SER B 14 -47.46 -1.19 5.73
N SER B 15 -47.70 0.01 5.21
CA SER B 15 -48.14 1.13 6.04
C SER B 15 -49.61 1.41 5.73
N GLU B 16 -50.20 2.29 6.54
CA GLU B 16 -51.59 2.67 6.30
C GLU B 16 -51.73 3.36 4.96
N GLN B 17 -50.89 4.34 4.69
CA GLN B 17 -50.93 5.09 3.44
C GLN B 17 -49.99 4.44 2.42
N GLU B 18 -50.19 4.79 1.16
CA GLU B 18 -49.38 4.23 0.08
C GLU B 18 -49.08 5.31 -0.95
N ILE B 19 -48.08 5.01 -1.78
CA ILE B 19 -47.71 5.83 -2.92
C ILE B 19 -47.89 4.99 -4.18
N THR B 20 -48.64 5.51 -5.15
CA THR B 20 -48.88 4.80 -6.39
C THR B 20 -47.81 5.21 -7.41
N ILE B 21 -47.28 4.23 -8.12
CA ILE B 21 -46.18 4.44 -9.06
C ILE B 21 -46.74 4.32 -10.47
N TYR B 22 -46.45 5.31 -11.31
CA TYR B 22 -46.93 5.32 -12.68
C TYR B 22 -45.75 5.25 -13.65
N SER B 23 -45.95 4.50 -14.71
CA SER B 23 -44.93 4.34 -15.73
C SER B 23 -44.68 5.69 -16.42
N PRO B 24 -43.41 6.09 -16.62
CA PRO B 24 -43.16 7.37 -17.30
C PRO B 24 -43.48 7.35 -18.78
N ILE B 25 -43.85 6.20 -19.35
CA ILE B 25 -44.08 6.12 -20.78
C ILE B 25 -45.56 5.98 -21.10
N ASN B 26 -46.29 5.21 -20.29
CA ASN B 26 -47.72 4.99 -20.49
C ASN B 26 -48.57 5.69 -19.44
N GLN B 27 -47.97 6.17 -18.36
CA GLN B 27 -48.68 6.67 -17.19
C GLN B 27 -49.61 5.63 -16.59
N GLU B 28 -49.29 4.35 -16.75
CA GLU B 28 -50.18 3.30 -16.27
C GLU B 28 -49.74 2.80 -14.90
N GLU B 29 -50.71 2.51 -14.06
CA GLU B 29 -50.52 2.14 -12.66
C GLU B 29 -49.56 0.95 -12.59
N LEU B 30 -48.43 1.15 -11.90
CA LEU B 30 -47.38 0.14 -11.90
C LEU B 30 -47.37 -0.65 -10.60
N GLY B 31 -48.05 -0.17 -9.59
CA GLY B 31 -48.04 -0.76 -8.27
C GLY B 31 -48.04 0.33 -7.22
N THR B 32 -47.99 -0.07 -5.96
CA THR B 32 -47.94 0.88 -4.86
C THR B 32 -46.87 0.47 -3.87
N VAL B 33 -46.25 1.46 -3.24
CA VAL B 33 -45.25 1.22 -2.20
C VAL B 33 -45.74 1.89 -0.91
N PRO B 34 -45.37 1.39 0.26
CA PRO B 34 -45.83 2.01 1.50
C PRO B 34 -45.32 3.44 1.64
N ALA B 35 -46.16 4.28 2.22
CA ALA B 35 -45.78 5.64 2.59
C ALA B 35 -45.55 5.64 4.08
N MET B 36 -44.33 5.32 4.49
CA MET B 36 -43.98 5.15 5.89
C MET B 36 -44.11 6.47 6.64
N THR B 37 -44.37 6.36 7.93
CA THR B 37 -44.46 7.50 8.81
C THR B 37 -43.22 7.51 9.71
N GLN B 38 -43.05 8.60 10.46
CA GLN B 38 -41.80 8.82 11.18
C GLN B 38 -41.54 7.74 12.24
N THR B 39 -42.58 7.30 12.94
CA THR B 39 -42.37 6.25 13.93
C THR B 39 -41.95 4.93 13.29
N GLU B 40 -42.44 4.65 12.07
CA GLU B 40 -41.98 3.47 11.35
C GLU B 40 -40.50 3.59 10.98
N ALA B 41 -40.07 4.79 10.59
CA ALA B 41 -38.66 5.01 10.32
C ALA B 41 -37.83 4.80 11.58
N ASP B 42 -38.33 5.26 12.73
CA ASP B 42 -37.63 5.02 13.98
C ASP B 42 -37.51 3.54 14.27
N GLU B 43 -38.56 2.78 14.01
CA GLU B 43 -38.52 1.34 14.25
C GLU B 43 -37.50 0.67 13.33
N ALA B 44 -37.41 1.13 12.09
CA ALA B 44 -36.38 0.58 11.19
C ALA B 44 -34.97 0.89 11.69
N MET B 45 -34.75 2.12 12.15
CA MET B 45 -33.46 2.46 12.77
C MET B 45 -33.16 1.58 13.97
N GLN B 46 -34.17 1.32 14.81
CA GLN B 46 -33.94 0.53 16.01
C GLN B 46 -33.63 -0.93 15.67
N ALA B 47 -34.31 -1.47 14.67
CA ALA B 47 -34.01 -2.81 14.18
C ALA B 47 -32.57 -2.87 13.68
N ALA B 48 -32.14 -1.85 12.93
CA ALA B 48 -30.77 -1.82 12.43
C ALA B 48 -29.77 -1.74 13.57
N ARG B 49 -30.03 -0.91 14.57
CA ARG B 49 -29.09 -0.77 15.68
C ARG B 49 -29.00 -2.07 16.47
N ALA B 50 -30.09 -2.81 16.58
CA ALA B 50 -30.05 -4.09 17.28
C ALA B 50 -29.36 -5.17 16.46
N ALA B 51 -29.44 -5.10 15.13
CA ALA B 51 -28.78 -6.09 14.29
C ALA B 51 -27.30 -5.81 14.05
N LEU B 52 -26.83 -4.60 14.32
CA LEU B 52 -25.43 -4.27 14.06
C LEU B 52 -24.42 -5.16 14.79
N PRO B 53 -24.57 -5.47 16.08
CA PRO B 53 -23.51 -6.24 16.76
C PRO B 53 -23.25 -7.61 16.17
N ALA B 54 -24.27 -8.44 15.99
CA ALA B 54 -24.05 -9.79 15.51
C ALA B 54 -23.57 -9.81 14.07
N TRP B 55 -23.92 -8.77 13.30
CA TRP B 55 -23.41 -8.66 11.94
C TRP B 55 -21.94 -8.31 11.94
N ARG B 56 -21.55 -7.35 12.77
CA ARG B 56 -20.14 -7.01 12.98
C ARG B 56 -19.32 -8.18 13.49
N ALA B 57 -19.95 -9.08 14.26
CA ALA B 57 -19.25 -10.18 14.91
C ALA B 57 -19.15 -11.42 14.04
N LEU B 58 -19.44 -11.31 12.75
CA LEU B 58 -19.22 -12.40 11.81
C LEU B 58 -17.84 -12.25 11.19
N SER B 59 -17.48 -13.21 10.36
CA SER B 59 -16.27 -13.14 9.56
C SER B 59 -16.59 -12.46 8.24
N ALA B 60 -15.58 -11.83 7.64
CA ALA B 60 -15.76 -11.25 6.33
C ALA B 60 -16.18 -12.30 5.31
N ILE B 61 -15.72 -13.54 5.50
CA ILE B 61 -16.03 -14.62 4.56
C ILE B 61 -17.52 -14.94 4.61
N GLU B 62 -18.14 -14.84 5.79
CA GLU B 62 -19.57 -15.16 5.93
C GLU B 62 -20.47 -14.07 5.36
N ARG B 63 -20.18 -12.81 5.68
CA ARG B 63 -20.90 -11.71 5.04
C ARG B 63 -20.74 -11.76 3.53
N ALA B 64 -19.55 -12.12 3.06
CA ALA B 64 -19.33 -12.27 1.63
C ALA B 64 -20.16 -13.39 1.06
N ALA B 65 -20.34 -14.49 1.81
CA ALA B 65 -21.21 -15.56 1.36
C ALA B 65 -22.64 -15.06 1.17
N TYR B 66 -23.11 -14.24 2.10
CA TYR B 66 -24.42 -13.63 1.93
C TYR B 66 -24.49 -12.77 0.67
N LEU B 67 -23.47 -11.95 0.45
CA LEU B 67 -23.46 -11.07 -0.71
C LEU B 67 -23.44 -11.85 -2.02
N HIS B 68 -22.67 -12.93 -2.07
CA HIS B 68 -22.62 -13.81 -3.23
C HIS B 68 -23.96 -14.47 -3.51
N LYS B 69 -24.65 -14.93 -2.47
CA LYS B 69 -25.99 -15.49 -2.67
C LYS B 69 -26.94 -14.44 -3.24
N THR B 70 -26.87 -13.21 -2.73
CA THR B 70 -27.71 -12.14 -3.26
C THR B 70 -27.42 -11.88 -4.73
N ALA B 71 -26.13 -11.85 -5.10
CA ALA B 71 -25.77 -11.62 -6.50
C ALA B 71 -26.26 -12.73 -7.41
N ALA B 72 -26.18 -13.98 -6.95
CA ALA B 72 -26.73 -15.08 -7.73
C ALA B 72 -28.24 -14.96 -7.91
N ILE B 73 -28.95 -14.57 -6.86
CA ILE B 73 -30.40 -14.39 -6.99
C ILE B 73 -30.73 -13.24 -7.93
N LEU B 74 -29.94 -12.16 -7.89
CA LEU B 74 -30.15 -11.06 -8.83
C LEU B 74 -29.96 -11.52 -10.27
N GLU B 75 -28.88 -12.24 -10.54
CA GLU B 75 -28.64 -12.70 -11.89
C GLU B 75 -29.63 -13.77 -12.33
N ARG B 76 -30.30 -14.43 -11.39
CA ARG B 76 -31.37 -15.38 -11.70
C ARG B 76 -32.64 -14.69 -12.19
N ASP B 77 -32.91 -13.48 -11.69
CA ASP B 77 -34.11 -12.73 -12.02
C ASP B 77 -33.84 -11.55 -12.93
N LYS B 78 -32.95 -11.70 -13.92
CA LYS B 78 -32.60 -10.59 -14.79
C LYS B 78 -33.82 -9.95 -15.44
N GLU B 79 -34.67 -10.77 -16.08
CA GLU B 79 -35.79 -10.22 -16.84
C GLU B 79 -36.92 -9.77 -15.93
N LYS B 80 -37.17 -10.49 -14.85
CA LYS B 80 -38.23 -10.08 -13.93
C LYS B 80 -37.91 -8.72 -13.30
N ILE B 81 -36.67 -8.51 -12.88
CA ILE B 81 -36.27 -7.20 -12.36
C ILE B 81 -36.20 -6.17 -13.47
N GLY B 82 -35.62 -6.55 -14.61
CA GLY B 82 -35.34 -5.60 -15.68
C GLY B 82 -36.58 -5.04 -16.35
N THR B 83 -37.61 -5.88 -16.56
CA THR B 83 -38.85 -5.40 -17.16
C THR B 83 -39.49 -4.33 -16.30
N ILE B 84 -39.58 -4.57 -14.99
CA ILE B 84 -40.14 -3.59 -14.08
C ILE B 84 -39.28 -2.34 -13.99
N LEU B 85 -37.96 -2.48 -13.97
CA LEU B 85 -37.09 -1.32 -13.95
C LEU B 85 -37.28 -0.47 -15.21
N ALA B 86 -37.36 -1.12 -16.37
CA ALA B 86 -37.57 -0.40 -17.62
C ALA B 86 -38.93 0.28 -17.64
N LYS B 87 -39.96 -0.39 -17.13
CA LYS B 87 -41.27 0.23 -17.06
C LYS B 87 -41.27 1.43 -16.14
N GLU B 88 -40.48 1.38 -15.08
CA GLU B 88 -40.54 2.38 -14.01
C GLU B 88 -39.67 3.60 -14.23
N VAL B 89 -38.53 3.48 -14.92
CA VAL B 89 -37.73 4.66 -15.15
C VAL B 89 -37.46 4.85 -16.63
N ALA B 90 -38.20 4.11 -17.46
CA ALA B 90 -38.15 4.24 -18.92
C ALA B 90 -36.78 3.96 -19.50
N LYS B 91 -36.05 3.01 -18.94
CA LYS B 91 -34.83 2.47 -19.55
C LYS B 91 -35.23 1.54 -20.68
N GLY B 92 -34.34 1.31 -21.64
CA GLY B 92 -34.53 0.24 -22.60
C GLY B 92 -34.44 -1.11 -21.90
N ILE B 93 -35.04 -2.12 -22.52
CA ILE B 93 -35.02 -3.45 -21.94
C ILE B 93 -33.59 -3.96 -21.85
N LYS B 94 -32.84 -3.86 -22.93
CA LYS B 94 -31.46 -4.30 -22.89
C LYS B 94 -30.67 -3.51 -21.86
N ALA B 95 -30.93 -2.21 -21.76
CA ALA B 95 -30.28 -1.39 -20.76
C ALA B 95 -30.63 -1.82 -19.34
N ALA B 96 -31.90 -2.15 -19.10
CA ALA B 96 -32.31 -2.54 -17.75
C ALA B 96 -31.73 -3.90 -17.36
N ILE B 97 -31.76 -4.86 -18.28
CA ILE B 97 -31.16 -6.16 -18.01
C ILE B 97 -29.66 -6.01 -17.77
N GLY B 98 -29.00 -5.19 -18.59
CA GLY B 98 -27.59 -4.94 -18.38
C GLY B 98 -27.33 -4.29 -17.04
N GLU B 99 -28.23 -3.42 -16.60
CA GLU B 99 -28.06 -2.80 -15.28
C GLU B 99 -28.12 -3.84 -14.18
N VAL B 100 -29.09 -4.76 -14.25
CA VAL B 100 -29.17 -5.79 -13.22
C VAL B 100 -27.94 -6.69 -13.23
N VAL B 101 -27.45 -7.07 -14.42
CA VAL B 101 -26.23 -7.87 -14.50
C VAL B 101 -25.03 -7.12 -13.96
N ARG B 102 -24.91 -5.83 -14.25
CA ARG B 102 -23.82 -5.04 -13.71
C ARG B 102 -23.89 -4.95 -12.19
N THR B 103 -25.10 -4.87 -11.62
CA THR B 103 -25.18 -4.83 -10.16
C THR B 103 -24.77 -6.17 -9.56
N ALA B 104 -25.16 -7.27 -10.20
CA ALA B 104 -24.69 -8.57 -9.74
C ALA B 104 -23.17 -8.63 -9.71
N ASP B 105 -22.54 -8.17 -10.79
CA ASP B 105 -21.09 -8.18 -10.85
C ASP B 105 -20.46 -7.24 -9.83
N LEU B 106 -21.08 -6.08 -9.59
CA LEU B 106 -20.59 -5.13 -8.61
C LEU B 106 -20.66 -5.72 -7.21
N ILE B 107 -21.74 -6.43 -6.90
CA ILE B 107 -21.88 -7.05 -5.60
C ILE B 107 -20.83 -8.13 -5.40
N ARG B 108 -20.56 -8.92 -6.43
CA ARG B 108 -19.50 -9.93 -6.34
C ARG B 108 -18.13 -9.29 -6.11
N TYR B 109 -17.80 -8.28 -6.90
CA TYR B 109 -16.53 -7.58 -6.72
C TYR B 109 -16.40 -6.94 -5.36
N ALA B 110 -17.46 -6.30 -4.87
CA ALA B 110 -17.42 -5.67 -3.56
C ALA B 110 -17.28 -6.70 -2.46
N ALA B 111 -17.95 -7.85 -2.60
CA ALA B 111 -17.77 -8.92 -1.64
C ALA B 111 -16.33 -9.38 -1.60
N GLU B 112 -15.71 -9.60 -2.75
CA GLU B 112 -14.36 -10.15 -2.74
C GLU B 112 -13.31 -9.08 -2.41
N GLU B 113 -13.67 -7.82 -2.51
CA GLU B 113 -12.82 -6.72 -2.10
C GLU B 113 -12.91 -6.41 -0.61
N GLY B 114 -14.04 -6.71 0.02
CA GLY B 114 -14.14 -6.51 1.45
C GLY B 114 -13.43 -7.55 2.28
N LEU B 115 -12.99 -8.66 1.68
CA LEU B 115 -12.20 -9.67 2.37
C LEU B 115 -10.73 -9.34 2.48
N ARG B 116 -10.23 -8.36 1.75
CA ARG B 116 -8.80 -8.17 1.61
C ARG B 116 -8.37 -6.82 2.15
N ILE B 117 -9.15 -6.28 3.07
CA ILE B 117 -8.85 -4.99 3.69
C ILE B 117 -7.83 -5.24 4.77
N THR B 118 -6.59 -4.82 4.52
CA THR B 118 -5.51 -5.05 5.45
C THR B 118 -5.15 -3.76 6.18
N GLY B 119 -4.86 -3.88 7.47
CA GLY B 119 -4.41 -2.75 8.25
C GLY B 119 -2.91 -2.66 8.22
N GLN B 120 -2.31 -1.66 8.86
CA GLN B 120 -0.87 -1.60 8.93
C GLN B 120 -0.42 -1.64 10.38
N ALA B 121 0.81 -2.09 10.61
CA ALA B 121 1.44 -2.12 11.92
C ALA B 121 2.54 -1.06 11.90
N MET B 122 2.34 -0.01 12.67
CA MET B 122 3.19 1.16 12.58
C MET B 122 4.10 1.24 13.80
N GLU B 123 5.35 1.59 13.56
CA GLU B 123 6.34 1.75 14.63
C GLU B 123 6.59 3.22 14.87
N GLY B 124 7.04 3.54 16.07
CA GLY B 124 7.26 4.93 16.41
C GLY B 124 8.70 5.38 16.29
N GLY B 125 9.61 4.43 16.04
CA GLY B 125 11.03 4.74 16.09
C GLY B 125 11.50 5.56 14.91
N GLY B 126 10.76 5.54 13.81
CA GLY B 126 11.07 6.43 12.71
C GLY B 126 10.83 7.88 13.04
N PHE B 127 9.79 8.16 13.84
CA PHE B 127 9.45 9.54 14.18
C PHE B 127 10.33 10.07 15.29
N GLU B 128 10.53 9.30 16.35
CA GLU B 128 11.37 9.72 17.46
C GLU B 128 11.90 8.48 18.17
N ALA B 129 13.04 8.64 18.83
CA ALA B 129 13.70 7.53 19.50
C ALA B 129 13.12 7.21 20.86
N ALA B 130 12.26 8.08 21.41
CA ALA B 130 11.58 7.80 22.66
C ALA B 130 10.39 6.89 22.49
N SER B 131 9.97 6.62 21.25
CA SER B 131 8.78 5.84 20.97
C SER B 131 9.11 4.61 20.13
N LYS B 132 10.38 4.23 20.11
CA LYS B 132 10.85 3.10 19.32
C LYS B 132 10.18 1.78 19.69
N ASN B 133 9.85 1.56 20.96
CA ASN B 133 9.30 0.29 21.41
C ASN B 133 7.78 0.29 21.41
N LYS B 134 7.15 1.10 20.56
CA LYS B 134 5.73 1.36 20.65
C LYS B 134 5.13 1.09 19.28
N LEU B 135 4.21 0.13 19.24
CA LEU B 135 3.65 -0.32 17.98
C LEU B 135 2.14 -0.10 17.94
N ALA B 136 1.67 0.44 16.82
CA ALA B 136 0.26 0.72 16.61
C ALA B 136 -0.28 -0.25 15.57
N VAL B 137 -1.22 -1.08 15.99
CA VAL B 137 -1.96 -1.95 15.05
C VAL B 137 -3.19 -1.15 14.64
N VAL B 138 -3.09 -0.49 13.49
CA VAL B 138 -4.19 0.34 13.01
C VAL B 138 -5.02 -0.40 11.95
N ARG B 139 -6.18 -0.88 12.39
CA ARG B 139 -7.13 -1.60 11.57
C ARG B 139 -8.33 -0.71 11.28
N ARG B 140 -9.39 -1.27 10.69
CA ARG B 140 -10.56 -0.42 10.30
C ARG B 140 -11.85 -1.07 10.76
N GLU B 141 -12.70 -0.32 11.45
CA GLU B 141 -13.97 -0.88 12.01
C GLU B 141 -15.16 -0.22 11.33
N PRO B 142 -16.32 -0.89 11.27
CA PRO B 142 -17.52 -0.30 10.69
C PRO B 142 -17.97 1.03 11.35
N VAL B 143 -18.52 1.97 10.58
CA VAL B 143 -19.05 3.26 11.15
C VAL B 143 -20.36 2.98 11.88
N GLY B 144 -21.15 2.01 11.41
CA GLY B 144 -22.39 1.62 12.10
C GLY B 144 -23.57 1.47 11.16
N ILE B 145 -24.55 2.35 11.27
CA ILE B 145 -25.75 2.33 10.39
C ILE B 145 -25.54 3.29 9.24
N VAL B 146 -25.45 2.78 8.01
CA VAL B 146 -25.29 3.64 6.81
C VAL B 146 -26.65 3.80 6.14
N LEU B 147 -27.05 5.03 5.86
CA LEU B 147 -28.30 5.30 5.13
C LEU B 147 -27.93 5.56 3.69
N ALA B 148 -28.44 4.75 2.77
CA ALA B 148 -28.16 4.96 1.34
C ALA B 148 -29.36 5.60 0.66
N ILE B 149 -29.18 6.76 0.04
CA ILE B 149 -30.26 7.41 -0.74
C ILE B 149 -29.88 7.23 -2.21
N ALA B 150 -30.65 6.44 -2.96
CA ALA B 150 -30.30 6.10 -4.35
C ALA B 150 -30.92 7.06 -5.36
N PRO B 151 -30.34 7.20 -6.57
CA PRO B 151 -30.90 8.04 -7.61
C PRO B 151 -31.94 7.26 -8.44
N PHE B 152 -32.66 7.93 -9.34
CA PHE B 152 -33.64 7.24 -10.21
C PHE B 152 -32.91 6.73 -11.45
N ASN B 153 -31.84 7.40 -11.84
CA ASN B 153 -31.17 7.04 -13.11
C ASN B 153 -30.78 5.58 -13.01
N TYR B 154 -30.08 5.19 -11.93
CA TYR B 154 -29.69 3.79 -11.69
C TYR B 154 -30.18 3.44 -10.31
N PRO B 155 -31.43 2.94 -10.17
CA PRO B 155 -32.01 2.67 -8.85
C PRO B 155 -31.60 1.29 -8.30
N VAL B 156 -30.87 0.50 -9.08
CA VAL B 156 -30.41 -0.85 -8.65
C VAL B 156 -28.89 -0.79 -8.57
N ASN B 157 -28.25 -0.13 -9.53
CA ASN B 157 -26.77 -0.10 -9.59
C ASN B 157 -26.20 0.92 -8.62
N LEU B 158 -26.83 2.10 -8.52
CA LEU B 158 -26.27 3.17 -7.65
C LEU B 158 -26.90 3.01 -6.27
N SER B 159 -27.57 1.89 -6.04
CA SER B 159 -28.08 1.58 -4.68
C SER B 159 -27.21 0.45 -4.16
N ALA B 160 -26.87 -0.52 -5.00
CA ALA B 160 -25.98 -1.63 -4.62
C ALA B 160 -24.53 -1.16 -4.61
N SER B 161 -24.24 0.01 -5.15
CA SER B 161 -22.88 0.59 -5.10
C SER B 161 -22.68 1.25 -3.75
N LYS B 162 -23.72 1.23 -2.91
CA LYS B 162 -23.68 1.86 -1.56
C LYS B 162 -23.91 0.77 -0.51
N ILE B 163 -24.86 -0.13 -0.76
CA ILE B 163 -25.21 -1.24 0.19
C ILE B 163 -24.09 -2.26 0.27
N ALA B 164 -23.66 -2.82 -0.86
CA ALA B 164 -22.67 -3.91 -0.85
C ALA B 164 -21.32 -3.45 -0.28
N PRO B 165 -20.75 -2.30 -0.69
CA PRO B 165 -19.51 -1.83 -0.07
C PRO B 165 -19.64 -1.56 1.44
N ALA B 166 -20.85 -1.46 1.99
CA ALA B 166 -21.07 -1.19 3.42
C ALA B 166 -21.31 -2.47 4.19
N LEU B 167 -22.11 -3.37 3.65
CA LEU B 167 -22.44 -4.65 4.33
C LEU B 167 -21.18 -5.49 4.52
N ILE B 168 -20.22 -5.40 3.62
CA ILE B 168 -18.96 -6.20 3.71
C ILE B 168 -18.07 -5.64 4.83
N ALA B 169 -18.14 -4.33 5.07
CA ALA B 169 -17.31 -3.69 6.11
C ALA B 169 -17.82 -4.06 7.51
N GLY B 170 -19.07 -4.50 7.63
CA GLY B 170 -19.68 -4.82 8.93
C GLY B 170 -20.76 -3.83 9.24
N ASN B 171 -21.01 -2.89 8.33
CA ASN B 171 -21.99 -1.81 8.54
C ASN B 171 -23.39 -2.32 8.23
N VAL B 172 -24.40 -1.86 8.97
CA VAL B 172 -25.81 -2.22 8.70
C VAL B 172 -26.34 -1.17 7.73
N VAL B 173 -27.31 -1.48 6.87
CA VAL B 173 -27.72 -0.50 5.83
C VAL B 173 -29.21 -0.20 5.90
N MET B 174 -29.58 1.08 5.78
CA MET B 174 -30.99 1.48 5.69
C MET B 174 -31.12 2.04 4.28
N LEU B 175 -31.98 1.48 3.44
CA LEU B 175 -32.03 1.96 2.04
C LEU B 175 -33.21 2.89 1.87
N LYS B 176 -33.01 4.04 1.23
CA LYS B 176 -34.13 4.94 0.90
C LYS B 176 -34.24 4.90 -0.62
N PRO B 177 -35.02 3.98 -1.20
CA PRO B 177 -35.11 3.86 -2.65
C PRO B 177 -35.69 5.17 -3.21
N PRO B 178 -35.40 5.57 -4.47
CA PRO B 178 -35.87 6.86 -4.98
C PRO B 178 -37.40 6.86 -5.06
N THR B 179 -38.03 8.02 -5.31
CA THR B 179 -39.51 8.04 -5.50
C THR B 179 -39.88 7.29 -6.78
N GLN B 180 -39.28 7.64 -7.91
CA GLN B 180 -39.48 6.86 -9.16
C GLN B 180 -38.35 5.84 -9.21
N GLY B 181 -38.65 4.56 -8.94
CA GLY B 181 -37.60 3.54 -8.86
C GLY B 181 -37.67 2.84 -7.52
N SER B 182 -38.67 3.19 -6.72
CA SER B 182 -38.84 2.58 -5.39
C SER B 182 -39.20 1.10 -5.54
N ILE B 183 -39.93 0.75 -6.59
CA ILE B 183 -40.25 -0.68 -6.83
C ILE B 183 -38.93 -1.43 -7.03
N SER B 184 -37.97 -0.82 -7.72
CA SER B 184 -36.66 -1.47 -8.00
C SER B 184 -35.86 -1.69 -6.72
N GLY B 185 -35.85 -0.73 -5.80
CA GLY B 185 -35.13 -0.86 -4.52
C GLY B 185 -35.73 -1.95 -3.66
N LEU B 186 -37.04 -2.16 -3.75
CA LEU B 186 -37.72 -3.22 -2.96
C LEU B 186 -37.53 -4.57 -3.66
N LEU B 187 -37.27 -4.57 -4.97
CA LEU B 187 -36.96 -5.83 -5.69
C LEU B 187 -35.50 -6.22 -5.38
N LEU B 188 -34.62 -5.25 -5.15
CA LEU B 188 -33.24 -5.55 -4.71
C LEU B 188 -33.30 -6.08 -3.27
N ALA B 189 -34.19 -5.50 -2.45
CA ALA B 189 -34.33 -5.96 -1.05
C ALA B 189 -34.81 -7.40 -1.02
N LYS B 190 -35.61 -7.81 -2.01
CA LYS B 190 -36.16 -9.18 -2.03
C LYS B 190 -35.01 -10.16 -2.22
N ALA B 191 -34.03 -9.81 -3.05
CA ALA B 191 -32.86 -10.68 -3.31
C ALA B 191 -32.04 -10.83 -2.03
N PHE B 192 -31.86 -9.74 -1.28
CA PHE B 192 -31.10 -9.77 -0.01
C PHE B 192 -31.81 -10.66 1.03
N GLU B 193 -33.13 -10.61 1.09
CA GLU B 193 -33.90 -11.41 2.08
C GLU B 193 -33.94 -12.88 1.65
N GLU B 194 -34.07 -13.16 0.35
CA GLU B 194 -34.04 -14.56 -0.13
C GLU B 194 -32.65 -15.14 0.11
N ALA B 195 -31.59 -14.32 -0.02
CA ALA B 195 -30.22 -14.78 0.27
C ALA B 195 -30.14 -15.21 1.73
N GLY B 196 -30.88 -14.56 2.61
CA GLY B 196 -30.92 -14.98 4.01
C GLY B 196 -30.17 -14.04 4.92
N ILE B 197 -29.88 -12.83 4.45
CA ILE B 197 -29.05 -11.88 5.25
C ILE B 197 -29.75 -11.74 6.60
N PRO B 198 -29.01 -11.76 7.73
CA PRO B 198 -29.62 -11.68 9.04
C PRO B 198 -30.65 -10.55 9.15
N ALA B 199 -31.54 -10.62 10.13
CA ALA B 199 -32.63 -9.63 10.26
C ALA B 199 -32.12 -8.33 10.86
N GLY B 200 -32.38 -7.20 10.20
CA GLY B 200 -31.94 -5.87 10.68
C GLY B 200 -30.72 -5.37 9.94
N VAL B 201 -30.02 -6.26 9.25
CA VAL B 201 -28.76 -5.89 8.53
C VAL B 201 -29.12 -5.06 7.28
N PHE B 202 -30.19 -5.40 6.59
CA PHE B 202 -30.65 -4.58 5.42
C PHE B 202 -32.13 -4.26 5.60
N ASN B 203 -32.48 -2.99 5.68
CA ASN B 203 -33.89 -2.55 5.87
C ASN B 203 -34.19 -1.48 4.84
N THR B 204 -35.46 -1.34 4.42
CA THR B 204 -35.84 -0.36 3.37
C THR B 204 -36.84 0.66 3.93
N ILE B 205 -36.78 1.90 3.45
CA ILE B 205 -37.73 2.96 3.92
C ILE B 205 -38.28 3.71 2.71
N THR B 206 -39.52 3.43 2.32
CA THR B 206 -40.18 4.16 1.21
C THR B 206 -41.22 5.09 1.84
N GLY B 207 -41.18 6.37 1.51
CA GLY B 207 -42.17 7.33 2.05
C GLY B 207 -42.25 8.59 1.22
N ARG B 208 -42.76 9.68 1.81
CA ARG B 208 -42.82 10.98 1.11
C ARG B 208 -41.69 11.86 1.65
N GLY B 209 -41.02 12.63 0.80
CA GLY B 209 -39.85 13.42 1.23
C GLY B 209 -40.24 14.45 2.27
N SER B 210 -41.53 14.76 2.37
CA SER B 210 -42.02 15.74 3.38
C SER B 210 -42.21 15.06 4.74
N GLU B 211 -42.65 13.81 4.76
CA GLU B 211 -42.95 13.12 6.04
C GLU B 211 -41.67 12.51 6.63
N ILE B 212 -40.91 11.76 5.84
CA ILE B 212 -39.70 11.06 6.36
C ILE B 212 -38.55 11.23 5.35
N GLY B 213 -37.99 12.43 5.24
CA GLY B 213 -36.93 12.70 4.26
C GLY B 213 -35.75 13.39 4.90
N ASP B 214 -36.01 14.39 5.74
CA ASP B 214 -34.92 15.06 6.50
C ASP B 214 -34.90 14.40 7.88
N TYR B 215 -35.99 13.72 8.24
CA TYR B 215 -36.08 13.03 9.53
C TYR B 215 -35.07 11.88 9.55
N ILE B 216 -34.98 11.15 8.44
CA ILE B 216 -34.06 9.97 8.34
C ILE B 216 -32.62 10.48 8.24
N ILE B 217 -32.42 11.63 7.63
CA ILE B 217 -31.04 12.16 7.42
C ILE B 217 -30.58 12.83 8.72
N GLU B 218 -31.52 13.26 9.55
CA GLU B 218 -31.17 13.99 10.79
C GLU B 218 -31.34 13.10 12.01
N HIS B 219 -31.56 11.80 11.79
CA HIS B 219 -31.72 10.83 12.91
C HIS B 219 -30.39 10.73 13.66
N LYS B 220 -30.42 10.20 14.87
CA LYS B 220 -29.19 10.10 15.70
C LYS B 220 -28.56 8.73 15.44
N GLU B 221 -29.37 7.77 15.02
CA GLU B 221 -28.86 6.39 14.77
C GLU B 221 -28.01 6.38 13.50
N VAL B 222 -28.32 7.24 12.53
CA VAL B 222 -27.57 7.24 11.24
C VAL B 222 -26.14 7.70 11.50
N ASN B 223 -25.16 6.99 10.95
CA ASN B 223 -23.73 7.29 11.24
C ASN B 223 -23.01 7.62 9.94
N PHE B 224 -23.68 7.45 8.80
CA PHE B 224 -23.09 7.73 7.49
C PHE B 224 -24.21 7.96 6.50
N ILE B 225 -24.13 9.06 5.76
CA ILE B 225 -25.10 9.39 4.73
C ILE B 225 -24.42 9.15 3.39
N ASN B 226 -25.00 8.29 2.56
CA ASN B 226 -24.49 8.01 1.23
C ASN B 226 -25.61 8.36 0.24
N PHE B 227 -25.45 9.49 -0.44
CA PHE B 227 -26.51 10.06 -1.23
C PHE B 227 -26.05 10.33 -2.66
N THR B 228 -26.92 9.99 -3.62
CA THR B 228 -26.71 10.33 -5.02
C THR B 228 -27.94 11.08 -5.51
N GLY B 229 -27.74 12.20 -6.17
CA GLY B 229 -28.85 13.01 -6.62
C GLY B 229 -28.37 14.31 -7.20
N SER B 230 -29.23 15.32 -7.10
CA SER B 230 -28.93 16.61 -7.69
C SER B 230 -28.27 17.53 -6.66
N THR B 231 -27.59 18.56 -7.17
CA THR B 231 -26.81 19.43 -6.32
C THR B 231 -27.62 20.17 -5.25
N PRO B 232 -28.83 20.67 -5.52
CA PRO B 232 -29.57 21.35 -4.43
C PRO B 232 -29.83 20.46 -3.23
N ILE B 233 -30.37 19.26 -3.43
CA ILE B 233 -30.62 18.36 -2.30
C ILE B 233 -29.30 17.96 -1.65
N GLY B 234 -28.25 17.81 -2.45
CA GLY B 234 -26.94 17.51 -1.90
C GLY B 234 -26.40 18.60 -1.00
N GLU B 235 -26.55 19.86 -1.42
CA GLU B 235 -26.17 20.99 -0.57
C GLU B 235 -26.97 20.95 0.73
N ARG B 236 -28.27 20.75 0.62
CA ARG B 236 -29.12 20.70 1.81
C ARG B 236 -28.64 19.65 2.80
N ILE B 237 -28.47 18.41 2.34
CA ILE B 237 -28.17 17.37 3.30
C ILE B 237 -26.70 17.38 3.72
N GLY B 238 -25.82 18.00 2.94
CA GLY B 238 -24.48 18.23 3.42
C GLY B 238 -24.46 19.19 4.60
N ARG B 239 -25.22 20.27 4.51
CA ARG B 239 -25.34 21.17 5.65
C ARG B 239 -26.13 20.51 6.78
N LEU B 240 -27.00 19.58 6.42
CA LEU B 240 -27.97 19.04 7.37
C LEU B 240 -27.37 17.90 8.18
N ALA B 241 -26.31 17.26 7.68
CA ALA B 241 -25.73 16.09 8.36
C ALA B 241 -24.98 16.48 9.62
N GLY B 242 -24.30 17.61 9.62
CA GLY B 242 -23.52 18.04 10.78
C GLY B 242 -22.06 17.60 10.66
N MET B 243 -21.54 16.94 11.69
CA MET B 243 -20.22 16.34 11.61
C MET B 243 -20.24 14.94 11.03
N ARG B 244 -21.40 14.32 10.89
CA ARG B 244 -21.43 12.93 10.50
C ARG B 244 -20.84 12.77 9.10
N PRO B 245 -20.17 11.65 8.82
CA PRO B 245 -19.59 11.46 7.49
C PRO B 245 -20.66 11.35 6.42
N ILE B 246 -20.38 11.96 5.29
CA ILE B 246 -21.28 11.95 4.16
C ILE B 246 -20.49 11.56 2.92
N MET B 247 -21.21 11.04 1.93
CA MET B 247 -20.62 10.86 0.62
C MET B 247 -21.69 11.33 -0.37
N LEU B 248 -21.43 12.45 -1.02
CA LEU B 248 -22.38 13.09 -1.92
C LEU B 248 -21.93 12.87 -3.35
N GLU B 249 -22.85 12.42 -4.18
CA GLU B 249 -22.59 12.16 -5.59
C GLU B 249 -23.60 12.99 -6.38
N LEU B 250 -23.24 14.25 -6.64
CA LEU B 250 -24.16 15.20 -7.22
C LEU B 250 -23.92 15.30 -8.73
N GLY B 251 -24.48 16.32 -9.34
CA GLY B 251 -24.51 16.41 -10.79
C GLY B 251 -23.17 16.78 -11.40
N GLY B 252 -23.17 16.84 -12.72
CA GLY B 252 -21.97 17.22 -13.45
C GLY B 252 -22.31 17.79 -14.80
N LYS B 253 -21.39 18.59 -15.32
CA LYS B 253 -21.46 19.18 -16.65
C LYS B 253 -20.29 18.76 -17.51
N ASP B 254 -20.01 17.46 -17.58
CA ASP B 254 -18.78 16.96 -18.18
C ASP B 254 -18.59 17.51 -19.59
N ALA B 255 -17.38 17.99 -19.85
CA ALA B 255 -17.02 18.61 -21.11
C ALA B 255 -16.17 17.66 -21.92
N ALA B 256 -16.38 17.68 -23.22
CA ALA B 256 -15.51 17.00 -24.18
C ALA B 256 -14.67 18.06 -24.87
N LEU B 257 -13.43 18.20 -24.45
CA LEU B 257 -12.49 19.11 -25.09
C LEU B 257 -11.90 18.44 -26.30
N VAL B 258 -12.18 18.99 -27.49
CA VAL B 258 -11.72 18.42 -28.75
C VAL B 258 -10.71 19.37 -29.35
N LEU B 259 -9.54 18.83 -29.71
CA LEU B 259 -8.43 19.63 -30.18
C LEU B 259 -8.21 19.39 -31.68
N GLU B 260 -7.33 20.19 -32.27
CA GLU B 260 -7.15 20.19 -33.71
C GLU B 260 -6.58 18.88 -34.24
N ASP B 261 -5.65 18.25 -33.53
CA ASP B 261 -5.10 16.98 -33.95
C ASP B 261 -5.89 15.79 -33.42
N ALA B 262 -7.15 15.98 -33.07
CA ALA B 262 -7.99 14.88 -32.61
C ALA B 262 -8.51 14.08 -33.79
N ASP B 263 -8.76 12.80 -33.55
CA ASP B 263 -9.45 11.94 -34.49
C ASP B 263 -10.94 12.20 -34.37
N LEU B 264 -11.48 12.99 -35.29
CA LEU B 264 -12.82 13.54 -35.16
C LEU B 264 -13.93 12.51 -35.35
N GLU B 265 -13.70 11.44 -36.09
CA GLU B 265 -14.74 10.42 -36.20
C GLU B 265 -14.86 9.64 -34.90
N HIS B 266 -13.74 9.23 -34.32
CA HIS B 266 -13.73 8.61 -33.01
C HIS B 266 -14.30 9.57 -31.97
N ALA B 267 -13.89 10.82 -32.03
CA ALA B 267 -14.39 11.81 -31.08
C ALA B 267 -15.89 11.97 -31.19
N ALA B 268 -16.41 12.01 -32.42
CA ALA B 268 -17.84 12.18 -32.63
C ALA B 268 -18.63 10.99 -32.10
N LYS B 269 -18.19 9.78 -32.42
CA LYS B 269 -18.90 8.60 -31.93
C LYS B 269 -18.88 8.53 -30.40
N GLN B 270 -17.71 8.76 -29.81
CA GLN B 270 -17.59 8.75 -28.35
C GLN B 270 -18.48 9.80 -27.72
N ILE B 271 -18.45 11.02 -28.26
CA ILE B 271 -19.21 12.13 -27.70
C ILE B 271 -20.70 11.84 -27.77
N VAL B 272 -21.18 11.34 -28.90
CA VAL B 272 -22.61 11.09 -29.03
C VAL B 272 -23.06 9.96 -28.10
N ALA B 273 -22.29 8.87 -28.05
CA ALA B 273 -22.65 7.78 -27.15
C ALA B 273 -22.71 8.25 -25.71
N GLY B 274 -21.66 8.93 -25.24
CA GLY B 274 -21.64 9.44 -23.88
C GLY B 274 -22.75 10.43 -23.60
N ALA B 275 -23.04 11.33 -24.55
CA ALA B 275 -23.98 12.40 -24.30
C ALA B 275 -25.42 11.94 -24.34
N PHE B 276 -25.75 10.96 -25.17
CA PHE B 276 -27.14 10.56 -25.34
C PHE B 276 -27.42 9.14 -24.88
N SER B 277 -26.54 8.53 -24.09
CA SER B 277 -26.92 7.30 -23.43
C SER B 277 -27.93 7.59 -22.33
N TYR B 278 -29.03 6.83 -22.33
CA TYR B 278 -30.17 7.05 -21.44
C TYR B 278 -30.73 8.46 -21.61
N SER B 279 -30.69 8.94 -22.85
CA SER B 279 -31.20 10.25 -23.26
C SER B 279 -30.67 11.38 -22.38
N GLY B 280 -29.39 11.34 -22.04
CA GLY B 280 -28.73 12.42 -21.34
C GLY B 280 -28.93 12.45 -19.83
N GLN B 281 -29.67 11.47 -19.31
CA GLN B 281 -30.05 11.49 -17.90
C GLN B 281 -29.02 10.82 -16.99
N ARG B 282 -27.76 10.77 -17.39
CA ARG B 282 -26.74 10.30 -16.48
C ARG B 282 -25.92 11.48 -15.97
N CYS B 283 -25.45 11.36 -14.72
CA CYS B 283 -24.57 12.38 -14.17
C CYS B 283 -23.22 12.39 -14.88
N THR B 284 -22.72 11.21 -15.23
CA THR B 284 -21.43 11.08 -15.90
C THR B 284 -21.68 10.94 -17.40
N ALA B 285 -22.09 12.04 -18.02
CA ALA B 285 -22.31 12.08 -19.45
C ALA B 285 -21.71 13.36 -19.97
N ILE B 286 -21.31 13.36 -21.22
CA ILE B 286 -20.82 14.57 -21.86
C ILE B 286 -21.97 15.55 -22.04
N LYS B 287 -21.89 16.68 -21.33
CA LYS B 287 -22.96 17.66 -21.35
C LYS B 287 -22.66 18.86 -22.21
N ARG B 288 -21.45 18.99 -22.73
CA ARG B 288 -21.06 20.11 -23.57
C ARG B 288 -19.82 19.71 -24.36
N VAL B 289 -19.68 20.25 -25.56
CA VAL B 289 -18.53 20.00 -26.41
C VAL B 289 -17.75 21.30 -26.55
N ILE B 290 -16.52 21.33 -26.03
CA ILE B 290 -15.63 22.47 -26.17
C ILE B 290 -14.69 22.13 -27.30
N VAL B 291 -15.06 22.49 -28.53
CA VAL B 291 -14.29 22.15 -29.72
C VAL B 291 -13.51 23.38 -30.15
N LEU B 292 -12.29 23.17 -30.61
CA LEU B 292 -11.43 24.26 -31.00
C LEU B 292 -11.85 24.76 -32.38
N GLU B 293 -11.59 26.05 -32.63
CA GLU B 293 -12.26 26.74 -33.74
C GLU B 293 -11.94 26.11 -35.10
N SER B 294 -10.72 25.58 -35.26
CA SER B 294 -10.29 25.11 -36.57
C SER B 294 -11.10 23.90 -37.03
N VAL B 295 -11.29 22.92 -36.15
CA VAL B 295 -11.94 21.67 -36.52
C VAL B 295 -13.42 21.64 -36.14
N ALA B 296 -13.96 22.79 -35.73
CA ALA B 296 -15.30 22.82 -35.17
C ALA B 296 -16.35 22.49 -36.22
N ASP B 297 -16.18 22.95 -37.45
CA ASP B 297 -17.17 22.70 -38.49
C ASP B 297 -17.22 21.23 -38.87
N LYS B 298 -16.06 20.61 -39.07
CA LYS B 298 -16.03 19.19 -39.38
C LYS B 298 -16.56 18.35 -38.23
N LEU B 299 -16.19 18.71 -36.99
CA LEU B 299 -16.73 17.99 -35.84
C LEU B 299 -18.23 18.15 -35.75
N ALA B 300 -18.74 19.34 -36.02
CA ALA B 300 -20.19 19.57 -35.97
C ALA B 300 -20.91 18.75 -37.02
N THR B 301 -20.34 18.64 -38.22
CA THR B 301 -20.95 17.79 -39.25
C THR B 301 -20.99 16.34 -38.80
N LEU B 302 -19.87 15.81 -38.31
CA LEU B 302 -19.86 14.42 -37.85
C LEU B 302 -20.82 14.18 -36.69
N LEU B 303 -20.85 15.11 -35.75
CA LEU B 303 -21.76 15.02 -34.61
C LEU B 303 -23.20 15.03 -35.08
N GLN B 304 -23.54 15.90 -36.05
CA GLN B 304 -24.89 15.93 -36.58
C GLN B 304 -25.25 14.61 -37.24
N GLU B 305 -24.33 14.06 -38.03
CA GLU B 305 -24.60 12.81 -38.71
C GLU B 305 -24.90 11.69 -37.73
N GLU B 306 -24.17 11.61 -36.62
CA GLU B 306 -24.34 10.49 -35.65
C GLU B 306 -25.53 10.72 -34.70
N VAL B 307 -25.86 11.98 -34.40
CA VAL B 307 -27.07 12.28 -33.57
C VAL B 307 -28.32 12.00 -34.39
N SER B 308 -28.19 11.89 -35.72
CA SER B 308 -29.37 11.68 -36.60
C SER B 308 -29.66 10.18 -36.77
N LYS B 309 -28.83 9.31 -36.18
CA LYS B 309 -29.03 7.84 -36.30
C LYS B 309 -29.61 7.29 -34.98
N LEU B 310 -29.88 8.16 -34.01
CA LEU B 310 -30.35 7.70 -32.68
C LEU B 310 -31.85 7.45 -32.74
N THR B 311 -32.30 6.28 -32.28
CA THR B 311 -33.73 5.90 -32.34
C THR B 311 -34.50 6.56 -31.20
N VAL B 312 -35.45 7.45 -31.52
CA VAL B 312 -36.28 8.12 -30.48
C VAL B 312 -37.63 7.41 -30.42
N GLY B 313 -37.88 6.66 -29.35
CA GLY B 313 -39.10 5.89 -29.21
C GLY B 313 -39.38 5.51 -27.79
N ASP B 314 -39.70 4.23 -27.60
CA ASP B 314 -40.09 3.70 -26.30
C ASP B 314 -39.03 2.73 -25.79
N PRO B 315 -39.02 2.47 -24.48
CA PRO B 315 -38.10 1.49 -23.91
C PRO B 315 -38.05 0.16 -24.62
N PHE B 316 -39.20 -0.47 -24.83
CA PHE B 316 -39.31 -1.87 -25.20
C PHE B 316 -38.80 -2.15 -26.61
N ASP B 317 -38.59 -1.12 -27.42
CA ASP B 317 -37.92 -1.25 -28.71
C ASP B 317 -36.43 -1.01 -28.59
N ASN B 318 -35.90 -0.85 -27.38
CA ASN B 318 -34.51 -0.56 -27.12
C ASN B 318 -34.06 0.69 -27.88
N ALA B 319 -34.91 1.70 -27.82
CA ALA B 319 -34.63 2.99 -28.42
C ALA B 319 -33.48 3.68 -27.68
N ASP B 320 -32.81 4.60 -28.36
CA ASP B 320 -31.71 5.33 -27.75
C ASP B 320 -32.23 6.44 -26.85
N ILE B 321 -33.18 7.25 -27.32
CA ILE B 321 -33.95 8.15 -26.46
C ILE B 321 -35.34 7.61 -26.21
N THR B 322 -35.63 7.44 -24.94
CA THR B 322 -36.91 7.09 -24.36
C THR B 322 -37.40 8.33 -23.63
N PRO B 323 -38.66 8.36 -23.20
CA PRO B 323 -39.17 9.57 -22.54
C PRO B 323 -38.38 9.92 -21.29
N VAL B 324 -38.24 11.21 -21.03
CA VAL B 324 -37.64 11.63 -19.77
C VAL B 324 -38.54 11.23 -18.61
N ILE B 325 -37.98 11.32 -17.40
CA ILE B 325 -38.57 10.60 -16.27
C ILE B 325 -39.93 11.18 -15.89
N ASP B 326 -40.11 12.48 -16.01
CA ASP B 326 -41.38 13.09 -15.63
C ASP B 326 -41.57 14.37 -16.45
N ASN B 327 -42.71 15.01 -16.25
CA ASN B 327 -43.05 16.19 -17.03
C ASN B 327 -42.30 17.43 -16.57
N ALA B 328 -41.97 17.54 -15.29
CA ALA B 328 -41.23 18.70 -14.81
C ALA B 328 -39.85 18.78 -15.45
N SER B 329 -39.18 17.65 -15.57
CA SER B 329 -37.88 17.61 -16.22
C SER B 329 -37.98 17.94 -17.70
N ALA B 330 -39.01 17.44 -18.39
CA ALA B 330 -39.22 17.78 -19.78
C ALA B 330 -39.46 19.27 -19.94
N ASP B 331 -40.22 19.87 -19.01
CA ASP B 331 -40.44 21.31 -19.03
C ASP B 331 -39.15 22.08 -18.84
N PHE B 332 -38.30 21.64 -17.90
CA PHE B 332 -37.02 22.30 -17.65
C PHE B 332 -36.11 22.21 -18.88
N ILE B 333 -36.06 21.03 -19.49
CA ILE B 333 -35.23 20.85 -20.69
C ILE B 333 -35.76 21.67 -21.84
N TRP B 334 -37.08 21.75 -21.99
CA TRP B 334 -37.67 22.59 -23.02
C TRP B 334 -37.35 24.06 -22.79
N GLY B 335 -37.37 24.51 -21.53
CA GLY B 335 -36.97 25.87 -21.24
C GLY B 335 -35.54 26.16 -21.64
N LEU B 336 -34.65 25.22 -21.34
CA LEU B 336 -33.25 25.39 -21.76
C LEU B 336 -33.14 25.47 -23.29
N ILE B 337 -33.86 24.59 -23.99
CA ILE B 337 -33.84 24.59 -25.44
C ILE B 337 -34.39 25.89 -26.01
N GLU B 338 -35.50 26.38 -25.46
CA GLU B 338 -36.08 27.62 -25.94
C GLU B 338 -35.15 28.80 -25.72
N ASP B 339 -34.53 28.87 -24.54
CA ASP B 339 -33.56 29.93 -24.31
C ASP B 339 -32.43 29.87 -25.32
N ALA B 340 -31.89 28.67 -25.57
CA ALA B 340 -30.80 28.56 -26.54
C ALA B 340 -31.26 28.95 -27.93
N GLN B 341 -32.49 28.60 -28.28
CA GLN B 341 -33.01 28.86 -29.61
C GLN B 341 -33.26 30.34 -29.84
N GLU B 342 -33.75 31.05 -28.82
CA GLU B 342 -34.01 32.48 -28.99
C GLU B 342 -32.74 33.31 -28.92
N LYS B 343 -31.66 32.75 -28.39
CA LYS B 343 -30.36 33.41 -28.37
C LYS B 343 -29.59 33.23 -29.66
N GLU B 344 -30.25 32.75 -30.72
CA GLU B 344 -29.66 32.56 -32.05
C GLU B 344 -28.58 31.49 -32.05
N ALA B 345 -28.90 30.33 -31.48
CA ALA B 345 -28.02 29.17 -31.59
C ALA B 345 -28.57 28.24 -32.66
N GLN B 346 -27.74 27.87 -33.62
CA GLN B 346 -28.22 27.01 -34.69
C GLN B 346 -28.39 25.60 -34.18
N ALA B 347 -29.57 25.04 -34.41
CA ALA B 347 -29.89 23.68 -34.00
C ALA B 347 -29.60 22.76 -35.17
N LEU B 348 -28.65 21.85 -34.98
CA LEU B 348 -28.22 20.96 -36.05
C LEU B 348 -29.13 19.76 -36.21
N THR B 349 -30.07 19.55 -35.28
CA THR B 349 -30.94 18.40 -35.27
C THR B 349 -32.33 18.93 -34.99
N PRO B 350 -33.38 18.34 -35.56
CA PRO B 350 -34.74 18.86 -35.35
C PRO B 350 -35.13 18.91 -33.88
N ILE B 351 -35.87 19.95 -33.53
CA ILE B 351 -36.36 20.16 -32.17
C ILE B 351 -37.82 19.80 -32.12
N LYS B 352 -38.15 18.76 -31.37
CA LYS B 352 -39.49 18.21 -31.37
C LYS B 352 -39.79 17.60 -30.00
N ARG B 353 -41.04 17.69 -29.58
CA ARG B 353 -41.48 17.15 -28.29
C ARG B 353 -42.84 16.49 -28.47
N GLU B 354 -43.01 15.31 -27.89
CA GLU B 354 -44.30 14.63 -27.85
C GLU B 354 -44.56 14.19 -26.42
N GLY B 355 -45.02 15.12 -25.58
CA GLY B 355 -45.13 14.85 -24.17
C GLY B 355 -43.79 14.79 -23.48
N ASN B 356 -43.48 13.67 -22.83
CA ASN B 356 -42.20 13.47 -22.17
C ASN B 356 -41.10 13.12 -23.16
N LEU B 357 -41.46 12.75 -24.38
CA LEU B 357 -40.50 12.23 -25.35
C LEU B 357 -39.91 13.39 -26.14
N LEU B 358 -38.70 13.79 -25.79
CA LEU B 358 -37.99 14.87 -26.45
C LEU B 358 -36.99 14.28 -27.45
N TRP B 359 -36.91 14.87 -28.62
CA TRP B 359 -35.92 14.47 -29.59
C TRP B 359 -34.55 15.03 -29.23
N PRO B 360 -33.49 14.26 -29.46
CA PRO B 360 -32.14 14.77 -29.21
C PRO B 360 -31.88 16.02 -30.03
N VAL B 361 -31.40 17.06 -29.36
CA VAL B 361 -31.12 18.30 -30.05
C VAL B 361 -29.64 18.61 -29.89
N LEU B 362 -28.99 18.90 -31.02
CA LEU B 362 -27.59 19.27 -31.06
C LEU B 362 -27.49 20.74 -31.41
N PHE B 363 -26.97 21.53 -30.49
CA PHE B 363 -26.86 22.97 -30.64
C PHE B 363 -25.44 23.32 -31.01
N ASP B 364 -25.28 24.15 -32.04
CA ASP B 364 -23.98 24.71 -32.36
C ASP B 364 -24.04 26.22 -32.14
N GLN B 365 -22.86 26.84 -32.17
CA GLN B 365 -22.73 28.29 -31.99
C GLN B 365 -23.29 28.72 -30.64
N VAL B 366 -22.90 28.02 -29.58
CA VAL B 366 -23.38 28.30 -28.22
C VAL B 366 -22.39 29.22 -27.52
N THR B 367 -22.91 30.25 -26.88
CA THR B 367 -22.11 31.21 -26.13
C THR B 367 -22.36 31.07 -24.64
N LYS B 368 -21.60 31.83 -23.85
CA LYS B 368 -21.73 31.76 -22.40
C LYS B 368 -22.99 32.42 -21.88
N ASP B 369 -23.80 33.00 -22.77
CA ASP B 369 -25.01 33.68 -22.33
C ASP B 369 -26.20 32.72 -22.27
N MET B 370 -26.13 31.62 -23.02
CA MET B 370 -27.20 30.65 -23.02
C MET B 370 -27.11 29.75 -21.80
N LYS B 371 -28.26 29.46 -21.21
CA LYS B 371 -28.27 28.68 -19.97
C LYS B 371 -27.90 27.22 -20.21
N VAL B 372 -28.07 26.73 -21.44
CA VAL B 372 -27.69 25.36 -21.76
C VAL B 372 -26.18 25.19 -21.72
N ALA B 373 -25.43 26.29 -21.75
CA ALA B 373 -23.98 26.19 -21.63
C ALA B 373 -23.55 25.87 -20.21
N TRP B 374 -24.38 26.20 -19.22
CA TRP B 374 -24.01 26.13 -17.83
C TRP B 374 -24.84 25.15 -17.02
N GLU B 375 -26.16 25.15 -17.21
CA GLU B 375 -27.02 24.34 -16.37
C GLU B 375 -27.07 22.90 -16.89
N GLU B 376 -27.19 21.95 -15.95
CA GLU B 376 -27.23 20.52 -16.32
C GLU B 376 -28.66 20.16 -16.69
N PRO B 377 -28.93 19.72 -17.93
CA PRO B 377 -30.31 19.48 -18.35
C PRO B 377 -30.92 18.15 -17.90
N PHE B 378 -30.14 17.08 -17.85
CA PHE B 378 -30.67 15.72 -17.57
C PHE B 378 -31.67 15.37 -18.66
N GLY B 379 -31.31 15.67 -19.91
CA GLY B 379 -32.18 15.39 -21.05
C GLY B 379 -31.40 15.43 -22.34
N PRO B 380 -32.00 15.07 -23.49
CA PRO B 380 -31.22 14.94 -24.72
C PRO B 380 -30.82 16.27 -25.40
N VAL B 381 -29.96 17.06 -24.75
CA VAL B 381 -29.49 18.35 -25.32
C VAL B 381 -27.96 18.40 -25.20
N LEU B 382 -27.27 18.77 -26.27
CA LEU B 382 -25.81 18.85 -26.28
C LEU B 382 -25.39 20.13 -26.99
N PRO B 383 -24.91 21.12 -26.23
CA PRO B 383 -24.34 22.30 -26.86
C PRO B 383 -22.95 22.03 -27.42
N ILE B 384 -22.62 22.75 -28.50
CA ILE B 384 -21.28 22.77 -29.05
C ILE B 384 -20.75 24.19 -28.92
N ILE B 385 -19.60 24.33 -28.27
CA ILE B 385 -19.05 25.62 -27.91
C ILE B 385 -17.69 25.76 -28.56
N ARG B 386 -17.50 26.85 -29.31
CA ARG B 386 -16.28 27.07 -30.07
C ARG B 386 -15.37 28.05 -29.36
N VAL B 387 -14.10 27.69 -29.26
CA VAL B 387 -13.11 28.51 -28.58
C VAL B 387 -11.90 28.66 -29.50
N ALA B 388 -11.05 29.62 -29.20
CA ALA B 388 -9.94 29.96 -30.07
C ALA B 388 -8.66 29.17 -29.78
N SER B 389 -8.39 28.85 -28.53
CA SER B 389 -7.16 28.18 -28.14
C SER B 389 -7.48 27.22 -27.01
N VAL B 390 -6.50 26.38 -26.66
CA VAL B 390 -6.71 25.46 -25.54
C VAL B 390 -6.76 26.19 -24.21
N GLU B 391 -6.15 27.38 -24.12
CA GLU B 391 -6.27 28.16 -22.90
C GLU B 391 -7.71 28.59 -22.67
N GLU B 392 -8.40 29.04 -23.71
CA GLU B 392 -9.81 29.36 -23.57
C GLU B 392 -10.66 28.12 -23.33
N ALA B 393 -10.30 26.98 -23.92
CA ALA B 393 -11.03 25.75 -23.65
C ALA B 393 -10.92 25.36 -22.18
N ILE B 394 -9.72 25.43 -21.63
CA ILE B 394 -9.52 25.08 -20.23
C ILE B 394 -10.21 26.09 -19.32
N ALA B 395 -10.15 27.38 -19.66
CA ALA B 395 -10.83 28.39 -18.86
C ALA B 395 -12.33 28.19 -18.87
N PHE B 396 -12.90 27.87 -20.03
CA PHE B 396 -14.34 27.66 -20.13
C PHE B 396 -14.77 26.40 -19.40
N ALA B 397 -13.97 25.33 -19.49
CA ALA B 397 -14.28 24.12 -18.76
C ALA B 397 -14.21 24.33 -17.26
N ASN B 398 -13.22 25.09 -16.79
CA ASN B 398 -13.07 25.31 -15.36
C ASN B 398 -13.98 26.41 -14.85
N GLU B 399 -14.70 27.09 -15.75
CA GLU B 399 -15.62 28.13 -15.30
C GLU B 399 -16.91 27.53 -14.79
N SER B 400 -17.12 26.24 -15.00
CA SER B 400 -18.33 25.59 -14.51
C SER B 400 -18.24 25.40 -13.01
N GLU B 401 -19.42 25.26 -12.36
CA GLU B 401 -19.48 25.08 -10.89
C GLU B 401 -19.52 23.59 -10.56
N PHE B 402 -19.33 22.75 -11.58
CA PHE B 402 -19.33 21.28 -11.39
C PHE B 402 -17.99 20.71 -11.81
N GLY B 403 -17.48 19.73 -11.08
CA GLY B 403 -16.25 19.04 -11.50
C GLY B 403 -16.63 17.72 -12.14
N LEU B 404 -16.46 16.62 -11.41
CA LEU B 404 -16.83 15.27 -11.90
C LEU B 404 -15.83 14.76 -12.95
N GLN B 405 -16.22 14.73 -14.21
CA GLN B 405 -15.32 14.13 -15.21
C GLN B 405 -15.19 15.02 -16.45
N SER B 406 -14.26 14.69 -17.34
CA SER B 406 -14.04 15.44 -18.59
C SER B 406 -13.39 14.49 -19.59
N SER B 407 -13.46 14.81 -20.88
CA SER B 407 -12.80 13.99 -21.91
C SER B 407 -11.94 14.91 -22.75
N VAL B 408 -10.64 14.64 -22.84
CA VAL B 408 -9.76 15.46 -23.73
C VAL B 408 -9.44 14.61 -24.96
N PHE B 409 -9.97 14.99 -26.12
CA PHE B 409 -9.72 14.25 -27.38
C PHE B 409 -8.58 14.94 -28.12
N THR B 410 -7.45 14.24 -28.30
CA THR B 410 -6.26 14.80 -28.97
C THR B 410 -5.44 13.63 -29.51
N ASN B 411 -4.26 13.89 -30.09
CA ASN B 411 -3.36 12.79 -30.54
C ASN B 411 -2.01 12.94 -29.81
N ASP B 412 -1.72 14.13 -29.28
CA ASP B 412 -0.51 14.32 -28.45
C ASP B 412 -0.89 14.01 -27.01
N PHE B 413 -0.40 12.89 -26.47
CA PHE B 413 -0.76 12.49 -25.08
C PHE B 413 -0.01 13.34 -24.06
N LYS B 414 1.13 13.94 -24.41
CA LYS B 414 1.77 14.84 -23.41
C LYS B 414 1.00 16.16 -23.36
N LYS B 415 0.09 16.41 -24.30
CA LYS B 415 -0.75 17.63 -24.27
C LYS B 415 -2.05 17.29 -23.53
N ALA B 416 -2.62 16.12 -23.80
CA ALA B 416 -3.83 15.69 -23.07
C ALA B 416 -3.50 15.53 -21.60
N PHE B 417 -2.31 15.04 -21.29
CA PHE B 417 -1.89 14.81 -19.88
C PHE B 417 -1.57 16.14 -19.21
N GLU B 418 -1.36 17.20 -19.99
CA GLU B 418 -1.07 18.54 -19.42
C GLU B 418 -2.40 19.29 -19.25
N ILE B 419 -3.33 19.14 -20.19
CA ILE B 419 -4.68 19.76 -20.08
C ILE B 419 -5.42 19.07 -18.94
N ALA B 420 -5.23 17.77 -18.80
CA ALA B 420 -5.90 16.97 -17.74
C ALA B 420 -5.52 17.49 -16.36
N GLU B 421 -4.29 17.93 -16.17
CA GLU B 421 -3.83 18.44 -14.85
C GLU B 421 -4.43 19.82 -14.58
N LYS B 422 -4.79 20.56 -15.62
CA LYS B 422 -5.36 21.92 -15.48
C LYS B 422 -6.88 21.87 -15.37
N LEU B 423 -7.49 20.71 -15.64
CA LEU B 423 -8.96 20.55 -15.55
C LEU B 423 -9.37 20.28 -14.10
N GLU B 424 -10.28 21.08 -13.56
CA GLU B 424 -10.72 20.95 -12.16
C GLU B 424 -11.81 19.87 -12.10
N VAL B 425 -11.45 18.63 -12.38
CA VAL B 425 -12.41 17.50 -12.41
C VAL B 425 -11.80 16.37 -11.60
N GLY B 426 -12.58 15.35 -11.24
CA GLY B 426 -12.04 14.17 -10.55
C GLY B 426 -11.37 13.21 -11.51
N THR B 427 -11.93 13.03 -12.70
CA THR B 427 -11.39 12.06 -13.69
C THR B 427 -11.35 12.65 -15.09
N VAL B 428 -10.21 12.58 -15.76
CA VAL B 428 -10.10 13.01 -17.18
C VAL B 428 -9.96 11.74 -18.01
N HIS B 429 -10.87 11.51 -18.95
CA HIS B 429 -10.75 10.36 -19.88
C HIS B 429 -10.04 10.89 -21.12
N ILE B 430 -8.99 10.21 -21.58
CA ILE B 430 -8.20 10.71 -22.74
C ILE B 430 -8.60 9.93 -23.99
N ASN B 431 -9.14 10.61 -25.00
CA ASN B 431 -9.59 10.00 -26.28
C ASN B 431 -10.70 8.98 -26.01
N ASN B 432 -11.53 9.23 -25.00
CA ASN B 432 -12.67 8.32 -24.71
C ASN B 432 -13.74 9.12 -23.98
N LYS B 433 -14.97 8.61 -23.96
CA LYS B 433 -16.11 9.29 -23.30
C LYS B 433 -16.01 9.16 -21.78
N THR B 434 -16.61 10.10 -21.05
CA THR B 434 -16.65 10.03 -19.57
C THR B 434 -17.55 8.87 -19.15
N GLN B 435 -17.19 8.15 -18.09
CA GLN B 435 -17.98 6.98 -17.63
C GLN B 435 -17.63 6.68 -16.16
N ARG B 436 -18.57 6.11 -15.40
CA ARG B 436 -18.24 5.67 -14.01
C ARG B 436 -17.17 4.61 -14.21
N GLY B 437 -17.21 3.89 -15.33
CA GLY B 437 -16.09 3.01 -15.72
C GLY B 437 -15.98 1.76 -14.93
N PRO B 438 -14.89 0.98 -15.12
CA PRO B 438 -14.69 -0.19 -14.31
C PRO B 438 -14.94 0.32 -12.89
N ASP B 439 -15.88 -0.28 -12.17
CA ASP B 439 -16.25 0.23 -10.82
C ASP B 439 -15.11 0.02 -9.82
N ASN B 440 -14.00 -0.58 -10.26
CA ASN B 440 -12.81 -0.67 -9.40
C ASN B 440 -12.11 0.69 -9.41
N PHE B 441 -12.26 1.45 -10.50
CA PHE B 441 -11.59 2.76 -10.68
C PHE B 441 -12.20 3.80 -9.74
N PRO B 442 -11.45 4.84 -9.34
CA PRO B 442 -11.98 5.87 -8.47
C PRO B 442 -13.08 6.67 -9.18
N PHE B 443 -14.12 7.10 -8.45
CA PHE B 443 -15.17 7.96 -9.03
C PHE B 443 -15.41 9.13 -8.08
N LEU B 444 -15.06 10.33 -8.50
CA LEU B 444 -15.18 11.48 -7.59
C LEU B 444 -15.54 12.73 -8.37
N GLY B 445 -16.17 13.69 -7.72
CA GLY B 445 -16.46 14.99 -8.34
C GLY B 445 -15.92 16.03 -7.40
N VAL B 446 -15.39 17.11 -7.93
CA VAL B 446 -14.80 18.20 -7.10
C VAL B 446 -15.76 19.38 -7.22
N LYS B 447 -15.44 20.51 -6.60
CA LYS B 447 -16.28 21.72 -6.72
C LYS B 447 -17.70 21.39 -6.23
N GLY B 448 -18.73 21.66 -7.02
CA GLY B 448 -20.08 21.48 -6.50
C GLY B 448 -20.59 20.23 -6.98
N SER B 449 -19.66 19.44 -7.33
CA SER B 449 -20.21 18.22 -7.90
C SER B 449 -20.17 17.02 -6.96
N GLY B 450 -19.74 17.18 -5.72
CA GLY B 450 -19.78 16.06 -4.80
C GLY B 450 -18.80 16.22 -3.66
N ALA B 451 -18.84 15.24 -2.76
CA ALA B 451 -17.96 15.18 -1.61
C ALA B 451 -17.65 13.71 -1.31
N GLY B 452 -16.36 13.40 -1.23
CA GLY B 452 -15.92 12.04 -1.03
C GLY B 452 -15.56 11.35 -2.34
N VAL B 453 -15.00 10.14 -2.20
CA VAL B 453 -14.56 9.35 -3.34
C VAL B 453 -15.29 8.02 -3.33
N GLN B 454 -15.94 7.68 -4.43
CA GLN B 454 -16.55 6.37 -4.61
C GLN B 454 -15.64 5.50 -5.46
N GLY B 455 -16.17 4.38 -5.89
CA GLY B 455 -15.33 3.29 -6.37
C GLY B 455 -15.36 2.24 -5.30
N ILE B 456 -15.32 0.97 -5.66
CA ILE B 456 -15.65 -0.08 -4.70
C ILE B 456 -14.69 -0.08 -3.53
N LYS B 457 -13.40 0.00 -3.81
CA LYS B 457 -12.40 0.00 -2.75
C LYS B 457 -12.54 1.24 -1.86
N TYR B 458 -12.76 2.39 -2.47
CA TYR B 458 -12.87 3.65 -1.73
C TYR B 458 -14.19 3.75 -0.97
N SER B 459 -15.25 3.15 -1.52
CA SER B 459 -16.50 3.07 -0.80
C SER B 459 -16.38 2.17 0.43
N ILE B 460 -15.72 1.02 0.29
CA ILE B 460 -15.51 0.17 1.46
C ILE B 460 -14.65 0.89 2.49
N GLU B 461 -13.62 1.59 2.04
CA GLU B 461 -12.75 2.34 2.95
C GLU B 461 -13.46 3.46 3.68
N ALA B 462 -14.31 4.21 3.00
CA ALA B 462 -14.89 5.44 3.56
C ALA B 462 -15.98 5.19 4.59
N MET B 463 -16.67 4.06 4.49
CA MET B 463 -17.71 3.74 5.45
C MET B 463 -17.18 2.96 6.64
N THR B 464 -15.90 3.08 6.95
CA THR B 464 -15.31 2.45 8.11
C THR B 464 -14.61 3.51 8.96
N ASN B 465 -14.44 3.23 10.25
CA ASN B 465 -13.63 4.08 11.12
C ASN B 465 -12.25 3.45 11.23
N VAL B 466 -11.27 4.26 11.58
CA VAL B 466 -9.91 3.81 11.87
C VAL B 466 -9.79 3.58 13.36
N LYS B 467 -9.27 2.42 13.74
CA LYS B 467 -9.06 2.06 15.13
C LYS B 467 -7.59 1.72 15.31
N SER B 468 -6.91 2.46 16.18
CA SER B 468 -5.51 2.22 16.48
C SER B 468 -5.41 1.63 17.88
N ILE B 469 -4.58 0.60 18.04
CA ILE B 469 -4.48 -0.16 19.28
C ILE B 469 -3.05 -0.15 19.81
N VAL B 470 -2.42 1.02 19.84
CA VAL B 470 -1.05 1.19 20.33
C VAL B 470 -0.75 0.42 21.61
N PHE B 471 0.32 -0.35 21.62
CA PHE B 471 0.81 -1.02 22.82
C PHE B 471 2.34 -1.04 22.76
N ASP B 472 2.96 -1.61 23.78
CA ASP B 472 4.41 -1.69 23.91
C ASP B 472 4.92 -3.07 23.57
N VAL B 473 6.02 -3.12 22.82
CA VAL B 473 6.70 -4.36 22.47
C VAL B 473 8.06 -4.46 23.13
N LYS B 474 8.35 -3.59 24.09
CA LYS B 474 9.68 -3.29 24.62
C LYS B 474 10.73 -4.38 24.60
N MET C 1 53.92 8.89 -2.21
CA MET C 1 52.86 7.91 -2.43
C MET C 1 51.85 7.93 -1.30
N THR C 2 50.57 8.07 -1.66
CA THR C 2 49.48 8.02 -0.69
C THR C 2 49.07 6.57 -0.48
N ARG C 3 49.04 6.14 0.77
CA ARG C 3 48.70 4.77 1.11
C ARG C 3 47.36 4.77 1.84
N TYR C 4 46.39 4.10 1.25
CA TYR C 4 45.04 4.03 1.80
C TYR C 4 44.89 2.73 2.56
N GLN C 5 43.96 2.71 3.51
CA GLN C 5 43.79 1.56 4.38
C GLN C 5 42.33 1.31 4.67
N ASN C 6 42.02 0.04 4.93
CA ASN C 6 40.66 -0.45 5.07
C ASN C 6 40.06 -0.05 6.41
N LEU C 7 38.75 0.19 6.41
CA LEU C 7 38.00 0.46 7.63
C LEU C 7 37.46 -0.86 8.14
N VAL C 8 38.03 -1.34 9.25
CA VAL C 8 37.63 -2.59 9.85
C VAL C 8 37.37 -2.35 11.33
N ASN C 9 36.16 -2.69 11.78
CA ASN C 9 35.78 -2.58 13.18
C ASN C 9 36.06 -1.19 13.72
N GLY C 10 35.77 -0.17 12.93
CA GLY C 10 35.96 1.20 13.32
C GLY C 10 37.38 1.70 13.21
N LYS C 11 38.31 0.86 12.79
CA LYS C 11 39.72 1.17 12.78
C LYS C 11 40.25 1.12 11.36
N TRP C 12 41.40 1.74 11.15
CA TRP C 12 42.07 1.70 9.85
C TRP C 12 43.18 0.67 9.89
N LYS C 13 43.23 -0.19 8.88
CA LYS C 13 44.18 -1.29 8.87
C LYS C 13 44.82 -1.42 7.50
N SER C 14 46.14 -1.57 7.51
CA SER C 14 46.91 -1.89 6.33
C SER C 14 47.29 -3.37 6.38
N SER C 15 47.49 -3.95 5.22
CA SER C 15 47.91 -5.33 5.11
C SER C 15 49.39 -5.38 4.77
N GLU C 16 49.98 -6.58 4.78
CA GLU C 16 51.37 -6.71 4.40
C GLU C 16 51.57 -6.35 2.93
N GLN C 17 50.76 -6.93 2.05
CA GLN C 17 50.82 -6.65 0.63
C GLN C 17 49.91 -5.48 0.30
N GLU C 18 50.16 -4.86 -0.86
CA GLU C 18 49.44 -3.67 -1.26
C GLU C 18 49.18 -3.75 -2.76
N ILE C 19 48.22 -2.96 -3.24
CA ILE C 19 47.92 -2.83 -4.66
C ILE C 19 48.03 -1.37 -5.04
N THR C 20 48.73 -1.11 -6.14
CA THR C 20 48.95 0.24 -6.63
C THR C 20 47.97 0.54 -7.75
N ILE C 21 47.37 1.71 -7.70
CA ILE C 21 46.37 2.11 -8.68
C ILE C 21 46.95 3.17 -9.60
N TYR C 22 46.70 3.02 -10.89
CA TYR C 22 47.24 3.90 -11.92
C TYR C 22 46.10 4.60 -12.64
N SER C 23 46.30 5.87 -12.96
CA SER C 23 45.29 6.62 -13.67
C SER C 23 45.07 6.01 -15.06
N PRO C 24 43.83 5.82 -15.49
CA PRO C 24 43.61 5.31 -16.85
C PRO C 24 43.89 6.33 -17.93
N ILE C 25 44.32 7.54 -17.58
CA ILE C 25 44.56 8.58 -18.57
C ILE C 25 46.05 8.85 -18.72
N ASN C 26 46.78 8.84 -17.61
CA ASN C 26 48.21 9.13 -17.60
C ASN C 26 49.07 7.94 -17.18
N GLN C 27 48.46 6.87 -16.68
CA GLN C 27 49.16 5.75 -16.07
C GLN C 27 50.04 6.19 -14.89
N GLU C 28 49.68 7.30 -14.25
CA GLU C 28 50.45 7.79 -13.12
C GLU C 28 50.03 7.09 -11.84
N GLU C 29 51.03 6.71 -11.05
CA GLU C 29 50.81 6.01 -9.79
C GLU C 29 49.94 6.89 -8.89
N LEU C 30 48.72 6.43 -8.64
CA LEU C 30 47.68 7.27 -8.04
C LEU C 30 47.64 7.13 -6.52
N GLY C 31 47.91 5.94 -6.03
CA GLY C 31 47.88 5.67 -4.60
C GLY C 31 48.17 4.20 -4.40
N THR C 32 47.72 3.68 -3.27
CA THR C 32 47.92 2.28 -2.95
C THR C 32 46.87 1.83 -1.94
N VAL C 33 46.28 0.66 -2.17
CA VAL C 33 45.27 0.10 -1.27
C VAL C 33 45.75 -1.25 -0.77
N PRO C 34 45.35 -1.70 0.42
CA PRO C 34 45.82 -2.98 0.93
C PRO C 34 45.28 -4.15 0.14
N ALA C 35 46.06 -5.23 0.13
CA ALA C 35 45.63 -6.49 -0.42
C ALA C 35 45.41 -7.48 0.71
N MET C 36 44.15 -7.68 1.08
CA MET C 36 43.80 -8.43 2.28
C MET C 36 43.98 -9.92 2.06
N THR C 37 43.97 -10.64 3.18
CA THR C 37 44.18 -12.10 3.12
C THR C 37 42.89 -12.74 3.60
N GLN C 38 42.57 -13.93 3.11
CA GLN C 38 41.35 -14.65 3.53
C GLN C 38 41.16 -14.47 5.05
N THR C 39 42.23 -14.57 5.85
CA THR C 39 42.10 -14.45 7.33
C THR C 39 41.70 -13.04 7.73
N GLU C 40 42.27 -12.02 7.09
CA GLU C 40 41.96 -10.62 7.44
C GLU C 40 40.53 -10.29 7.00
N ALA C 41 40.00 -11.07 6.05
CA ALA C 41 38.63 -10.84 5.55
C ALA C 41 37.65 -11.53 6.48
N ASP C 42 38.10 -12.54 7.24
CA ASP C 42 37.23 -13.22 8.22
C ASP C 42 37.11 -12.31 9.43
N GLU C 43 38.22 -11.69 9.81
CA GLU C 43 38.18 -10.77 10.94
C GLU C 43 37.19 -9.65 10.68
N ALA C 44 37.16 -9.13 9.45
CA ALA C 44 36.21 -8.07 9.13
C ALA C 44 34.77 -8.55 9.27
N MET C 45 34.49 -9.77 8.80
CA MET C 45 33.13 -10.30 8.96
C MET C 45 32.79 -10.66 10.40
N GLN C 46 33.75 -11.07 11.22
CA GLN C 46 33.47 -11.27 12.63
C GLN C 46 33.17 -9.94 13.33
N ALA C 47 33.89 -8.89 12.95
CA ALA C 47 33.58 -7.56 13.46
C ALA C 47 32.17 -7.15 13.08
N ALA C 48 31.78 -7.41 11.84
CA ALA C 48 30.43 -7.06 11.39
C ALA C 48 29.38 -7.84 12.15
N ARG C 49 29.61 -9.14 12.34
CA ARG C 49 28.64 -9.96 13.06
C ARG C 49 28.49 -9.50 14.51
N ALA C 50 29.59 -9.06 15.12
CA ALA C 50 29.52 -8.55 16.48
C ALA C 50 28.87 -7.18 16.58
N ALA C 51 28.97 -6.33 15.55
CA ALA C 51 28.31 -5.04 15.55
C ALA C 51 26.85 -5.07 15.13
N LEU C 52 26.38 -6.16 14.53
CA LEU C 52 24.99 -6.23 14.08
C LEU C 52 23.95 -5.97 15.17
N PRO C 53 24.02 -6.61 16.35
CA PRO C 53 22.90 -6.49 17.30
C PRO C 53 22.69 -5.09 17.85
N ALA C 54 23.72 -4.43 18.37
CA ALA C 54 23.54 -3.10 18.94
C ALA C 54 23.14 -2.08 17.88
N TRP C 55 23.39 -2.36 16.62
CA TRP C 55 23.03 -1.49 15.53
C TRP C 55 21.59 -1.67 15.07
N ARG C 56 21.10 -2.90 14.97
CA ARG C 56 19.70 -3.07 14.67
C ARG C 56 18.84 -2.90 15.91
N ALA C 57 19.46 -2.69 17.07
CA ALA C 57 18.76 -2.35 18.30
C ALA C 57 18.57 -0.85 18.48
N LEU C 58 19.11 -0.01 17.60
CA LEU C 58 18.83 1.41 17.61
C LEU C 58 17.46 1.66 16.98
N SER C 59 16.92 2.85 17.17
CA SER C 59 15.73 3.24 16.45
C SER C 59 16.12 3.75 15.07
N ALA C 60 15.20 3.64 14.12
CA ALA C 60 15.49 4.06 12.75
C ALA C 60 15.94 5.50 12.65
N ILE C 61 15.45 6.38 13.51
CA ILE C 61 15.82 7.79 13.42
C ILE C 61 17.28 8.04 13.78
N GLU C 62 17.87 7.25 14.69
CA GLU C 62 19.26 7.46 15.07
C GLU C 62 20.21 7.05 13.95
N ARG C 63 19.99 5.88 13.36
CA ARG C 63 20.84 5.48 12.25
C ARG C 63 20.56 6.31 11.00
N ALA C 64 19.35 6.84 10.87
CA ALA C 64 19.09 7.84 9.83
C ALA C 64 19.91 9.10 10.08
N ALA C 65 20.06 9.50 11.33
CA ALA C 65 20.93 10.63 11.66
C ALA C 65 22.37 10.37 11.27
N TYR C 66 22.86 9.16 11.51
CA TYR C 66 24.19 8.78 11.03
C TYR C 66 24.31 8.94 9.52
N LEU C 67 23.30 8.46 8.78
CA LEU C 67 23.32 8.57 7.33
C LEU C 67 23.32 10.03 6.88
N HIS C 68 22.54 10.87 7.53
CA HIS C 68 22.48 12.29 7.17
C HIS C 68 23.83 12.98 7.41
N LYS C 69 24.49 12.66 8.52
CA LYS C 69 25.82 13.20 8.76
C LYS C 69 26.82 12.75 7.69
N THR C 70 26.76 11.49 7.27
CA THR C 70 27.62 11.03 6.18
C THR C 70 27.35 11.80 4.90
N ALA C 71 26.08 12.04 4.57
CA ALA C 71 25.75 12.77 3.36
C ALA C 71 26.29 14.20 3.40
N ALA C 72 26.19 14.86 4.56
CA ALA C 72 26.76 16.20 4.69
C ALA C 72 28.27 16.19 4.51
N ILE C 73 28.96 15.22 5.10
CA ILE C 73 30.41 15.14 4.97
C ILE C 73 30.80 14.88 3.52
N LEU C 74 30.04 14.04 2.84
CA LEU C 74 30.28 13.83 1.41
C LEU C 74 30.10 15.11 0.61
N GLU C 75 29.05 15.88 0.89
CA GLU C 75 28.79 17.06 0.08
C GLU C 75 29.80 18.15 0.33
N ARG C 76 30.36 18.23 1.54
CA ARG C 76 31.38 19.27 1.75
C ARG C 76 32.71 18.90 1.11
N ASP C 77 32.95 17.61 0.85
CA ASP C 77 34.19 17.18 0.22
C ASP C 77 34.00 16.80 -1.24
N LYS C 78 33.07 17.44 -1.95
CA LYS C 78 32.74 17.06 -3.32
C LYS C 78 33.92 17.22 -4.28
N GLU C 79 34.69 18.30 -4.16
CA GLU C 79 35.83 18.47 -5.07
C GLU C 79 36.98 17.55 -4.73
N LYS C 80 37.27 17.37 -3.45
CA LYS C 80 38.38 16.51 -3.04
C LYS C 80 38.14 15.07 -3.47
N ILE C 81 36.92 14.55 -3.26
CA ILE C 81 36.59 13.21 -3.71
C ILE C 81 36.47 13.16 -5.23
N GLY C 82 35.89 14.20 -5.81
CA GLY C 82 35.60 14.18 -7.23
C GLY C 82 36.84 14.18 -8.10
N THR C 83 37.85 14.95 -7.72
CA THR C 83 39.07 15.02 -8.53
C THR C 83 39.78 13.67 -8.57
N ILE C 84 39.87 12.98 -7.44
CA ILE C 84 40.56 11.70 -7.44
C ILE C 84 39.69 10.61 -8.06
N LEU C 85 38.36 10.72 -7.95
CA LEU C 85 37.49 9.83 -8.69
C LEU C 85 37.67 9.99 -10.19
N ALA C 86 37.76 11.23 -10.65
CA ALA C 86 38.01 11.51 -12.06
C ALA C 86 39.36 10.96 -12.50
N LYS C 87 40.38 11.13 -11.67
CA LYS C 87 41.69 10.60 -11.99
C LYS C 87 41.67 9.09 -12.06
N GLU C 88 40.83 8.45 -11.25
CA GLU C 88 40.92 7.01 -11.08
C GLU C 88 40.05 6.23 -12.04
N VAL C 89 38.92 6.77 -12.49
CA VAL C 89 38.12 6.03 -13.46
C VAL C 89 37.98 6.83 -14.75
N ALA C 90 38.85 7.82 -14.93
CA ALA C 90 38.91 8.61 -16.17
C ALA C 90 37.58 9.25 -16.52
N LYS C 91 36.93 9.86 -15.53
CA LYS C 91 35.64 10.49 -15.68
C LYS C 91 35.81 11.99 -15.73
N GLY C 92 34.91 12.68 -16.44
CA GLY C 92 34.98 14.12 -16.48
C GLY C 92 34.89 14.71 -15.08
N ILE C 93 35.61 15.80 -14.86
CA ILE C 93 35.70 16.36 -13.51
C ILE C 93 34.33 16.86 -13.04
N LYS C 94 33.58 17.52 -13.91
CA LYS C 94 32.22 17.89 -13.57
C LYS C 94 31.36 16.66 -13.35
N ALA C 95 31.55 15.61 -14.14
CA ALA C 95 30.80 14.37 -13.94
C ALA C 95 31.13 13.71 -12.60
N ALA C 96 32.40 13.71 -12.21
CA ALA C 96 32.76 13.10 -10.94
C ALA C 96 32.19 13.87 -9.76
N ILE C 97 32.31 15.20 -9.79
CA ILE C 97 31.71 16.00 -8.73
C ILE C 97 30.20 15.82 -8.74
N GLY C 98 29.62 15.66 -9.93
CA GLY C 98 28.20 15.42 -10.04
C GLY C 98 27.77 14.14 -9.38
N GLU C 99 28.56 13.07 -9.53
CA GLU C 99 28.10 11.85 -8.90
C GLU C 99 28.34 11.87 -7.41
N VAL C 100 29.32 12.64 -6.94
CA VAL C 100 29.48 12.76 -5.49
C VAL C 100 28.27 13.47 -4.89
N VAL C 101 27.83 14.57 -5.51
CA VAL C 101 26.64 15.25 -4.98
C VAL C 101 25.36 14.44 -5.17
N ARG C 102 25.22 13.75 -6.29
CA ARG C 102 24.10 12.84 -6.46
C ARG C 102 24.13 11.70 -5.45
N THR C 103 25.31 11.25 -5.05
CA THR C 103 25.44 10.23 -4.02
C THR C 103 24.97 10.75 -2.67
N ALA C 104 25.33 11.99 -2.34
CA ALA C 104 24.84 12.59 -1.11
C ALA C 104 23.31 12.65 -1.11
N ASP C 105 22.73 13.05 -2.24
CA ASP C 105 21.27 13.11 -2.35
C ASP C 105 20.65 11.73 -2.20
N LEU C 106 21.27 10.70 -2.80
CA LEU C 106 20.78 9.34 -2.66
C LEU C 106 20.80 8.88 -1.22
N ILE C 107 21.87 9.21 -0.49
CA ILE C 107 21.97 8.80 0.90
C ILE C 107 20.89 9.47 1.74
N ARG C 108 20.62 10.76 1.48
CA ARG C 108 19.55 11.44 2.21
C ARG C 108 18.19 10.81 1.93
N TYR C 109 17.90 10.57 0.65
CA TYR C 109 16.62 9.96 0.30
C TYR C 109 16.47 8.58 0.91
N ALA C 110 17.54 7.78 0.90
CA ALA C 110 17.48 6.44 1.49
C ALA C 110 17.27 6.52 2.99
N ALA C 111 17.93 7.47 3.66
CA ALA C 111 17.74 7.66 5.09
C ALA C 111 16.31 8.01 5.43
N GLU C 112 15.67 8.89 4.68
CA GLU C 112 14.29 9.25 4.99
C GLU C 112 13.26 8.30 4.41
N GLU C 113 13.65 7.40 3.51
CA GLU C 113 12.76 6.39 2.97
C GLU C 113 12.74 5.11 3.78
N GLY C 114 13.88 4.68 4.32
CA GLY C 114 13.90 3.49 5.13
C GLY C 114 13.40 3.79 6.53
N LEU C 115 13.03 5.03 6.73
CA LEU C 115 12.60 5.52 8.03
C LEU C 115 11.09 5.47 8.16
N ARG C 116 10.41 5.08 7.08
CA ARG C 116 8.95 5.05 7.00
C ARG C 116 8.40 3.72 6.57
N ILE C 117 9.14 2.63 6.78
CA ILE C 117 8.70 1.31 6.35
C ILE C 117 7.65 0.84 7.36
N THR C 118 6.40 0.75 6.94
CA THR C 118 5.35 0.27 7.82
C THR C 118 4.98 -1.17 7.46
N GLY C 119 4.42 -1.88 8.44
CA GLY C 119 4.09 -3.27 8.27
C GLY C 119 2.63 -3.48 7.92
N GLN C 120 2.15 -4.67 8.27
CA GLN C 120 0.80 -5.10 7.98
C GLN C 120 0.17 -5.70 9.23
N ALA C 121 -1.14 -5.72 9.26
CA ALA C 121 -1.92 -6.22 10.39
C ALA C 121 -3.04 -7.12 9.87
N MET C 122 -2.70 -8.11 9.09
CA MET C 122 -3.63 -9.07 8.48
C MET C 122 -4.48 -9.80 9.48
N GLU C 123 -5.61 -10.29 9.06
CA GLU C 123 -6.61 -10.80 10.01
C GLU C 123 -7.05 -12.25 9.92
N GLY C 124 -7.22 -12.90 8.82
CA GLY C 124 -7.67 -14.30 8.97
C GLY C 124 -9.05 -14.63 8.53
N GLY C 125 -10.06 -13.84 8.84
CA GLY C 125 -11.48 -14.06 8.56
C GLY C 125 -11.97 -13.93 7.17
N GLY C 126 -11.29 -13.27 6.30
CA GLY C 126 -11.68 -13.33 4.90
C GLY C 126 -11.20 -14.57 4.25
N PHE C 127 -10.28 -15.33 4.80
CA PHE C 127 -9.84 -16.62 4.27
C PHE C 127 -10.71 -17.72 4.85
N GLU C 128 -10.84 -17.85 6.16
CA GLU C 128 -11.63 -18.88 6.80
C GLU C 128 -12.30 -18.21 7.95
N ALA C 129 -13.35 -18.79 8.50
CA ALA C 129 -14.07 -18.25 9.66
C ALA C 129 -13.59 -18.91 10.91
N ALA C 130 -12.67 -19.85 10.81
CA ALA C 130 -12.03 -20.48 11.96
C ALA C 130 -10.79 -19.73 12.33
N SER C 131 -10.41 -18.71 11.60
CA SER C 131 -9.14 -18.04 11.80
C SER C 131 -9.45 -16.59 11.88
N LYS C 132 -10.69 -16.27 12.09
CA LYS C 132 -11.17 -14.91 12.22
C LYS C 132 -10.60 -14.18 13.42
N ASN C 133 -10.15 -14.84 14.47
CA ASN C 133 -9.72 -14.20 15.74
C ASN C 133 -8.21 -14.13 15.82
N LYS C 134 -7.53 -14.46 14.77
CA LYS C 134 -6.06 -14.42 14.63
C LYS C 134 -5.53 -13.27 13.81
N LEU C 135 -5.15 -12.14 14.37
CA LEU C 135 -4.33 -11.05 13.85
C LEU C 135 -2.88 -11.51 13.65
N ALA C 136 -2.34 -11.19 12.48
CA ALA C 136 -0.93 -11.37 12.18
C ALA C 136 -0.31 -10.00 11.93
N VAL C 137 0.75 -9.70 12.67
CA VAL C 137 1.48 -8.46 12.54
C VAL C 137 2.75 -8.73 11.74
N VAL C 138 2.77 -8.26 10.50
CA VAL C 138 3.83 -8.61 9.56
C VAL C 138 4.75 -7.39 9.42
N ARG C 139 5.82 -7.37 10.18
CA ARG C 139 6.85 -6.35 10.05
C ARG C 139 8.05 -6.94 9.32
N ARG C 140 9.13 -6.19 9.27
CA ARG C 140 10.25 -6.53 8.42
C ARG C 140 11.56 -6.32 9.15
N GLU C 141 12.47 -7.29 9.05
CA GLU C 141 13.69 -7.30 9.83
C GLU C 141 14.91 -7.43 8.92
N PRO C 142 16.05 -6.86 9.33
CA PRO C 142 17.28 -6.97 8.55
C PRO C 142 17.72 -8.41 8.27
N VAL C 143 18.29 -8.65 7.09
CA VAL C 143 18.81 -10.00 6.72
C VAL C 143 20.08 -10.26 7.54
N GLY C 144 20.90 -9.23 7.78
CA GLY C 144 22.07 -9.40 8.66
C GLY C 144 23.32 -8.70 8.14
N ILE C 145 24.28 -9.47 7.63
CA ILE C 145 25.52 -8.90 7.05
C ILE C 145 25.33 -8.80 5.54
N VAL C 146 25.23 -7.58 5.01
CA VAL C 146 25.07 -7.37 3.55
C VAL C 146 26.43 -7.09 2.93
N LEU C 147 26.84 -7.91 1.98
CA LEU C 147 28.06 -7.67 1.24
C LEU C 147 27.74 -6.97 -0.08
N ALA C 148 28.31 -5.78 -0.24
CA ALA C 148 28.05 -4.95 -1.41
C ALA C 148 29.28 -4.97 -2.30
N ILE C 149 29.10 -5.31 -3.57
CA ILE C 149 30.18 -5.29 -4.54
C ILE C 149 29.87 -4.24 -5.59
N ALA C 150 30.75 -3.26 -5.73
CA ALA C 150 30.49 -2.07 -6.55
C ALA C 150 31.17 -2.17 -7.90
N PRO C 151 30.63 -1.54 -8.94
CA PRO C 151 31.31 -1.55 -10.24
C PRO C 151 32.34 -0.45 -10.34
N PHE C 152 33.17 -0.47 -11.39
CA PHE C 152 34.14 0.61 -11.55
C PHE C 152 33.48 1.88 -12.08
N ASN C 153 32.42 1.75 -12.87
CA ASN C 153 31.92 2.88 -13.63
C ASN C 153 31.33 3.94 -12.71
N TYR C 154 30.69 3.52 -11.62
CA TYR C 154 30.19 4.41 -10.58
C TYR C 154 30.67 3.86 -9.24
N PRO C 155 31.90 4.18 -8.83
CA PRO C 155 32.42 3.58 -7.59
C PRO C 155 31.80 4.17 -6.34
N VAL C 156 31.33 5.41 -6.42
CA VAL C 156 30.73 6.11 -5.29
C VAL C 156 29.22 5.96 -5.28
N ASN C 157 28.58 5.98 -6.45
CA ASN C 157 27.13 6.07 -6.53
C ASN C 157 26.47 4.71 -6.42
N LEU C 158 26.94 3.69 -7.14
CA LEU C 158 26.36 2.36 -7.00
C LEU C 158 26.76 1.72 -5.67
N SER C 159 27.98 1.96 -5.22
CA SER C 159 28.33 1.51 -3.88
C SER C 159 27.43 2.13 -2.82
N ALA C 160 27.16 3.43 -2.89
CA ALA C 160 26.28 4.04 -1.90
C ALA C 160 24.84 3.58 -2.05
N SER C 161 24.39 3.36 -3.29
CA SER C 161 23.06 2.84 -3.51
C SER C 161 22.91 1.43 -2.95
N LYS C 162 24.01 0.74 -2.73
CA LYS C 162 23.98 -0.52 -2.00
C LYS C 162 24.10 -0.34 -0.49
N ILE C 163 24.96 0.57 -0.04
CA ILE C 163 25.27 0.73 1.38
C ILE C 163 24.09 1.33 2.13
N ALA C 164 23.61 2.50 1.68
CA ALA C 164 22.62 3.23 2.46
C ALA C 164 21.28 2.51 2.62
N PRO C 165 20.68 1.93 1.57
CA PRO C 165 19.47 1.13 1.79
C PRO C 165 19.66 -0.04 2.74
N ALA C 166 20.85 -0.65 2.76
CA ALA C 166 21.13 -1.66 3.76
C ALA C 166 21.20 -1.06 5.15
N LEU C 167 21.99 0.00 5.32
CA LEU C 167 22.25 0.54 6.65
C LEU C 167 20.98 1.05 7.31
N ILE C 168 20.10 1.71 6.56
CA ILE C 168 18.89 2.24 7.19
C ILE C 168 17.97 1.09 7.62
N ALA C 169 18.05 -0.05 6.96
CA ALA C 169 17.18 -1.17 7.30
C ALA C 169 17.55 -1.81 8.64
N GLY C 170 18.65 -1.41 9.26
CA GLY C 170 19.08 -2.00 10.50
C GLY C 170 20.07 -3.09 10.23
N ASN C 171 20.86 -2.91 9.19
CA ASN C 171 21.49 -4.00 8.48
C ASN C 171 22.95 -3.65 8.30
N VAL C 172 23.84 -4.50 8.79
CA VAL C 172 25.28 -4.25 8.76
C VAL C 172 25.80 -4.57 7.37
N VAL C 173 26.70 -3.74 6.87
CA VAL C 173 27.12 -3.85 5.48
C VAL C 173 28.63 -3.97 5.41
N MET C 174 29.12 -4.68 4.39
CA MET C 174 30.54 -4.73 4.11
C MET C 174 30.73 -4.43 2.64
N LEU C 175 31.61 -3.48 2.36
CA LEU C 175 31.82 -3.00 1.00
C LEU C 175 33.05 -3.65 0.43
N LYS C 176 32.93 -4.13 -0.80
CA LYS C 176 34.12 -4.44 -1.56
C LYS C 176 34.19 -3.53 -2.77
N PRO C 177 34.95 -2.44 -2.71
CA PRO C 177 35.07 -1.56 -3.86
C PRO C 177 35.79 -2.26 -5.00
N PRO C 178 35.55 -1.85 -6.25
CA PRO C 178 36.17 -2.55 -7.37
C PRO C 178 37.68 -2.37 -7.37
N THR C 179 38.40 -3.13 -8.19
CA THR C 179 39.85 -2.97 -8.26
C THR C 179 40.23 -1.60 -8.79
N GLN C 180 39.56 -1.16 -9.85
CA GLN C 180 39.76 0.18 -10.40
C GLN C 180 38.68 1.07 -9.82
N GLY C 181 39.01 1.78 -8.75
CA GLY C 181 38.03 2.58 -8.05
C GLY C 181 37.97 2.26 -6.57
N SER C 182 38.93 1.48 -6.09
CA SER C 182 39.00 1.19 -4.66
C SER C 182 39.28 2.43 -3.83
N ILE C 183 40.02 3.40 -4.38
CA ILE C 183 40.29 4.62 -3.64
C ILE C 183 38.99 5.35 -3.36
N SER C 184 38.05 5.32 -4.31
CA SER C 184 36.78 6.00 -4.13
C SER C 184 35.94 5.32 -3.05
N GLY C 185 35.91 3.98 -3.04
CA GLY C 185 35.22 3.29 -1.97
C GLY C 185 35.84 3.55 -0.62
N LEU C 186 37.16 3.70 -0.57
CA LEU C 186 37.83 4.01 0.68
C LEU C 186 37.55 5.44 1.13
N LEU C 187 37.36 6.37 0.20
CA LEU C 187 36.98 7.73 0.58
C LEU C 187 35.53 7.79 1.06
N LEU C 188 34.65 6.99 0.45
CA LEU C 188 33.31 6.82 1.01
C LEU C 188 33.36 6.24 2.42
N ALA C 189 34.22 5.25 2.65
CA ALA C 189 34.40 4.75 4.00
C ALA C 189 34.92 5.81 4.94
N LYS C 190 35.79 6.69 4.43
CA LYS C 190 36.29 7.79 5.25
C LYS C 190 35.15 8.69 5.70
N ALA C 191 34.23 8.99 4.79
CA ALA C 191 33.06 9.81 5.14
C ALA C 191 32.19 9.12 6.16
N PHE C 192 31.97 7.81 5.98
CA PHE C 192 31.15 7.06 6.94
C PHE C 192 31.78 7.03 8.32
N GLU C 193 33.09 6.83 8.39
CA GLU C 193 33.79 6.83 9.67
C GLU C 193 33.80 8.20 10.34
N GLU C 194 34.01 9.28 9.56
CA GLU C 194 34.00 10.60 10.15
C GLU C 194 32.60 10.97 10.64
N ALA C 195 31.55 10.46 9.99
CA ALA C 195 30.19 10.68 10.46
C ALA C 195 29.95 10.10 11.84
N GLY C 196 30.77 9.15 12.26
CA GLY C 196 30.66 8.58 13.59
C GLY C 196 29.88 7.29 13.68
N ILE C 197 29.66 6.59 12.58
CA ILE C 197 28.90 5.36 12.56
C ILE C 197 29.62 4.37 13.47
N PRO C 198 28.89 3.56 14.24
CA PRO C 198 29.55 2.67 15.20
C PRO C 198 30.54 1.72 14.54
N ALA C 199 31.39 1.14 15.38
CA ALA C 199 32.42 0.25 14.90
C ALA C 199 31.83 -1.09 14.48
N GLY C 200 32.17 -1.52 13.28
CA GLY C 200 31.70 -2.77 12.73
C GLY C 200 30.47 -2.67 11.85
N VAL C 201 29.76 -1.55 11.91
CA VAL C 201 28.57 -1.37 11.09
C VAL C 201 28.93 -1.24 9.62
N PHE C 202 30.02 -0.55 9.31
CA PHE C 202 30.49 -0.38 7.93
C PHE C 202 31.95 -0.81 7.87
N ASN C 203 32.26 -1.76 7.00
CA ASN C 203 33.61 -2.30 6.83
C ASN C 203 33.94 -2.36 5.34
N THR C 204 35.23 -2.32 5.03
CA THR C 204 35.66 -2.39 3.64
C THR C 204 36.63 -3.55 3.46
N ILE C 205 36.57 -4.16 2.28
CA ILE C 205 37.49 -5.23 1.88
C ILE C 205 38.12 -4.85 0.56
N THR C 206 39.44 -4.83 0.53
CA THR C 206 40.20 -4.62 -0.69
C THR C 206 41.17 -5.77 -0.86
N GLY C 207 41.40 -6.17 -2.10
CA GLY C 207 42.27 -7.34 -2.32
C GLY C 207 42.34 -7.73 -3.78
N ARG C 208 42.58 -9.01 -4.06
CA ARG C 208 42.63 -9.48 -5.46
C ARG C 208 41.60 -10.59 -5.65
N GLY C 209 40.85 -10.59 -6.74
CA GLY C 209 39.78 -11.58 -6.94
C GLY C 209 40.28 -13.00 -6.74
N SER C 210 41.57 -13.23 -6.98
CA SER C 210 42.17 -14.56 -6.76
C SER C 210 42.11 -14.93 -5.28
N GLU C 211 42.55 -14.03 -4.39
CA GLU C 211 42.68 -14.38 -2.95
C GLU C 211 41.36 -14.29 -2.19
N ILE C 212 40.75 -13.11 -2.08
CA ILE C 212 39.55 -12.96 -1.21
C ILE C 212 38.28 -12.71 -2.03
N GLY C 213 38.35 -12.75 -3.36
CA GLY C 213 37.17 -12.39 -4.18
C GLY C 213 36.01 -13.36 -4.10
N ASP C 214 36.28 -14.66 -4.22
CA ASP C 214 35.21 -15.67 -4.21
C ASP C 214 35.07 -16.18 -2.77
N TYR C 215 36.07 -15.91 -1.94
CA TYR C 215 36.05 -16.38 -0.54
C TYR C 215 35.03 -15.58 0.27
N ILE C 216 34.88 -14.28 -0.02
CA ILE C 216 33.98 -13.40 0.77
C ILE C 216 32.54 -13.64 0.31
N ILE C 217 32.36 -14.08 -0.93
CA ILE C 217 31.03 -14.37 -1.45
C ILE C 217 30.50 -15.67 -0.85
N GLU C 218 31.40 -16.63 -0.60
CA GLU C 218 31.01 -17.96 -0.15
C GLU C 218 31.22 -18.09 1.35
N HIS C 219 31.25 -16.96 2.03
CA HIS C 219 31.43 -16.94 3.47
C HIS C 219 30.08 -17.20 4.12
N LYS C 220 30.12 -17.64 5.38
CA LYS C 220 28.93 -18.01 6.11
C LYS C 220 28.27 -16.85 6.84
N GLU C 221 29.05 -15.87 7.29
CA GLU C 221 28.47 -14.68 7.86
C GLU C 221 27.69 -13.87 6.84
N VAL C 222 28.02 -13.96 5.56
CA VAL C 222 27.37 -13.15 4.55
C VAL C 222 25.93 -13.63 4.37
N ASN C 223 24.99 -12.71 4.49
CA ASN C 223 23.57 -13.01 4.45
C ASN C 223 22.88 -12.51 3.21
N PHE C 224 23.50 -11.58 2.49
CA PHE C 224 22.91 -10.98 1.30
C PHE C 224 24.05 -10.45 0.44
N ILE C 225 24.03 -10.81 -0.84
CA ILE C 225 25.05 -10.36 -1.78
C ILE C 225 24.41 -9.38 -2.75
N ASN C 226 24.98 -8.18 -2.82
CA ASN C 226 24.50 -7.13 -3.70
C ASN C 226 25.63 -6.76 -4.66
N PHE C 227 25.46 -7.13 -5.92
CA PHE C 227 26.54 -7.13 -6.90
C PHE C 227 26.15 -6.28 -8.09
N THR C 228 27.11 -5.48 -8.58
CA THR C 228 26.95 -4.78 -9.86
C THR C 228 28.18 -5.08 -10.70
N GLY C 229 27.97 -5.53 -11.93
CA GLY C 229 29.09 -5.90 -12.77
C GLY C 229 28.59 -6.43 -14.10
N SER C 230 29.36 -7.36 -14.65
CA SER C 230 29.03 -7.95 -15.93
C SER C 230 28.46 -9.36 -15.74
N THR C 231 27.84 -9.88 -16.80
CA THR C 231 27.17 -11.17 -16.71
C THR C 231 28.12 -12.35 -16.46
N PRO C 232 29.35 -12.38 -16.98
CA PRO C 232 30.25 -13.50 -16.63
C PRO C 232 30.46 -13.67 -15.14
N ILE C 233 30.58 -12.58 -14.37
CA ILE C 233 30.78 -12.70 -12.94
C ILE C 233 29.45 -12.83 -12.20
N GLY C 234 28.39 -12.23 -12.76
CA GLY C 234 27.09 -12.36 -12.15
C GLY C 234 26.57 -13.79 -12.19
N GLU C 235 26.86 -14.52 -13.27
CA GLU C 235 26.47 -15.93 -13.33
C GLU C 235 27.14 -16.73 -12.23
N ARG C 236 28.45 -16.51 -12.04
CA ARG C 236 29.15 -17.18 -10.94
C ARG C 236 28.56 -16.84 -9.60
N ILE C 237 28.29 -15.56 -9.37
CA ILE C 237 27.79 -15.13 -8.06
C ILE C 237 26.42 -15.75 -7.80
N GLY C 238 25.58 -15.80 -8.83
CA GLY C 238 24.32 -16.49 -8.68
C GLY C 238 24.44 -17.96 -8.40
N ARG C 239 25.39 -18.65 -9.04
CA ARG C 239 25.56 -20.09 -8.82
C ARG C 239 26.19 -20.44 -7.48
N LEU C 240 27.20 -19.70 -7.03
CA LEU C 240 27.87 -20.03 -5.78
C LEU C 240 27.42 -19.20 -4.59
N ALA C 241 26.38 -18.38 -4.75
CA ALA C 241 25.73 -17.80 -3.57
C ALA C 241 24.86 -18.84 -2.88
N GLY C 242 24.33 -19.79 -3.64
CA GLY C 242 23.53 -20.86 -3.08
C GLY C 242 22.06 -20.55 -3.04
N MET C 243 21.43 -20.83 -1.90
CA MET C 243 20.02 -20.54 -1.68
C MET C 243 19.90 -19.14 -1.08
N ARG C 244 21.04 -18.55 -0.76
CA ARG C 244 21.19 -17.25 -0.13
C ARG C 244 20.63 -16.14 -1.00
N PRO C 245 20.07 -15.07 -0.43
CA PRO C 245 19.51 -14.00 -1.26
C PRO C 245 20.54 -13.11 -1.94
N ILE C 246 20.32 -12.79 -3.21
CA ILE C 246 21.24 -11.99 -3.99
C ILE C 246 20.48 -10.88 -4.71
N MET C 247 21.21 -9.85 -5.12
CA MET C 247 20.69 -8.85 -6.05
C MET C 247 21.79 -8.60 -7.05
N LEU C 248 21.59 -9.02 -8.29
CA LEU C 248 22.55 -8.81 -9.36
C LEU C 248 22.00 -7.80 -10.34
N GLU C 249 22.86 -6.87 -10.75
CA GLU C 249 22.49 -5.97 -11.83
C GLU C 249 23.64 -5.98 -12.84
N LEU C 250 23.45 -6.75 -13.90
CA LEU C 250 24.46 -7.03 -14.89
C LEU C 250 24.25 -6.11 -16.10
N GLY C 251 24.92 -6.40 -17.20
CA GLY C 251 24.89 -5.49 -18.33
C GLY C 251 23.57 -5.50 -19.09
N GLY C 252 23.53 -4.69 -20.13
CA GLY C 252 22.40 -4.68 -21.03
C GLY C 252 22.70 -4.04 -22.37
N LYS C 253 21.96 -4.39 -23.41
CA LYS C 253 22.05 -3.74 -24.72
C LYS C 253 20.76 -2.97 -24.91
N ASP C 254 20.67 -1.79 -24.33
CA ASP C 254 19.43 -1.03 -24.42
C ASP C 254 19.22 -0.55 -25.85
N ALA C 255 18.01 -0.77 -26.35
CA ALA C 255 17.65 -0.43 -27.72
C ALA C 255 16.85 0.85 -27.73
N ALA C 256 17.06 1.65 -28.77
CA ALA C 256 16.26 2.84 -29.04
C ALA C 256 15.44 2.55 -30.28
N LEU C 257 14.21 2.09 -30.07
CA LEU C 257 13.29 1.82 -31.17
C LEU C 257 12.74 3.16 -31.65
N VAL C 258 13.06 3.50 -32.89
CA VAL C 258 12.63 4.76 -33.49
C VAL C 258 11.64 4.42 -34.60
N LEU C 259 10.48 5.07 -34.59
CA LEU C 259 9.40 4.71 -35.50
C LEU C 259 9.13 5.82 -36.51
N GLU C 260 8.15 5.58 -37.39
CA GLU C 260 7.84 6.51 -38.48
C GLU C 260 7.54 7.90 -37.96
N ASP C 261 6.47 8.02 -37.17
CA ASP C 261 6.06 9.30 -36.58
C ASP C 261 6.86 9.52 -35.30
N ALA C 262 8.07 10.04 -35.46
CA ALA C 262 8.93 10.31 -34.31
C ALA C 262 9.65 11.61 -34.57
N ASP C 263 9.75 12.43 -33.54
CA ASP C 263 10.53 13.67 -33.63
C ASP C 263 12.00 13.28 -33.68
N LEU C 264 12.55 13.17 -34.89
CA LEU C 264 13.87 12.62 -35.08
C LEU C 264 14.98 13.51 -34.54
N GLU C 265 14.75 14.81 -34.41
CA GLU C 265 15.76 15.64 -33.78
C GLU C 265 15.86 15.37 -32.29
N HIS C 266 14.71 15.31 -31.61
CA HIS C 266 14.67 14.89 -30.22
C HIS C 266 15.24 13.49 -30.06
N ALA C 267 14.83 12.58 -30.95
CA ALA C 267 15.33 11.21 -30.88
C ALA C 267 16.83 11.16 -31.02
N ALA C 268 17.38 11.91 -31.97
CA ALA C 268 18.82 11.90 -32.21
C ALA C 268 19.59 12.46 -31.02
N LYS C 269 19.14 13.59 -30.49
CA LYS C 269 19.82 14.18 -29.34
C LYS C 269 19.79 13.25 -28.14
N GLN C 270 18.62 12.69 -27.85
CA GLN C 270 18.48 11.81 -26.69
C GLN C 270 19.30 10.53 -26.87
N ILE C 271 19.25 9.93 -28.05
CA ILE C 271 20.02 8.74 -28.33
C ILE C 271 21.52 8.98 -28.20
N VAL C 272 22.04 10.09 -28.72
CA VAL C 272 23.48 10.33 -28.63
C VAL C 272 23.89 10.59 -27.18
N ALA C 273 23.11 11.40 -26.46
CA ALA C 273 23.43 11.64 -25.05
C ALA C 273 23.47 10.34 -24.26
N GLY C 274 22.41 9.53 -24.37
CA GLY C 274 22.36 8.26 -23.69
C GLY C 274 23.45 7.31 -24.08
N ALA C 275 23.78 7.25 -25.35
CA ALA C 275 24.72 6.26 -25.87
C ALA C 275 26.17 6.62 -25.54
N PHE C 276 26.48 7.91 -25.49
CA PHE C 276 27.87 8.33 -25.36
C PHE C 276 28.14 9.08 -24.06
N SER C 277 27.22 9.00 -23.09
CA SER C 277 27.53 9.48 -21.75
C SER C 277 28.57 8.56 -21.12
N TYR C 278 29.67 9.14 -20.66
CA TYR C 278 30.79 8.42 -20.06
C TYR C 278 31.33 7.34 -21.01
N SER C 279 31.47 7.71 -22.29
CA SER C 279 32.08 6.89 -23.32
C SER C 279 31.33 5.57 -23.54
N GLY C 280 30.08 5.51 -23.12
CA GLY C 280 29.30 4.30 -23.29
C GLY C 280 29.62 3.22 -22.27
N GLN C 281 30.35 3.57 -21.22
CA GLN C 281 30.82 2.62 -20.23
C GLN C 281 29.83 2.46 -19.09
N ARG C 282 28.55 2.65 -19.38
CA ARG C 282 27.52 2.53 -18.37
C ARG C 282 26.43 1.58 -18.83
N CYS C 283 25.95 0.76 -17.91
CA CYS C 283 25.02 -0.32 -18.23
C CYS C 283 23.70 0.20 -18.77
N THR C 284 23.20 1.29 -18.21
CA THR C 284 21.96 1.91 -18.67
C THR C 284 22.25 2.97 -19.72
N ALA C 285 22.66 2.52 -20.90
CA ALA C 285 22.95 3.41 -22.00
C ALA C 285 22.37 2.79 -23.26
N ILE C 286 21.99 3.63 -24.21
CA ILE C 286 21.49 3.14 -25.48
C ILE C 286 22.65 2.53 -26.26
N LYS C 287 22.51 1.27 -26.64
CA LYS C 287 23.65 0.54 -27.21
C LYS C 287 23.33 -0.01 -28.58
N ARG C 288 22.16 0.31 -29.11
CA ARG C 288 21.78 -0.03 -30.48
C ARG C 288 20.55 0.78 -30.85
N VAL C 289 20.51 1.26 -32.08
CA VAL C 289 19.37 2.00 -32.59
C VAL C 289 18.63 1.10 -33.58
N ILE C 290 17.36 0.82 -33.31
CA ILE C 290 16.53 0.04 -34.21
C ILE C 290 15.52 1.02 -34.81
N VAL C 291 15.72 1.36 -36.08
CA VAL C 291 14.92 2.38 -36.75
C VAL C 291 14.33 1.78 -38.01
N LEU C 292 13.10 2.17 -38.32
CA LEU C 292 12.44 1.71 -39.53
C LEU C 292 13.13 2.29 -40.76
N GLU C 293 13.09 1.55 -41.86
CA GLU C 293 13.82 1.95 -43.06
C GLU C 293 13.32 3.27 -43.65
N SER C 294 12.11 3.71 -43.29
CA SER C 294 11.56 4.92 -43.87
C SER C 294 12.28 6.17 -43.38
N VAL C 295 12.50 6.25 -42.06
CA VAL C 295 13.13 7.43 -41.45
C VAL C 295 14.58 7.18 -41.10
N ALA C 296 15.13 6.04 -41.52
CA ALA C 296 16.47 5.65 -41.09
C ALA C 296 17.53 6.58 -41.64
N ASP C 297 17.33 7.10 -42.85
CA ASP C 297 18.34 7.99 -43.46
C ASP C 297 18.38 9.34 -42.75
N LYS C 298 17.21 9.94 -42.52
CA LYS C 298 17.17 11.18 -41.76
C LYS C 298 17.74 10.99 -40.36
N LEU C 299 17.37 9.89 -39.70
CA LEU C 299 17.90 9.63 -38.38
C LEU C 299 19.41 9.45 -38.42
N ALA C 300 19.93 8.78 -39.45
CA ALA C 300 21.35 8.54 -39.55
C ALA C 300 22.12 9.85 -39.72
N THR C 301 21.61 10.75 -40.56
CA THR C 301 22.30 12.04 -40.71
C THR C 301 22.23 12.85 -39.41
N LEU C 302 21.08 12.88 -38.76
CA LEU C 302 20.95 13.64 -37.52
C LEU C 302 21.88 13.08 -36.45
N LEU C 303 21.92 11.76 -36.32
CA LEU C 303 22.82 11.10 -35.40
C LEU C 303 24.27 11.40 -35.74
N GLN C 304 24.60 11.42 -37.03
CA GLN C 304 25.97 11.73 -37.44
C GLN C 304 26.37 13.12 -36.99
N GLU C 305 25.48 14.10 -37.16
CA GLU C 305 25.77 15.45 -36.71
C GLU C 305 26.01 15.50 -35.20
N GLU C 306 25.10 14.89 -34.44
CA GLU C 306 25.20 14.92 -32.99
C GLU C 306 26.47 14.24 -32.50
N VAL C 307 26.82 13.09 -33.10
CA VAL C 307 28.02 12.38 -32.70
C VAL C 307 29.27 13.17 -33.12
N SER C 308 29.18 13.92 -34.23
CA SER C 308 30.32 14.69 -34.67
C SER C 308 30.62 15.86 -33.75
N LYS C 309 29.60 16.44 -33.13
CA LYS C 309 29.87 17.57 -32.24
C LYS C 309 30.30 17.15 -30.83
N LEU C 310 30.79 15.93 -30.65
CA LEU C 310 31.22 15.45 -29.34
C LEU C 310 32.71 15.64 -29.15
N THR C 311 33.11 16.17 -28.00
CA THR C 311 34.52 16.42 -27.74
C THR C 311 35.19 15.18 -27.17
N VAL C 312 36.39 14.87 -27.66
CA VAL C 312 37.09 13.64 -27.29
C VAL C 312 38.47 13.98 -26.75
N GLY C 313 38.63 13.94 -25.43
CA GLY C 313 39.90 14.30 -24.85
C GLY C 313 40.14 13.77 -23.45
N ASP C 314 40.66 14.60 -22.60
CA ASP C 314 41.04 14.43 -21.21
C ASP C 314 39.83 14.65 -20.29
N PRO C 315 39.76 13.91 -19.19
CA PRO C 315 38.68 14.15 -18.22
C PRO C 315 38.62 15.57 -17.69
N PHE C 316 39.78 16.18 -17.42
CA PHE C 316 39.81 17.47 -16.74
C PHE C 316 39.44 18.62 -17.66
N ASP C 317 39.34 18.39 -18.96
CA ASP C 317 38.74 19.33 -19.88
C ASP C 317 37.24 19.12 -20.04
N ASN C 318 36.68 18.21 -19.24
CA ASN C 318 35.26 17.86 -19.32
C ASN C 318 34.88 17.42 -20.73
N ALA C 319 35.74 16.62 -21.32
CA ALA C 319 35.45 16.05 -22.62
C ALA C 319 34.27 15.09 -22.51
N ASP C 320 33.53 14.99 -23.60
CA ASP C 320 32.43 14.04 -23.66
C ASP C 320 32.89 12.61 -23.77
N ILE C 321 33.98 12.35 -24.48
CA ILE C 321 34.52 11.01 -24.67
C ILE C 321 35.91 11.00 -24.06
N THR C 322 36.02 10.46 -22.88
CA THR C 322 37.28 10.21 -22.17
C THR C 322 37.72 8.77 -22.42
N PRO C 323 38.99 8.46 -22.21
CA PRO C 323 39.50 7.12 -22.50
C PRO C 323 38.83 6.04 -21.64
N VAL C 324 38.72 4.86 -22.22
CA VAL C 324 38.10 3.73 -21.54
C VAL C 324 39.01 3.28 -20.39
N ILE C 325 38.47 2.42 -19.52
CA ILE C 325 39.05 2.20 -18.21
C ILE C 325 40.41 1.52 -18.26
N ASP C 326 40.62 0.63 -19.22
CA ASP C 326 41.90 -0.06 -19.32
C ASP C 326 42.10 -0.48 -20.76
N ASN C 327 43.21 -1.16 -21.03
CA ASN C 327 43.56 -1.55 -22.38
C ASN C 327 42.87 -2.82 -22.85
N ALA C 328 42.49 -3.71 -21.94
CA ALA C 328 41.77 -4.91 -22.33
C ALA C 328 40.41 -4.55 -22.91
N SER C 329 39.71 -3.62 -22.25
CA SER C 329 38.44 -3.12 -22.75
C SER C 329 38.58 -2.37 -24.07
N ALA C 330 39.60 -1.54 -24.23
CA ALA C 330 39.83 -0.88 -25.51
C ALA C 330 40.12 -1.90 -26.61
N ASP C 331 40.84 -2.97 -26.28
CA ASP C 331 41.08 -4.04 -27.23
C ASP C 331 39.78 -4.72 -27.64
N PHE C 332 38.89 -4.96 -26.67
CA PHE C 332 37.59 -5.55 -26.95
C PHE C 332 36.76 -4.63 -27.85
N ILE C 333 36.76 -3.33 -27.56
CA ILE C 333 36.04 -2.37 -28.40
C ILE C 333 36.60 -2.40 -29.82
N TRP C 334 37.92 -2.40 -29.95
CA TRP C 334 38.54 -2.40 -31.26
C TRP C 334 38.21 -3.67 -32.03
N GLY C 335 38.16 -4.80 -31.33
CA GLY C 335 37.75 -6.03 -31.99
C GLY C 335 36.33 -5.98 -32.52
N LEU C 336 35.41 -5.43 -31.72
CA LEU C 336 34.04 -5.28 -32.19
C LEU C 336 33.96 -4.36 -33.40
N ILE C 337 34.69 -3.25 -33.34
CA ILE C 337 34.72 -2.30 -34.45
C ILE C 337 35.30 -2.95 -35.71
N GLU C 338 36.39 -3.70 -35.57
CA GLU C 338 36.99 -4.38 -36.71
C GLU C 338 36.04 -5.39 -37.33
N ASP C 339 35.37 -6.18 -36.49
CA ASP C 339 34.41 -7.14 -37.03
C ASP C 339 33.31 -6.42 -37.80
N ALA C 340 32.78 -5.33 -37.24
CA ALA C 340 31.71 -4.62 -37.93
C ALA C 340 32.21 -3.99 -39.23
N GLN C 341 33.45 -3.51 -39.21
CA GLN C 341 33.98 -2.75 -40.34
C GLN C 341 34.37 -3.66 -41.48
N GLU C 342 34.82 -4.89 -41.19
CA GLU C 342 35.20 -5.81 -42.25
C GLU C 342 33.99 -6.48 -42.87
N LYS C 343 32.84 -6.46 -42.18
CA LYS C 343 31.61 -7.01 -42.73
C LYS C 343 30.76 -5.97 -43.43
N GLU C 344 31.38 -4.89 -43.91
CA GLU C 344 30.75 -3.89 -44.76
C GLU C 344 29.60 -3.19 -44.06
N ALA C 345 29.94 -2.55 -42.94
CA ALA C 345 29.04 -1.66 -42.21
C ALA C 345 29.63 -0.26 -42.38
N GLN C 346 28.84 0.65 -42.93
CA GLN C 346 29.36 1.99 -43.15
C GLN C 346 29.52 2.73 -41.83
N ALA C 347 30.71 3.27 -41.61
CA ALA C 347 31.02 4.02 -40.41
C ALA C 347 30.73 5.48 -40.70
N LEU C 348 29.74 6.03 -39.99
CA LEU C 348 29.33 7.41 -40.22
C LEU C 348 30.22 8.41 -39.53
N THR C 349 31.13 7.94 -38.68
CA THR C 349 32.01 8.80 -37.89
C THR C 349 33.41 8.21 -37.99
N PRO C 350 34.47 9.03 -37.99
CA PRO C 350 35.82 8.48 -38.13
C PRO C 350 36.17 7.49 -37.03
N ILE C 351 36.93 6.47 -37.41
CA ILE C 351 37.39 5.41 -36.50
C ILE C 351 38.87 5.60 -36.25
N LYS C 352 39.22 5.99 -35.03
CA LYS C 352 40.62 6.19 -34.69
C LYS C 352 40.84 5.89 -33.22
N ARG C 353 42.10 5.71 -32.85
CA ARG C 353 42.50 5.17 -31.57
C ARG C 353 43.85 5.74 -31.20
N GLU C 354 43.97 6.31 -30.01
CA GLU C 354 45.26 6.70 -29.45
C GLU C 354 45.41 6.07 -28.07
N GLY C 355 45.82 4.80 -28.05
CA GLY C 355 45.85 4.06 -26.81
C GLY C 355 44.46 3.78 -26.28
N ASN C 356 44.22 4.14 -25.02
CA ASN C 356 42.90 3.99 -24.40
C ASN C 356 41.87 4.86 -25.11
N LEU C 357 42.26 6.08 -25.45
CA LEU C 357 41.33 7.04 -26.02
C LEU C 357 40.95 6.63 -27.44
N LEU C 358 39.74 6.11 -27.61
CA LEU C 358 39.26 5.74 -28.93
C LEU C 358 37.95 6.46 -29.22
N TRP C 359 37.83 6.96 -30.45
CA TRP C 359 36.83 7.92 -30.87
C TRP C 359 35.43 7.30 -30.97
N PRO C 360 34.39 8.08 -30.73
CA PRO C 360 33.02 7.58 -30.89
C PRO C 360 32.77 7.13 -32.32
N VAL C 361 32.33 5.89 -32.47
CA VAL C 361 32.07 5.30 -33.76
C VAL C 361 30.57 5.10 -33.91
N LEU C 362 30.01 5.60 -34.99
CA LEU C 362 28.60 5.44 -35.30
C LEU C 362 28.49 4.57 -36.56
N PHE C 363 28.01 3.35 -36.39
CA PHE C 363 27.89 2.40 -37.48
C PHE C 363 26.48 2.41 -38.03
N ASP C 364 26.37 2.38 -39.35
CA ASP C 364 25.09 2.20 -40.00
C ASP C 364 25.12 0.93 -40.82
N GLN C 365 23.95 0.48 -41.24
CA GLN C 365 23.80 -0.74 -42.04
C GLN C 365 24.35 -1.94 -41.29
N VAL C 366 23.78 -2.20 -40.12
CA VAL C 366 24.25 -3.27 -39.24
C VAL C 366 23.28 -4.43 -39.31
N THR C 367 23.80 -5.64 -39.50
CA THR C 367 23.00 -6.83 -39.65
C THR C 367 23.16 -7.73 -38.42
N LYS C 368 22.49 -8.89 -38.42
CA LYS C 368 22.45 -9.79 -37.29
C LYS C 368 23.75 -10.57 -37.11
N ASP C 369 24.66 -10.45 -38.06
CA ASP C 369 25.89 -11.24 -38.08
C ASP C 369 27.07 -10.52 -37.50
N MET C 370 27.01 -9.20 -37.39
CA MET C 370 28.09 -8.45 -36.76
C MET C 370 27.94 -8.46 -35.25
N LYS C 371 29.05 -8.70 -34.56
CA LYS C 371 29.02 -8.89 -33.11
C LYS C 371 28.64 -7.61 -32.37
N VAL C 372 28.85 -6.44 -32.98
CA VAL C 372 28.49 -5.19 -32.32
C VAL C 372 26.97 -5.07 -32.19
N ALA C 373 26.23 -5.89 -32.94
CA ALA C 373 24.78 -5.89 -32.81
C ALA C 373 24.30 -6.62 -31.56
N TRP C 374 25.13 -7.47 -30.97
CA TRP C 374 24.68 -8.37 -29.91
C TRP C 374 25.44 -8.20 -28.60
N GLU C 375 26.71 -7.82 -28.65
CA GLU C 375 27.56 -7.81 -27.47
C GLU C 375 27.64 -6.40 -26.90
N GLU C 376 27.70 -6.34 -25.57
CA GLU C 376 27.83 -5.06 -24.87
C GLU C 376 29.29 -4.63 -24.89
N PRO C 377 29.62 -3.51 -25.50
CA PRO C 377 31.02 -3.11 -25.59
C PRO C 377 31.58 -2.42 -24.34
N PHE C 378 30.78 -1.60 -23.68
CA PHE C 378 31.30 -0.54 -22.80
C PHE C 378 32.31 0.35 -23.51
N GLY C 379 31.99 0.76 -24.73
CA GLY C 379 32.82 1.68 -25.45
C GLY C 379 31.99 2.59 -26.32
N PRO C 380 32.60 3.65 -26.83
CA PRO C 380 31.83 4.60 -27.64
C PRO C 380 31.50 4.07 -29.02
N VAL C 381 30.69 3.02 -29.09
CA VAL C 381 30.27 2.45 -30.36
C VAL C 381 28.76 2.31 -30.35
N LEU C 382 28.13 2.69 -31.45
CA LEU C 382 26.67 2.66 -31.56
C LEU C 382 26.28 2.14 -32.92
N PRO C 383 25.77 0.91 -33.00
CA PRO C 383 25.24 0.39 -34.26
C PRO C 383 23.86 0.95 -34.56
N ILE C 384 23.53 1.04 -35.84
CA ILE C 384 22.19 1.41 -36.29
C ILE C 384 21.67 0.22 -37.10
N ILE C 385 20.63 -0.43 -36.59
CA ILE C 385 20.02 -1.55 -37.29
C ILE C 385 18.73 -1.09 -37.94
N ARG C 386 18.56 -1.42 -39.21
CA ARG C 386 17.40 -1.01 -39.99
C ARG C 386 16.46 -2.20 -40.14
N VAL C 387 15.18 -1.97 -39.86
CA VAL C 387 14.16 -3.01 -39.91
C VAL C 387 12.99 -2.50 -40.74
N ALA C 388 12.15 -3.43 -41.18
CA ALA C 388 11.05 -3.12 -42.08
C ALA C 388 9.78 -2.68 -41.38
N SER C 389 9.33 -3.42 -40.37
CA SER C 389 8.11 -3.11 -39.65
C SER C 389 8.41 -3.01 -38.16
N VAL C 390 7.38 -2.61 -37.40
CA VAL C 390 7.53 -2.54 -35.95
C VAL C 390 7.62 -3.93 -35.35
N GLU C 391 7.01 -4.92 -36.00
CA GLU C 391 7.12 -6.29 -35.53
C GLU C 391 8.56 -6.78 -35.61
N GLU C 392 9.27 -6.46 -36.68
CA GLU C 392 10.67 -6.83 -36.79
C GLU C 392 11.51 -6.10 -35.73
N ALA C 393 11.15 -4.85 -35.42
CA ALA C 393 11.84 -4.14 -34.36
C ALA C 393 11.65 -4.84 -33.02
N ILE C 394 10.42 -5.27 -32.72
CA ILE C 394 10.18 -5.98 -31.47
C ILE C 394 10.96 -7.28 -31.43
N ALA C 395 10.97 -8.01 -32.55
CA ALA C 395 11.69 -9.28 -32.59
C ALA C 395 13.18 -9.08 -32.39
N PHE C 396 13.75 -8.07 -33.04
CA PHE C 396 15.18 -7.81 -32.91
C PHE C 396 15.52 -7.36 -31.50
N ALA C 397 14.71 -6.49 -30.91
CA ALA C 397 14.96 -6.06 -29.54
C ALA C 397 14.86 -7.22 -28.57
N ASN C 398 13.89 -8.10 -28.75
CA ASN C 398 13.68 -9.22 -27.84
C ASN C 398 14.59 -10.40 -28.12
N GLU C 399 15.47 -10.28 -29.11
CA GLU C 399 16.40 -11.40 -29.46
C GLU C 399 17.68 -11.28 -28.65
N SER C 400 17.83 -10.22 -27.86
CA SER C 400 19.03 -10.04 -27.02
C SER C 400 18.98 -10.97 -25.80
N GLU C 401 20.13 -11.23 -25.18
CA GLU C 401 20.16 -12.06 -23.96
C GLU C 401 20.09 -11.12 -22.76
N PHE C 402 19.85 -9.84 -23.01
CA PHE C 402 19.80 -8.83 -21.93
C PHE C 402 18.42 -8.18 -21.90
N GLY C 403 18.08 -7.54 -20.78
CA GLY C 403 16.80 -6.82 -20.71
C GLY C 403 16.73 -5.76 -19.62
N LEU C 404 17.64 -4.78 -19.58
CA LEU C 404 17.46 -3.69 -18.62
C LEU C 404 16.39 -2.69 -19.04
N GLN C 405 16.66 -1.94 -20.12
CA GLN C 405 15.99 -0.70 -20.45
C GLN C 405 15.67 -0.70 -21.94
N SER C 406 14.85 0.25 -22.36
CA SER C 406 14.61 0.49 -23.78
C SER C 406 13.99 1.88 -23.92
N SER C 407 14.06 2.39 -25.15
CA SER C 407 13.40 3.64 -25.53
C SER C 407 12.54 3.35 -26.75
N VAL C 408 11.37 3.95 -26.82
CA VAL C 408 10.44 3.67 -27.90
C VAL C 408 9.98 4.92 -28.63
N PHE C 409 10.90 5.84 -28.91
CA PHE C 409 10.60 7.11 -29.57
C PHE C 409 9.53 6.98 -30.64
N THR C 410 8.45 7.72 -30.48
CA THR C 410 7.31 7.75 -31.40
C THR C 410 6.43 8.93 -31.02
N ASN C 411 5.30 9.07 -31.68
CA ASN C 411 4.33 10.13 -31.37
C ASN C 411 2.97 9.60 -30.96
N ASP C 412 2.55 8.47 -31.50
CA ASP C 412 1.37 7.78 -31.01
C ASP C 412 1.72 7.08 -29.69
N PHE C 413 0.94 7.33 -28.64
CA PHE C 413 1.26 6.75 -27.35
C PHE C 413 0.52 5.45 -27.05
N LYS C 414 -0.62 5.20 -27.66
CA LYS C 414 -1.16 3.85 -27.54
C LYS C 414 -0.23 2.86 -28.25
N LYS C 415 0.42 3.30 -29.34
CA LYS C 415 1.42 2.46 -30.00
C LYS C 415 2.66 2.28 -29.15
N ALA C 416 3.14 3.35 -28.51
CA ALA C 416 4.30 3.23 -27.63
C ALA C 416 3.99 2.33 -26.44
N PHE C 417 2.80 2.44 -25.88
CA PHE C 417 2.39 1.56 -24.79
C PHE C 417 2.29 0.11 -25.24
N GLU C 418 1.75 -0.14 -26.43
CA GLU C 418 1.72 -1.51 -26.96
C GLU C 418 3.13 -2.07 -27.07
N ILE C 419 4.02 -1.31 -27.70
CA ILE C 419 5.39 -1.74 -27.92
C ILE C 419 6.08 -1.98 -26.58
N ALA C 420 5.89 -1.06 -25.64
CA ALA C 420 6.50 -1.17 -24.32
C ALA C 420 6.03 -2.43 -23.61
N GLU C 421 4.76 -2.77 -23.76
CA GLU C 421 4.29 -4.00 -23.15
C GLU C 421 4.85 -5.23 -23.86
N LYS C 422 5.16 -5.15 -25.14
CA LYS C 422 5.75 -6.28 -25.87
C LYS C 422 7.24 -6.45 -25.67
N LEU C 423 7.94 -5.45 -25.14
CA LEU C 423 9.39 -5.56 -24.98
C LEU C 423 9.74 -6.33 -23.72
N GLU C 424 10.56 -7.37 -23.90
CA GLU C 424 11.07 -8.17 -22.79
C GLU C 424 12.14 -7.44 -22.01
N VAL C 425 11.76 -6.40 -21.27
CA VAL C 425 12.75 -5.51 -20.67
C VAL C 425 12.21 -5.06 -19.32
N GLY C 426 13.06 -4.44 -18.52
CA GLY C 426 12.68 -4.01 -17.20
C GLY C 426 11.98 -2.66 -17.15
N THR C 427 12.49 -1.68 -17.88
CA THR C 427 11.93 -0.33 -17.90
C THR C 427 11.89 0.12 -19.36
N VAL C 428 10.77 0.70 -19.77
CA VAL C 428 10.64 1.32 -21.08
C VAL C 428 10.54 2.82 -20.89
N HIS C 429 11.38 3.56 -21.59
CA HIS C 429 11.31 5.02 -21.60
C HIS C 429 10.64 5.43 -22.90
N ILE C 430 9.57 6.23 -22.78
CA ILE C 430 8.89 6.68 -23.97
C ILE C 430 9.37 8.08 -24.32
N ASN C 431 9.96 8.21 -25.51
CA ASN C 431 10.43 9.47 -26.07
C ASN C 431 11.58 10.04 -25.27
N ASN C 432 12.30 9.20 -24.53
CA ASN C 432 13.44 9.65 -23.76
C ASN C 432 14.54 8.60 -23.79
N LYS C 433 15.77 9.02 -23.49
CA LYS C 433 16.90 8.14 -23.26
C LYS C 433 16.65 7.28 -22.03
N THR C 434 17.27 6.11 -22.01
CA THR C 434 17.22 5.24 -20.85
C THR C 434 18.12 5.76 -19.76
N GLN C 435 17.62 5.73 -18.53
CA GLN C 435 18.36 6.19 -17.37
C GLN C 435 18.10 5.24 -16.22
N ARG C 436 19.03 5.22 -15.27
CA ARG C 436 18.69 4.74 -13.95
C ARG C 436 17.68 5.65 -13.28
N GLY C 437 17.57 6.89 -13.75
CA GLY C 437 16.42 7.72 -13.48
C GLY C 437 16.46 8.27 -12.08
N PRO C 438 15.39 8.94 -11.68
CA PRO C 438 15.23 9.27 -10.27
C PRO C 438 15.31 7.98 -9.47
N ASP C 439 16.07 7.96 -8.40
CA ASP C 439 16.37 6.68 -7.77
C ASP C 439 15.23 6.20 -6.88
N ASN C 440 14.13 6.95 -6.80
CA ASN C 440 12.91 6.35 -6.26
C ASN C 440 12.25 5.41 -7.26
N PHE C 441 12.48 5.62 -8.54
CA PHE C 441 11.94 4.80 -9.61
C PHE C 441 12.51 3.40 -9.52
N PRO C 442 11.74 2.35 -9.82
CA PRO C 442 12.30 1.00 -9.84
C PRO C 442 13.35 0.87 -10.93
N PHE C 443 14.33 0.03 -10.67
CA PHE C 443 15.38 -0.28 -11.62
C PHE C 443 15.69 -1.76 -11.59
N LEU C 444 15.43 -2.43 -12.71
CA LEU C 444 15.67 -3.85 -12.78
C LEU C 444 16.01 -4.22 -14.21
N GLY C 445 16.54 -5.44 -14.36
CA GLY C 445 16.80 -5.99 -15.69
C GLY C 445 16.25 -7.39 -15.65
N VAL C 446 15.77 -7.88 -16.78
CA VAL C 446 15.17 -9.23 -16.86
C VAL C 446 16.13 -10.08 -17.68
N LYS C 447 15.76 -11.30 -18.03
CA LYS C 447 16.61 -12.18 -18.85
C LYS C 447 17.99 -12.26 -18.18
N GLY C 448 19.06 -11.93 -18.88
CA GLY C 448 20.42 -12.07 -18.32
C GLY C 448 20.99 -10.73 -17.96
N SER C 449 20.15 -9.83 -17.49
CA SER C 449 20.59 -8.45 -17.17
C SER C 449 20.51 -8.25 -15.66
N GLY C 450 19.98 -9.25 -14.93
CA GLY C 450 20.00 -9.13 -13.47
C GLY C 450 19.01 -9.99 -12.73
N ALA C 451 18.96 -9.83 -11.40
CA ALA C 451 18.06 -10.56 -10.52
C ALA C 451 17.71 -9.66 -9.36
N GLY C 452 16.41 -9.47 -9.15
CA GLY C 452 15.96 -8.56 -8.12
C GLY C 452 15.68 -7.18 -8.69
N VAL C 453 15.11 -6.32 -7.86
CA VAL C 453 14.67 -4.99 -8.27
C VAL C 453 15.39 -3.97 -7.40
N GLN C 454 16.04 -3.01 -8.04
CA GLN C 454 16.72 -1.92 -7.38
C GLN C 454 15.77 -0.75 -7.21
N GLY C 455 16.32 0.41 -6.88
CA GLY C 455 15.53 1.55 -6.46
C GLY C 455 15.50 1.62 -4.94
N ILE C 456 15.42 2.84 -4.42
CA ILE C 456 15.64 3.06 -3.00
C ILE C 456 14.66 2.24 -2.18
N LYS C 457 13.38 2.35 -2.52
CA LYS C 457 12.35 1.64 -1.77
C LYS C 457 12.52 0.14 -1.89
N TYR C 458 12.79 -0.35 -3.10
CA TYR C 458 12.91 -1.78 -3.34
C TYR C 458 14.23 -2.33 -2.82
N SER C 459 15.29 -1.53 -2.84
CA SER C 459 16.54 -1.95 -2.22
C SER C 459 16.38 -2.08 -0.70
N ILE C 460 15.69 -1.12 -0.07
CA ILE C 460 15.47 -1.20 1.36
C ILE C 460 14.61 -2.41 1.69
N GLU C 461 13.60 -2.67 0.85
CA GLU C 461 12.72 -3.80 1.08
C GLU C 461 13.43 -5.14 0.89
N ALA C 462 14.34 -5.23 -0.09
CA ALA C 462 14.89 -6.52 -0.47
C ALA C 462 15.92 -7.03 0.52
N MET C 463 16.71 -6.14 1.12
CA MET C 463 17.67 -6.56 2.11
C MET C 463 17.04 -6.61 3.49
N THR C 464 15.87 -7.23 3.59
CA THR C 464 15.16 -7.38 4.84
C THR C 464 14.35 -8.67 4.78
N ASN C 465 14.04 -9.19 5.94
CA ASN C 465 13.24 -10.39 6.11
C ASN C 465 11.92 -10.01 6.77
N VAL C 466 10.81 -10.60 6.32
CA VAL C 466 9.56 -10.36 7.00
C VAL C 466 9.44 -11.35 8.13
N LYS C 467 8.89 -10.89 9.25
CA LYS C 467 8.53 -11.77 10.33
C LYS C 467 7.08 -11.53 10.71
N SER C 468 6.33 -12.61 10.79
CA SER C 468 4.95 -12.54 11.24
C SER C 468 4.92 -12.86 12.71
N ILE C 469 4.14 -12.08 13.45
CA ILE C 469 3.80 -12.41 14.83
C ILE C 469 2.31 -12.67 14.81
N VAL C 470 1.93 -13.91 15.13
CA VAL C 470 0.53 -14.30 15.04
C VAL C 470 0.03 -14.60 16.44
N PHE C 471 -1.02 -13.91 16.86
CA PHE C 471 -1.65 -14.14 18.15
C PHE C 471 -3.16 -14.01 17.99
N ASP C 472 -3.89 -13.97 19.10
CA ASP C 472 -5.34 -13.79 19.10
C ASP C 472 -5.74 -12.44 19.67
N MET D 1 -5.64 -52.36 -12.11
CA MET D 1 -4.53 -51.72 -12.82
C MET D 1 -5.01 -50.48 -13.55
N THR D 2 -4.80 -49.31 -12.95
CA THR D 2 -5.14 -48.05 -13.58
C THR D 2 -3.87 -47.38 -14.10
N ARG D 3 -3.93 -46.88 -15.32
CA ARG D 3 -2.79 -46.22 -15.95
C ARG D 3 -3.14 -44.75 -16.13
N TYR D 4 -2.41 -43.90 -15.42
CA TYR D 4 -2.63 -42.47 -15.49
C TYR D 4 -1.70 -41.85 -16.53
N GLN D 5 -2.12 -40.70 -17.06
CA GLN D 5 -1.41 -40.05 -18.14
C GLN D 5 -1.04 -38.63 -17.73
N ASN D 6 -0.18 -38.01 -18.55
CA ASN D 6 0.32 -36.66 -18.30
C ASN D 6 -0.45 -35.68 -19.17
N LEU D 7 -0.92 -34.59 -18.56
CA LEU D 7 -1.56 -33.55 -19.33
C LEU D 7 -0.52 -32.70 -20.02
N VAL D 8 -0.27 -32.95 -21.30
CA VAL D 8 0.72 -32.21 -22.06
C VAL D 8 0.00 -31.57 -23.23
N ASN D 9 0.05 -30.24 -23.30
CA ASN D 9 -0.51 -29.47 -24.41
C ASN D 9 -1.98 -29.81 -24.62
N GLY D 10 -2.71 -29.97 -23.52
CA GLY D 10 -4.13 -30.16 -23.54
C GLY D 10 -4.57 -31.57 -23.87
N LYS D 11 -3.64 -32.49 -24.05
CA LYS D 11 -3.94 -33.88 -24.38
C LYS D 11 -3.27 -34.80 -23.39
N TRP D 12 -3.87 -35.97 -23.19
CA TRP D 12 -3.33 -36.97 -22.26
C TRP D 12 -2.36 -37.86 -23.02
N LYS D 13 -1.08 -37.72 -22.69
CA LYS D 13 -0.05 -38.57 -23.27
C LYS D 13 0.46 -39.56 -22.23
N SER D 14 0.97 -40.68 -22.73
CA SER D 14 1.58 -41.69 -21.90
C SER D 14 2.93 -42.06 -22.50
N SER D 15 3.82 -42.55 -21.66
CA SER D 15 5.15 -42.98 -22.10
C SER D 15 5.19 -44.49 -22.18
N GLU D 16 6.16 -44.99 -22.95
CA GLU D 16 6.29 -46.44 -23.10
C GLU D 16 6.82 -47.08 -21.84
N GLN D 17 7.47 -46.31 -20.98
CA GLN D 17 7.99 -46.81 -19.71
C GLN D 17 7.20 -46.18 -18.56
N GLU D 18 6.83 -46.99 -17.58
CA GLU D 18 5.90 -46.56 -16.55
C GLU D 18 6.43 -46.90 -15.16
N ILE D 19 5.99 -46.13 -14.17
CA ILE D 19 6.33 -46.36 -12.76
C ILE D 19 5.09 -46.85 -12.03
N THR D 20 5.26 -47.85 -11.18
CA THR D 20 4.13 -48.38 -10.41
C THR D 20 4.11 -47.77 -9.02
N ILE D 21 2.91 -47.45 -8.56
CA ILE D 21 2.71 -46.83 -7.25
C ILE D 21 2.11 -47.87 -6.31
N TYR D 22 2.72 -48.03 -5.15
CA TYR D 22 2.26 -48.96 -4.13
C TYR D 22 1.88 -48.17 -2.89
N SER D 23 0.73 -48.49 -2.32
CA SER D 23 0.25 -47.75 -1.16
C SER D 23 1.13 -48.03 0.05
N PRO D 24 1.50 -47.00 0.81
CA PRO D 24 2.31 -47.23 2.01
C PRO D 24 1.58 -47.98 3.10
N ILE D 25 0.31 -48.32 2.90
CA ILE D 25 -0.49 -49.00 3.92
C ILE D 25 -0.32 -50.50 3.75
N ASN D 26 -0.72 -51.01 2.59
CA ASN D 26 -0.77 -52.44 2.32
C ASN D 26 0.23 -52.87 1.26
N GLN D 27 0.95 -51.94 0.65
CA GLN D 27 1.83 -52.21 -0.48
C GLN D 27 1.06 -52.83 -1.64
N GLU D 28 -0.17 -52.37 -1.82
CA GLU D 28 -1.01 -52.84 -2.92
C GLU D 28 -0.77 -52.00 -4.16
N GLU D 29 -0.80 -52.65 -5.32
CA GLU D 29 -0.64 -51.92 -6.57
C GLU D 29 -1.79 -50.92 -6.68
N LEU D 30 -1.43 -49.65 -6.79
CA LEU D 30 -2.39 -48.57 -6.66
C LEU D 30 -2.66 -47.87 -7.98
N GLY D 31 -1.86 -48.13 -9.00
CA GLY D 31 -1.95 -47.45 -10.26
C GLY D 31 -0.59 -47.45 -10.94
N THR D 32 -0.50 -46.69 -12.03
CA THR D 32 0.76 -46.65 -12.77
C THR D 32 0.83 -45.30 -13.49
N VAL D 33 1.92 -44.58 -13.26
CA VAL D 33 2.13 -43.26 -13.86
C VAL D 33 3.23 -43.34 -14.91
N PRO D 34 3.23 -42.49 -15.93
CA PRO D 34 4.28 -42.56 -16.94
C PRO D 34 5.64 -42.21 -16.37
N ALA D 35 6.67 -42.70 -17.05
CA ALA D 35 8.05 -42.39 -16.71
C ALA D 35 8.69 -41.82 -17.96
N MET D 36 8.49 -40.54 -18.23
CA MET D 36 8.81 -40.01 -19.54
C MET D 36 10.25 -39.50 -19.55
N THR D 37 10.68 -39.05 -20.72
CA THR D 37 12.09 -38.88 -21.05
C THR D 37 12.45 -37.41 -21.20
N GLN D 38 13.72 -37.19 -21.55
CA GLN D 38 14.20 -35.84 -21.83
C GLN D 38 13.38 -35.18 -22.92
N THR D 39 13.07 -35.92 -23.98
CA THR D 39 12.44 -35.35 -25.17
C THR D 39 10.97 -35.01 -24.90
N GLU D 40 10.28 -35.85 -24.15
CA GLU D 40 8.89 -35.56 -23.82
C GLU D 40 8.79 -34.34 -22.91
N ALA D 41 9.75 -34.19 -22.00
CA ALA D 41 9.83 -32.97 -21.20
C ALA D 41 10.09 -31.75 -22.08
N ASP D 42 10.97 -31.89 -23.07
CA ASP D 42 11.18 -30.80 -24.02
C ASP D 42 9.89 -30.43 -24.74
N GLU D 43 9.13 -31.43 -25.16
CA GLU D 43 7.89 -31.17 -25.88
C GLU D 43 6.88 -30.45 -25.00
N ALA D 44 6.75 -30.87 -23.74
CA ALA D 44 5.84 -30.19 -22.81
C ALA D 44 6.26 -28.73 -22.60
N MET D 45 7.56 -28.50 -22.44
CA MET D 45 8.04 -27.14 -22.23
C MET D 45 7.79 -26.28 -23.46
N GLN D 46 7.98 -26.86 -24.66
CA GLN D 46 7.69 -26.14 -25.89
C GLN D 46 6.21 -25.78 -25.98
N ALA D 47 5.34 -26.72 -25.57
CA ALA D 47 3.92 -26.47 -25.57
C ALA D 47 3.57 -25.30 -24.66
N ALA D 48 4.18 -25.23 -23.48
CA ALA D 48 3.94 -24.10 -22.60
C ALA D 48 4.47 -22.78 -23.16
N ARG D 49 5.66 -22.79 -23.76
CA ARG D 49 6.19 -21.56 -24.31
C ARG D 49 5.34 -21.06 -25.46
N ALA D 50 4.73 -21.97 -26.21
CA ALA D 50 3.78 -21.59 -27.24
C ALA D 50 2.44 -21.15 -26.68
N ALA D 51 2.04 -21.65 -25.52
CA ALA D 51 0.78 -21.28 -24.91
C ALA D 51 0.82 -19.98 -24.13
N LEU D 52 2.00 -19.48 -23.78
CA LEU D 52 2.03 -18.19 -23.09
C LEU D 52 1.22 -17.08 -23.72
N PRO D 53 1.55 -16.59 -24.92
CA PRO D 53 0.99 -15.31 -25.36
C PRO D 53 -0.52 -15.24 -25.35
N ALA D 54 -1.22 -16.30 -25.73
CA ALA D 54 -2.69 -16.27 -25.72
C ALA D 54 -3.26 -16.30 -24.32
N TRP D 55 -2.48 -16.69 -23.33
CA TRP D 55 -2.92 -16.74 -21.94
C TRP D 55 -2.52 -15.51 -21.16
N ARG D 56 -1.31 -15.02 -21.32
CA ARG D 56 -0.93 -13.68 -20.90
C ARG D 56 -1.82 -12.61 -21.50
N ALA D 57 -2.35 -12.84 -22.70
CA ALA D 57 -3.20 -11.88 -23.39
C ALA D 57 -4.62 -11.83 -22.83
N LEU D 58 -5.06 -12.89 -22.16
CA LEU D 58 -6.38 -12.89 -21.56
C LEU D 58 -6.46 -11.84 -20.48
N SER D 59 -7.66 -11.43 -20.13
CA SER D 59 -7.84 -10.51 -19.01
C SER D 59 -7.80 -11.31 -17.72
N ALA D 60 -7.62 -10.62 -16.60
CA ALA D 60 -7.47 -11.31 -15.33
C ALA D 60 -8.74 -12.05 -14.93
N ILE D 61 -9.90 -11.50 -15.30
CA ILE D 61 -11.16 -12.07 -14.85
C ILE D 61 -11.45 -13.38 -15.58
N GLU D 62 -10.98 -13.53 -16.82
CA GLU D 62 -11.17 -14.77 -17.55
C GLU D 62 -10.28 -15.89 -17.01
N ARG D 63 -9.02 -15.56 -16.74
CA ARG D 63 -8.11 -16.50 -16.10
C ARG D 63 -8.65 -16.89 -14.73
N ALA D 64 -9.31 -15.95 -14.06
CA ALA D 64 -9.91 -16.27 -12.77
C ALA D 64 -11.12 -17.18 -12.91
N ALA D 65 -11.88 -17.01 -13.99
CA ALA D 65 -13.02 -17.88 -14.26
C ALA D 65 -12.58 -19.33 -14.43
N TYR D 66 -11.48 -19.57 -15.14
CA TYR D 66 -11.01 -20.94 -15.27
C TYR D 66 -10.68 -21.56 -13.90
N LEU D 67 -10.00 -20.79 -13.04
CA LEU D 67 -9.65 -21.26 -11.71
C LEU D 67 -10.86 -21.52 -10.84
N HIS D 68 -11.89 -20.68 -10.94
CA HIS D 68 -13.12 -20.93 -10.20
C HIS D 68 -13.78 -22.23 -10.64
N LYS D 69 -13.80 -22.48 -11.95
CA LYS D 69 -14.33 -23.76 -12.44
C LYS D 69 -13.53 -24.94 -11.92
N THR D 70 -12.20 -24.81 -11.89
CA THR D 70 -11.36 -25.88 -11.33
C THR D 70 -11.72 -26.15 -9.88
N ALA D 71 -11.89 -25.10 -9.08
CA ALA D 71 -12.24 -25.28 -7.68
C ALA D 71 -13.59 -25.97 -7.52
N ALA D 72 -14.56 -25.60 -8.36
CA ALA D 72 -15.86 -26.25 -8.28
C ALA D 72 -15.74 -27.74 -8.59
N ILE D 73 -14.97 -28.08 -9.62
CA ILE D 73 -14.80 -29.50 -9.94
C ILE D 73 -14.07 -30.24 -8.83
N LEU D 74 -13.09 -29.60 -8.18
CA LEU D 74 -12.42 -30.22 -7.04
C LEU D 74 -13.36 -30.49 -5.87
N GLU D 75 -14.21 -29.52 -5.52
CA GLU D 75 -15.24 -29.79 -4.52
C GLU D 75 -16.19 -30.89 -4.94
N ARG D 76 -16.41 -31.05 -6.25
CA ARG D 76 -17.33 -32.09 -6.72
C ARG D 76 -16.82 -33.48 -6.37
N ASP D 77 -15.52 -33.71 -6.46
CA ASP D 77 -14.95 -35.04 -6.40
C ASP D 77 -14.09 -35.19 -5.14
N LYS D 78 -14.61 -34.71 -4.01
CA LYS D 78 -13.85 -34.80 -2.77
C LYS D 78 -13.53 -36.25 -2.43
N GLU D 79 -14.51 -37.15 -2.57
CA GLU D 79 -14.34 -38.52 -2.11
C GLU D 79 -13.38 -39.30 -2.99
N LYS D 80 -13.47 -39.13 -4.31
CA LYS D 80 -12.59 -39.84 -5.21
C LYS D 80 -11.13 -39.42 -5.01
N ILE D 81 -10.87 -38.11 -5.07
CA ILE D 81 -9.53 -37.59 -4.86
C ILE D 81 -9.05 -37.94 -3.47
N GLY D 82 -9.92 -37.81 -2.48
CA GLY D 82 -9.51 -38.04 -1.10
C GLY D 82 -9.16 -39.49 -0.83
N THR D 83 -9.93 -40.42 -1.37
CA THR D 83 -9.63 -41.84 -1.18
C THR D 83 -8.32 -42.21 -1.86
N ILE D 84 -8.09 -41.71 -3.08
CA ILE D 84 -6.83 -42.05 -3.75
C ILE D 84 -5.65 -41.41 -3.02
N LEU D 85 -5.82 -40.18 -2.52
CA LEU D 85 -4.77 -39.52 -1.74
C LEU D 85 -4.48 -40.25 -0.44
N ALA D 86 -5.52 -40.68 0.27
CA ALA D 86 -5.35 -41.44 1.51
C ALA D 86 -4.62 -42.74 1.26
N LYS D 87 -4.98 -43.45 0.20
CA LYS D 87 -4.26 -44.66 -0.18
C LYS D 87 -2.81 -44.39 -0.51
N GLU D 88 -2.53 -43.32 -1.24
CA GLU D 88 -1.20 -43.08 -1.79
C GLU D 88 -0.21 -42.50 -0.79
N VAL D 89 -0.63 -41.68 0.16
CA VAL D 89 0.36 -41.15 1.10
C VAL D 89 0.04 -41.56 2.53
N ALA D 90 -0.88 -42.52 2.70
CA ALA D 90 -1.21 -43.06 4.04
C ALA D 90 -1.73 -41.94 4.96
N LYS D 91 -2.59 -41.07 4.45
CA LYS D 91 -3.15 -39.95 5.23
C LYS D 91 -4.56 -40.35 5.68
N GLY D 92 -5.00 -39.89 6.85
CA GLY D 92 -6.37 -40.18 7.29
C GLY D 92 -7.38 -39.84 6.22
N ILE D 93 -8.45 -40.62 6.11
CA ILE D 93 -9.43 -40.40 5.00
C ILE D 93 -10.16 -39.07 5.22
N LYS D 94 -10.43 -38.70 6.47
CA LYS D 94 -11.16 -37.45 6.77
C LYS D 94 -10.24 -36.26 6.52
N ALA D 95 -8.94 -36.43 6.76
CA ALA D 95 -7.98 -35.36 6.53
C ALA D 95 -7.59 -35.26 5.06
N ALA D 96 -7.67 -36.36 4.31
CA ALA D 96 -7.45 -36.26 2.87
C ALA D 96 -8.57 -35.49 2.19
N ILE D 97 -9.82 -35.79 2.55
CA ILE D 97 -10.94 -35.01 2.02
C ILE D 97 -10.81 -33.54 2.45
N GLY D 98 -10.36 -33.31 3.69
CA GLY D 98 -10.15 -31.96 4.15
C GLY D 98 -9.08 -31.24 3.36
N GLU D 99 -8.04 -31.95 2.95
CA GLU D 99 -7.01 -31.34 2.13
C GLU D 99 -7.55 -30.94 0.76
N VAL D 100 -8.40 -31.78 0.18
CA VAL D 100 -9.00 -31.40 -1.10
C VAL D 100 -9.89 -30.16 -0.94
N VAL D 101 -10.67 -30.09 0.15
CA VAL D 101 -11.51 -28.93 0.39
C VAL D 101 -10.67 -27.66 0.59
N ARG D 102 -9.63 -27.76 1.40
CA ARG D 102 -8.73 -26.64 1.61
C ARG D 102 -8.06 -26.19 0.32
N THR D 103 -7.73 -27.12 -0.56
CA THR D 103 -7.19 -26.81 -1.88
C THR D 103 -8.16 -26.00 -2.73
N ALA D 104 -9.42 -26.42 -2.76
CA ALA D 104 -10.42 -25.65 -3.52
C ALA D 104 -10.56 -24.24 -2.97
N ASP D 105 -10.62 -24.10 -1.64
CA ASP D 105 -10.67 -22.76 -1.05
C ASP D 105 -9.43 -21.94 -1.38
N LEU D 106 -8.25 -22.57 -1.36
CA LEU D 106 -7.03 -21.87 -1.68
C LEU D 106 -7.06 -21.31 -3.10
N ILE D 107 -7.54 -22.10 -4.06
CA ILE D 107 -7.44 -21.62 -5.44
C ILE D 107 -8.54 -20.59 -5.73
N ARG D 108 -9.68 -20.69 -5.05
CA ARG D 108 -10.66 -19.60 -5.17
C ARG D 108 -10.07 -18.29 -4.68
N TYR D 109 -9.48 -18.33 -3.48
CA TYR D 109 -8.83 -17.15 -2.93
C TYR D 109 -7.71 -16.63 -3.81
N ALA D 110 -6.91 -17.50 -4.41
CA ALA D 110 -5.83 -17.06 -5.27
C ALA D 110 -6.35 -16.36 -6.52
N ALA D 111 -7.42 -16.90 -7.13
CA ALA D 111 -8.01 -16.24 -8.28
C ALA D 111 -8.50 -14.84 -7.91
N GLU D 112 -9.27 -14.72 -6.85
CA GLU D 112 -9.84 -13.42 -6.49
C GLU D 112 -8.81 -12.45 -5.96
N GLU D 113 -7.71 -12.94 -5.43
CA GLU D 113 -6.61 -12.07 -5.01
C GLU D 113 -5.73 -11.62 -6.15
N GLY D 114 -5.51 -12.46 -7.17
CA GLY D 114 -4.66 -12.08 -8.27
C GLY D 114 -5.37 -11.25 -9.31
N LEU D 115 -6.70 -11.26 -9.32
CA LEU D 115 -7.32 -10.29 -10.24
C LEU D 115 -7.43 -8.90 -9.65
N ARG D 116 -6.61 -8.52 -8.68
CA ARG D 116 -6.84 -7.32 -7.91
C ARG D 116 -5.50 -6.65 -7.58
N ILE D 117 -4.51 -6.87 -8.42
CA ILE D 117 -3.17 -6.35 -8.20
C ILE D 117 -3.07 -4.99 -8.87
N THR D 118 -2.68 -3.97 -8.10
CA THR D 118 -2.56 -2.61 -8.60
C THR D 118 -1.10 -2.23 -8.71
N GLY D 119 -0.78 -1.42 -9.71
CA GLY D 119 0.56 -0.91 -9.85
C GLY D 119 0.74 0.39 -9.12
N GLN D 120 1.92 1.00 -9.25
CA GLN D 120 2.19 2.30 -8.70
C GLN D 120 2.32 3.28 -9.84
N ALA D 121 2.18 4.55 -9.54
CA ALA D 121 2.24 5.64 -10.51
C ALA D 121 3.09 6.76 -9.97
N MET D 122 4.32 6.43 -9.58
CA MET D 122 5.14 7.38 -8.85
C MET D 122 5.71 8.47 -9.75
N GLU D 123 6.11 9.56 -9.13
CA GLU D 123 6.58 10.77 -9.79
C GLU D 123 8.03 11.01 -9.43
N GLY D 124 8.69 11.84 -10.23
CA GLY D 124 10.10 12.08 -10.01
C GLY D 124 10.43 13.29 -9.15
N GLY D 125 9.43 14.15 -8.90
CA GLY D 125 9.73 15.45 -8.33
C GLY D 125 10.02 15.42 -6.84
N GLY D 126 9.70 14.32 -6.18
CA GLY D 126 10.06 14.21 -4.77
C GLY D 126 11.52 13.85 -4.57
N PHE D 127 12.15 13.26 -5.58
CA PHE D 127 13.57 12.93 -5.51
C PHE D 127 14.43 14.10 -5.95
N GLU D 128 14.12 14.68 -7.10
CA GLU D 128 14.87 15.83 -7.59
C GLU D 128 13.93 16.69 -8.42
N ALA D 129 14.25 17.97 -8.51
CA ALA D 129 13.41 18.92 -9.23
C ALA D 129 13.58 18.84 -10.74
N ALA D 130 14.66 18.21 -11.22
CA ALA D 130 14.86 18.08 -12.65
C ALA D 130 14.02 16.97 -13.24
N SER D 131 13.38 16.17 -12.40
CA SER D 131 12.61 15.02 -12.82
C SER D 131 11.15 15.19 -12.45
N LYS D 132 10.74 16.43 -12.19
CA LYS D 132 9.40 16.70 -11.70
C LYS D 132 8.35 16.27 -12.71
N ASN D 133 8.64 16.41 -14.00
CA ASN D 133 7.71 16.05 -15.06
C ASN D 133 8.12 14.68 -15.58
N LYS D 134 7.83 13.64 -14.80
CA LYS D 134 8.23 12.30 -15.15
C LYS D 134 7.36 11.33 -14.37
N LEU D 135 6.66 10.48 -15.08
CA LEU D 135 5.77 9.53 -14.47
C LEU D 135 6.23 8.13 -14.82
N ALA D 136 6.40 7.30 -13.79
CA ALA D 136 6.69 5.88 -13.97
C ALA D 136 5.40 5.13 -13.66
N VAL D 137 4.78 4.55 -14.67
CA VAL D 137 3.67 3.63 -14.44
C VAL D 137 4.25 2.24 -14.27
N VAL D 138 4.41 1.82 -13.02
CA VAL D 138 5.12 0.59 -12.70
C VAL D 138 4.09 -0.48 -12.35
N ARG D 139 4.09 -1.54 -13.13
CA ARG D 139 3.10 -2.61 -13.04
C ARG D 139 3.82 -3.96 -13.02
N ARG D 140 3.06 -5.03 -13.14
CA ARG D 140 3.58 -6.37 -12.95
C ARG D 140 3.22 -7.26 -14.13
N GLU D 141 4.17 -8.11 -14.51
CA GLU D 141 4.10 -8.97 -15.69
C GLU D 141 4.51 -10.39 -15.32
N PRO D 142 3.99 -11.40 -16.00
CA PRO D 142 4.40 -12.77 -15.70
C PRO D 142 5.89 -13.01 -15.88
N VAL D 143 6.44 -14.03 -15.24
CA VAL D 143 7.82 -14.44 -15.50
C VAL D 143 7.85 -15.32 -16.75
N GLY D 144 6.83 -16.13 -16.94
CA GLY D 144 6.82 -17.05 -18.06
C GLY D 144 6.38 -18.43 -17.62
N ILE D 145 7.29 -19.39 -17.75
CA ILE D 145 7.03 -20.77 -17.35
C ILE D 145 7.49 -20.99 -15.92
N VAL D 146 6.65 -21.65 -15.13
CA VAL D 146 6.91 -21.91 -13.72
C VAL D 146 6.93 -23.42 -13.50
N LEU D 147 7.98 -23.91 -12.84
CA LEU D 147 8.02 -25.26 -12.30
C LEU D 147 7.39 -25.25 -10.91
N ALA D 148 6.57 -26.25 -10.63
CA ALA D 148 5.83 -26.34 -9.39
C ALA D 148 6.06 -27.69 -8.74
N ILE D 149 7.32 -28.03 -8.50
CA ILE D 149 7.68 -29.29 -7.84
C ILE D 149 7.05 -29.39 -6.47
N ALA D 150 6.26 -30.44 -6.25
CA ALA D 150 5.38 -30.60 -5.10
C ALA D 150 5.90 -31.69 -4.16
N PRO D 151 5.55 -31.62 -2.88
CA PRO D 151 6.00 -32.65 -1.93
C PRO D 151 4.99 -33.77 -1.77
N PHE D 152 5.42 -34.82 -1.07
CA PHE D 152 4.54 -35.96 -0.85
C PHE D 152 3.49 -35.71 0.22
N ASN D 153 3.81 -34.88 1.21
CA ASN D 153 2.94 -34.76 2.37
C ASN D 153 1.65 -34.04 2.03
N TYR D 154 1.69 -33.04 1.17
CA TYR D 154 0.50 -32.46 0.56
C TYR D 154 0.68 -32.42 -0.95
N PRO D 155 0.30 -33.49 -1.66
CA PRO D 155 0.47 -33.52 -3.12
C PRO D 155 -0.55 -32.68 -3.87
N VAL D 156 -1.65 -32.29 -3.23
CA VAL D 156 -2.74 -31.59 -3.89
C VAL D 156 -2.76 -30.16 -3.40
N ASN D 157 -2.58 -29.97 -2.10
CA ASN D 157 -2.66 -28.63 -1.53
C ASN D 157 -1.41 -27.81 -1.84
N LEU D 158 -0.23 -28.41 -1.63
CA LEU D 158 1.02 -27.70 -1.82
C LEU D 158 1.47 -27.67 -3.28
N SER D 159 0.72 -28.31 -4.17
CA SER D 159 0.92 -28.08 -5.58
C SER D 159 0.00 -27.00 -6.11
N ALA D 160 -1.24 -26.95 -5.62
CA ALA D 160 -2.14 -25.87 -5.98
C ALA D 160 -1.66 -24.53 -5.43
N SER D 161 -1.00 -24.54 -4.27
CA SER D 161 -0.47 -23.30 -3.72
C SER D 161 0.64 -22.74 -4.59
N LYS D 162 1.19 -23.54 -5.50
CA LYS D 162 2.15 -23.05 -6.49
C LYS D 162 1.50 -22.76 -7.82
N ILE D 163 0.50 -23.55 -8.20
CA ILE D 163 -0.15 -23.45 -9.50
C ILE D 163 -1.07 -22.24 -9.57
N ALA D 164 -1.99 -22.10 -8.61
CA ALA D 164 -2.99 -21.04 -8.71
C ALA D 164 -2.38 -19.64 -8.66
N PRO D 165 -1.47 -19.32 -7.72
CA PRO D 165 -0.84 -17.99 -7.74
C PRO D 165 -0.03 -17.71 -8.99
N ALA D 166 0.42 -18.74 -9.70
CA ALA D 166 1.09 -18.59 -10.98
C ALA D 166 0.12 -18.39 -12.13
N LEU D 167 -0.92 -19.21 -12.21
CA LEU D 167 -1.86 -19.10 -13.32
C LEU D 167 -2.65 -17.80 -13.27
N ILE D 168 -3.02 -17.31 -12.09
CA ILE D 168 -3.75 -16.06 -12.05
C ILE D 168 -2.87 -14.88 -12.44
N ALA D 169 -1.56 -14.99 -12.27
CA ALA D 169 -0.67 -13.89 -12.61
C ALA D 169 -0.42 -13.79 -14.10
N GLY D 170 -0.77 -14.82 -14.88
CA GLY D 170 -0.57 -14.81 -16.30
C GLY D 170 0.48 -15.80 -16.76
N ASN D 171 0.99 -16.60 -15.82
CA ASN D 171 2.03 -17.59 -16.04
C ASN D 171 1.42 -18.89 -16.51
N VAL D 172 2.24 -19.71 -17.17
CA VAL D 172 1.91 -21.09 -17.44
C VAL D 172 2.86 -21.94 -16.61
N VAL D 173 2.41 -23.14 -16.24
CA VAL D 173 3.10 -23.92 -15.22
C VAL D 173 3.40 -25.32 -15.73
N MET D 174 4.50 -25.87 -15.25
CA MET D 174 4.81 -27.30 -15.25
C MET D 174 4.61 -27.81 -13.85
N LEU D 175 3.77 -28.81 -13.69
CA LEU D 175 3.67 -29.48 -12.40
C LEU D 175 4.46 -30.79 -12.44
N LYS D 176 5.41 -30.92 -11.51
CA LYS D 176 6.14 -32.15 -11.31
C LYS D 176 5.64 -32.76 -10.01
N PRO D 177 4.68 -33.67 -10.07
CA PRO D 177 4.16 -34.29 -8.86
C PRO D 177 5.24 -35.11 -8.18
N PRO D 178 5.10 -35.36 -6.87
CA PRO D 178 6.14 -36.13 -6.18
C PRO D 178 6.19 -37.55 -6.71
N THR D 179 7.26 -38.28 -6.39
CA THR D 179 7.34 -39.67 -6.81
C THR D 179 6.24 -40.50 -6.17
N GLN D 180 5.99 -40.27 -4.89
CA GLN D 180 4.93 -40.95 -4.14
C GLN D 180 3.84 -39.92 -3.89
N GLY D 181 2.85 -39.88 -4.77
CA GLY D 181 1.85 -38.83 -4.73
C GLY D 181 1.58 -38.31 -6.11
N SER D 182 2.18 -38.96 -7.12
CA SER D 182 2.02 -38.52 -8.49
C SER D 182 0.59 -38.66 -8.95
N ILE D 183 -0.10 -39.71 -8.51
CA ILE D 183 -1.47 -39.93 -8.94
C ILE D 183 -2.36 -38.78 -8.47
N SER D 184 -2.08 -38.24 -7.30
CA SER D 184 -2.84 -37.12 -6.77
C SER D 184 -2.62 -35.85 -7.61
N GLY D 185 -1.37 -35.60 -8.01
CA GLY D 185 -1.11 -34.51 -8.92
C GLY D 185 -1.78 -34.68 -10.27
N LEU D 186 -1.83 -35.91 -10.77
CA LEU D 186 -2.49 -36.16 -12.04
C LEU D 186 -4.00 -36.03 -11.92
N LEU D 187 -4.55 -36.29 -10.74
CA LEU D 187 -5.97 -36.06 -10.52
C LEU D 187 -6.28 -34.56 -10.44
N LEU D 188 -5.39 -33.79 -9.81
CA LEU D 188 -5.51 -32.34 -9.87
C LEU D 188 -5.42 -31.84 -11.30
N ALA D 189 -4.57 -32.46 -12.12
CA ALA D 189 -4.51 -32.13 -13.54
C ALA D 189 -5.82 -32.51 -14.25
N LYS D 190 -6.42 -33.63 -13.86
CA LYS D 190 -7.74 -33.98 -14.38
C LYS D 190 -8.74 -32.85 -14.13
N ALA D 191 -8.76 -32.33 -12.91
CA ALA D 191 -9.68 -31.25 -12.57
C ALA D 191 -9.39 -30.00 -13.40
N PHE D 192 -8.11 -29.65 -13.54
CA PHE D 192 -7.74 -28.49 -14.34
C PHE D 192 -8.14 -28.63 -15.81
N GLU D 193 -7.89 -29.79 -16.39
CA GLU D 193 -8.24 -30.02 -17.80
C GLU D 193 -9.75 -30.01 -18.00
N GLU D 194 -10.49 -30.66 -17.10
CA GLU D 194 -11.95 -30.63 -17.16
C GLU D 194 -12.51 -29.23 -17.00
N ALA D 195 -11.85 -28.35 -16.25
CA ALA D 195 -12.27 -26.97 -16.12
C ALA D 195 -12.17 -26.21 -17.43
N GLY D 196 -11.50 -26.76 -18.42
CA GLY D 196 -11.40 -26.13 -19.72
C GLY D 196 -10.22 -25.21 -19.87
N ILE D 197 -9.23 -25.38 -19.00
CA ILE D 197 -8.03 -24.55 -18.99
C ILE D 197 -7.42 -24.69 -20.38
N PRO D 198 -6.92 -23.61 -20.98
CA PRO D 198 -6.44 -23.70 -22.36
C PRO D 198 -5.28 -24.68 -22.50
N ALA D 199 -5.06 -25.11 -23.73
CA ALA D 199 -4.07 -26.15 -24.00
C ALA D 199 -2.66 -25.59 -23.90
N GLY D 200 -1.86 -26.19 -23.02
CA GLY D 200 -0.49 -25.83 -22.83
C GLY D 200 -0.24 -24.91 -21.66
N VAL D 201 -1.28 -24.38 -21.02
CA VAL D 201 -1.04 -23.50 -19.89
C VAL D 201 -0.83 -24.32 -18.63
N PHE D 202 -1.33 -25.55 -18.60
CA PHE D 202 -1.06 -26.49 -17.52
C PHE D 202 -0.52 -27.78 -18.10
N ASN D 203 0.65 -28.19 -17.61
CA ASN D 203 1.31 -29.40 -18.06
C ASN D 203 1.87 -30.13 -16.85
N THR D 204 1.87 -31.45 -16.92
CA THR D 204 2.43 -32.26 -15.83
C THR D 204 3.57 -33.10 -16.36
N ILE D 205 4.53 -33.36 -15.49
CA ILE D 205 5.75 -34.09 -15.83
C ILE D 205 6.02 -35.16 -14.79
N THR D 206 5.75 -36.41 -15.13
CA THR D 206 6.01 -37.53 -14.25
C THR D 206 7.12 -38.40 -14.84
N GLY D 207 8.01 -38.84 -13.96
CA GLY D 207 9.09 -39.71 -14.39
C GLY D 207 10.04 -40.00 -13.25
N ARG D 208 11.04 -40.82 -13.57
CA ARG D 208 12.09 -41.12 -12.61
C ARG D 208 12.95 -39.88 -12.41
N GLY D 209 13.32 -39.61 -11.16
CA GLY D 209 14.09 -38.42 -10.87
C GLY D 209 15.39 -38.37 -11.64
N SER D 210 16.12 -39.48 -11.68
CA SER D 210 17.43 -39.54 -12.32
C SER D 210 17.36 -39.34 -13.83
N GLU D 211 16.17 -39.44 -14.42
CA GLU D 211 15.99 -39.09 -15.82
C GLU D 211 15.46 -37.69 -16.01
N ILE D 212 14.25 -37.41 -15.56
CA ILE D 212 13.62 -36.10 -15.92
C ILE D 212 13.62 -35.13 -14.75
N GLY D 213 14.62 -35.17 -13.87
CA GLY D 213 14.60 -34.31 -12.68
C GLY D 213 15.45 -33.08 -12.85
N ASP D 214 16.76 -33.21 -12.66
CA ASP D 214 17.69 -32.07 -12.84
C ASP D 214 17.58 -31.53 -14.27
N TYR D 215 17.13 -32.35 -15.22
CA TYR D 215 16.95 -31.87 -16.61
C TYR D 215 15.89 -30.78 -16.65
N ILE D 216 14.67 -31.12 -16.25
CA ILE D 216 13.59 -30.14 -16.24
C ILE D 216 13.90 -29.01 -15.28
N ILE D 217 14.71 -29.25 -14.26
CA ILE D 217 14.85 -28.20 -13.27
C ILE D 217 15.97 -27.24 -13.71
N GLU D 218 16.57 -27.50 -14.86
CA GLU D 218 17.57 -26.60 -15.42
C GLU D 218 17.38 -26.28 -16.90
N HIS D 219 16.19 -26.56 -17.44
CA HIS D 219 15.85 -26.19 -18.81
C HIS D 219 15.98 -24.69 -19.00
N LYS D 220 16.20 -24.28 -20.24
CA LYS D 220 16.34 -22.86 -20.54
C LYS D 220 14.98 -22.16 -20.56
N GLU D 221 13.92 -22.93 -20.80
CA GLU D 221 12.60 -22.32 -20.89
C GLU D 221 11.93 -22.15 -19.55
N VAL D 222 12.50 -22.72 -18.48
CA VAL D 222 11.92 -22.56 -17.16
C VAL D 222 12.33 -21.20 -16.63
N ASN D 223 11.37 -20.44 -16.12
CA ASN D 223 11.61 -19.07 -15.68
C ASN D 223 11.54 -18.89 -14.19
N PHE D 224 11.06 -19.88 -13.44
CA PHE D 224 10.84 -19.76 -12.01
C PHE D 224 10.73 -21.18 -11.47
N ILE D 225 11.55 -21.51 -10.48
CA ILE D 225 11.40 -22.78 -9.78
C ILE D 225 10.66 -22.53 -8.47
N ASN D 226 9.59 -23.28 -8.25
CA ASN D 226 8.86 -23.24 -6.99
C ASN D 226 8.89 -24.66 -6.43
N PHE D 227 9.71 -24.86 -5.41
CA PHE D 227 10.00 -26.18 -4.89
C PHE D 227 9.67 -26.26 -3.41
N THR D 228 8.96 -27.32 -3.02
CA THR D 228 8.76 -27.68 -1.63
C THR D 228 9.31 -29.08 -1.43
N GLY D 229 10.10 -29.27 -0.39
CA GLY D 229 10.72 -30.56 -0.18
C GLY D 229 11.77 -30.58 0.90
N SER D 230 12.92 -31.16 0.59
CA SER D 230 13.95 -31.40 1.58
C SER D 230 15.05 -30.35 1.48
N THR D 231 15.74 -30.09 2.58
CA THR D 231 16.78 -29.08 2.55
C THR D 231 17.97 -29.43 1.66
N PRO D 232 18.50 -30.68 1.64
CA PRO D 232 19.55 -31.00 0.66
C PRO D 232 19.14 -30.76 -0.79
N ILE D 233 17.95 -31.22 -1.14
CA ILE D 233 17.45 -31.06 -2.50
C ILE D 233 17.24 -29.58 -2.81
N GLY D 234 16.80 -28.82 -1.83
CA GLY D 234 16.69 -27.39 -1.97
C GLY D 234 18.02 -26.70 -2.19
N GLU D 235 19.05 -27.15 -1.49
CA GLU D 235 20.41 -26.68 -1.76
C GLU D 235 20.81 -26.94 -3.21
N ARG D 236 20.61 -28.17 -3.69
CA ARG D 236 20.92 -28.48 -5.07
C ARG D 236 20.12 -27.64 -6.06
N ILE D 237 18.85 -27.35 -5.76
CA ILE D 237 18.04 -26.56 -6.67
C ILE D 237 18.47 -25.10 -6.67
N GLY D 238 18.81 -24.54 -5.52
CA GLY D 238 19.38 -23.22 -5.50
C GLY D 238 20.68 -23.14 -6.28
N ARG D 239 21.42 -24.26 -6.31
CA ARG D 239 22.64 -24.33 -7.11
C ARG D 239 22.32 -24.37 -8.61
N LEU D 240 21.39 -25.25 -9.00
CA LEU D 240 21.11 -25.51 -10.42
C LEU D 240 20.26 -24.44 -11.08
N ALA D 241 19.55 -23.62 -10.31
CA ALA D 241 18.71 -22.58 -10.90
C ALA D 241 19.57 -21.53 -11.59
N GLY D 242 20.65 -21.12 -10.94
CA GLY D 242 21.50 -20.07 -11.46
C GLY D 242 21.12 -18.73 -10.88
N MET D 243 20.85 -17.79 -11.79
CA MET D 243 20.31 -16.50 -11.41
C MET D 243 18.81 -16.39 -11.68
N ARG D 244 18.15 -17.48 -12.01
CA ARG D 244 16.70 -17.52 -12.15
C ARG D 244 16.02 -17.47 -10.79
N PRO D 245 14.83 -16.86 -10.72
CA PRO D 245 14.12 -16.76 -9.44
C PRO D 245 13.65 -18.13 -8.95
N ILE D 246 13.70 -18.31 -7.64
CA ILE D 246 13.28 -19.56 -7.01
C ILE D 246 12.51 -19.22 -5.74
N MET D 247 11.57 -20.09 -5.38
CA MET D 247 10.99 -20.13 -4.05
C MET D 247 11.28 -21.53 -3.53
N LEU D 248 11.88 -21.61 -2.36
CA LEU D 248 12.16 -22.89 -1.72
C LEU D 248 11.50 -22.92 -0.35
N GLU D 249 10.64 -23.90 -0.15
CA GLU D 249 10.10 -24.19 1.18
C GLU D 249 10.73 -25.50 1.62
N LEU D 250 11.66 -25.41 2.55
CA LEU D 250 12.45 -26.56 2.98
C LEU D 250 12.05 -26.96 4.39
N GLY D 251 12.83 -27.84 4.98
CA GLY D 251 12.46 -28.39 6.27
C GLY D 251 12.54 -27.37 7.39
N GLY D 252 11.97 -27.73 8.52
CA GLY D 252 12.09 -26.92 9.71
C GLY D 252 11.93 -27.76 10.96
N LYS D 253 12.59 -27.37 12.04
CA LYS D 253 12.42 -28.02 13.33
C LYS D 253 11.86 -26.99 14.30
N ASP D 254 10.55 -26.80 14.25
CA ASP D 254 9.89 -25.73 14.98
C ASP D 254 9.97 -26.00 16.48
N ALA D 255 10.18 -24.92 17.23
CA ALA D 255 10.33 -24.99 18.67
C ALA D 255 9.07 -24.49 19.34
N ALA D 256 8.79 -25.04 20.51
CA ALA D 256 7.69 -24.57 21.35
C ALA D 256 8.31 -24.09 22.66
N LEU D 257 8.68 -22.82 22.71
CA LEU D 257 9.24 -22.27 23.94
C LEU D 257 8.16 -22.09 24.98
N VAL D 258 8.22 -22.91 26.03
CA VAL D 258 7.24 -22.87 27.11
C VAL D 258 7.91 -22.25 28.33
N LEU D 259 7.30 -21.21 28.87
CA LEU D 259 7.84 -20.47 30.00
C LEU D 259 7.10 -20.82 31.27
N GLU D 260 7.51 -20.21 32.37
CA GLU D 260 6.90 -20.50 33.66
C GLU D 260 5.46 -20.00 33.72
N ASP D 261 5.25 -18.75 33.29
CA ASP D 261 3.93 -18.14 33.30
C ASP D 261 3.17 -18.53 32.03
N ALA D 262 2.91 -19.83 31.90
CA ALA D 262 2.25 -20.33 30.70
C ALA D 262 1.16 -21.30 31.11
N ASP D 263 0.04 -21.24 30.40
CA ASP D 263 -1.07 -22.15 30.65
C ASP D 263 -0.72 -23.53 30.13
N LEU D 264 -0.20 -24.40 31.00
CA LEU D 264 0.42 -25.64 30.53
C LEU D 264 -0.57 -26.60 29.91
N GLU D 265 -1.85 -26.53 30.26
CA GLU D 265 -2.82 -27.41 29.64
C GLU D 265 -3.01 -27.07 28.18
N HIS D 266 -3.22 -25.78 27.90
CA HIS D 266 -3.33 -25.30 26.53
C HIS D 266 -2.06 -25.56 25.74
N ALA D 267 -0.90 -25.31 26.37
CA ALA D 267 0.36 -25.58 25.71
C ALA D 267 0.51 -27.05 25.36
N ALA D 268 0.13 -27.95 26.28
CA ALA D 268 0.26 -29.37 26.01
C ALA D 268 -0.66 -29.80 24.87
N LYS D 269 -1.90 -29.32 24.87
CA LYS D 269 -2.82 -29.66 23.80
C LYS D 269 -2.32 -29.15 22.46
N GLN D 270 -1.88 -27.90 22.40
CA GLN D 270 -1.39 -27.31 21.16
C GLN D 270 -0.15 -28.04 20.68
N ILE D 271 0.75 -28.38 21.60
CA ILE D 271 2.02 -29.00 21.22
C ILE D 271 1.79 -30.39 20.65
N VAL D 272 0.91 -31.17 21.28
CA VAL D 272 0.65 -32.51 20.74
C VAL D 272 -0.11 -32.43 19.42
N ALA D 273 -1.13 -31.56 19.35
CA ALA D 273 -1.86 -31.41 18.11
C ALA D 273 -1.00 -30.87 16.98
N GLY D 274 0.07 -30.15 17.27
CA GLY D 274 0.97 -29.70 16.24
C GLY D 274 1.99 -30.74 15.86
N ALA D 275 2.54 -31.44 16.85
CA ALA D 275 3.63 -32.37 16.63
C ALA D 275 3.16 -33.67 15.97
N PHE D 276 2.08 -34.27 16.45
CA PHE D 276 1.66 -35.58 15.97
C PHE D 276 0.47 -35.43 15.02
N SER D 277 0.70 -34.73 13.93
CA SER D 277 -0.29 -34.57 12.89
C SER D 277 0.30 -35.06 11.58
N TYR D 278 -0.39 -36.00 10.95
CA TYR D 278 0.13 -36.74 9.80
C TYR D 278 1.42 -37.45 10.19
N SER D 279 1.46 -37.94 11.44
CA SER D 279 2.59 -38.68 11.99
C SER D 279 3.88 -37.86 12.01
N GLY D 280 3.79 -36.57 12.31
CA GLY D 280 4.97 -35.74 12.37
C GLY D 280 5.55 -35.33 11.04
N GLN D 281 4.89 -35.66 9.94
CA GLN D 281 5.45 -35.48 8.60
C GLN D 281 5.04 -34.16 7.96
N ARG D 282 4.91 -33.09 8.75
CA ARG D 282 4.76 -31.78 8.15
C ARG D 282 6.03 -30.98 8.39
N CYS D 283 6.12 -29.82 7.73
CA CYS D 283 7.26 -28.94 7.95
C CYS D 283 6.98 -27.90 9.02
N THR D 284 5.75 -27.42 9.14
CA THR D 284 5.34 -26.58 10.26
C THR D 284 4.65 -27.48 11.27
N ALA D 285 5.45 -28.28 11.97
CA ALA D 285 4.99 -29.06 13.10
C ALA D 285 5.90 -28.71 14.26
N ILE D 286 5.36 -28.78 15.48
CA ILE D 286 6.22 -28.71 16.65
C ILE D 286 7.16 -29.90 16.61
N LYS D 287 8.45 -29.64 16.72
CA LYS D 287 9.42 -30.73 16.66
C LYS D 287 10.36 -30.67 17.85
N ARG D 288 10.41 -29.54 18.53
CA ARG D 288 11.17 -29.36 19.76
C ARG D 288 10.24 -28.74 20.79
N VAL D 289 10.32 -29.22 22.03
CA VAL D 289 9.69 -28.54 23.16
C VAL D 289 10.83 -28.05 24.04
N ILE D 290 10.98 -26.74 24.13
CA ILE D 290 11.98 -26.10 24.99
C ILE D 290 11.24 -25.46 26.15
N VAL D 291 11.39 -26.04 27.34
CA VAL D 291 10.59 -25.66 28.49
C VAL D 291 11.50 -25.34 29.66
N LEU D 292 11.13 -24.33 30.43
CA LEU D 292 11.87 -23.97 31.63
C LEU D 292 11.80 -25.07 32.67
N GLU D 293 12.90 -25.27 33.39
CA GLU D 293 12.98 -26.38 34.33
C GLU D 293 11.99 -26.23 35.48
N SER D 294 11.48 -25.03 35.70
CA SER D 294 10.52 -24.80 36.78
C SER D 294 9.21 -25.54 36.53
N VAL D 295 8.72 -25.52 35.28
CA VAL D 295 7.44 -26.10 34.93
C VAL D 295 7.59 -27.32 34.04
N ALA D 296 8.81 -27.81 33.84
CA ALA D 296 9.08 -28.85 32.86
C ALA D 296 8.41 -30.16 33.24
N ASP D 297 8.32 -30.46 34.54
CA ASP D 297 7.75 -31.73 34.97
C ASP D 297 6.24 -31.78 34.74
N LYS D 298 5.53 -30.71 35.13
CA LYS D 298 4.10 -30.66 34.87
C LYS D 298 3.81 -30.66 33.38
N LEU D 299 4.62 -29.92 32.60
CA LEU D 299 4.44 -29.94 31.16
C LEU D 299 4.64 -31.35 30.61
N ALA D 300 5.66 -32.06 31.09
CA ALA D 300 5.92 -33.40 30.61
C ALA D 300 4.78 -34.35 30.95
N THR D 301 4.21 -34.20 32.14
CA THR D 301 3.08 -35.06 32.52
C THR D 301 1.88 -34.83 31.60
N LEU D 302 1.51 -33.57 31.38
CA LEU D 302 0.40 -33.28 30.49
C LEU D 302 0.67 -33.74 29.06
N LEU D 303 1.91 -33.51 28.59
CA LEU D 303 2.30 -33.95 27.25
C LEU D 303 2.18 -35.46 27.12
N GLN D 304 2.65 -36.20 28.12
CA GLN D 304 2.54 -37.65 28.11
C GLN D 304 1.09 -38.11 28.08
N GLU D 305 0.22 -37.51 28.89
CA GLU D 305 -1.18 -37.92 28.86
C GLU D 305 -1.77 -37.76 27.47
N GLU D 306 -1.54 -36.61 26.85
CA GLU D 306 -2.19 -36.36 25.58
C GLU D 306 -1.53 -37.11 24.42
N VAL D 307 -0.23 -37.40 24.49
CA VAL D 307 0.37 -38.29 23.51
C VAL D 307 -0.20 -39.70 23.66
N SER D 308 -0.49 -40.10 24.90
CA SER D 308 -1.07 -41.41 25.12
C SER D 308 -2.49 -41.51 24.56
N LYS D 309 -3.25 -40.42 24.56
CA LYS D 309 -4.60 -40.44 24.00
C LYS D 309 -4.63 -40.54 22.47
N LEU D 310 -3.47 -40.65 21.81
CA LEU D 310 -3.39 -40.64 20.36
C LEU D 310 -3.63 -42.03 19.78
N THR D 311 -4.25 -42.07 18.61
CA THR D 311 -4.67 -43.30 17.96
C THR D 311 -3.66 -43.71 16.91
N VAL D 312 -3.24 -44.97 16.95
CA VAL D 312 -2.29 -45.51 15.98
C VAL D 312 -2.97 -46.63 15.20
N GLY D 313 -2.87 -46.58 13.88
CA GLY D 313 -3.49 -47.61 13.08
C GLY D 313 -3.60 -47.34 11.60
N ASP D 314 -4.80 -47.56 11.05
CA ASP D 314 -5.10 -47.47 9.64
C ASP D 314 -5.65 -46.09 9.31
N PRO D 315 -5.23 -45.52 8.18
CA PRO D 315 -5.80 -44.22 7.77
C PRO D 315 -7.30 -44.24 7.57
N PHE D 316 -7.86 -45.33 7.08
CA PHE D 316 -9.30 -45.42 6.86
C PHE D 316 -10.07 -45.63 8.16
N ASP D 317 -9.38 -45.91 9.26
CA ASP D 317 -9.95 -45.81 10.59
C ASP D 317 -9.79 -44.42 11.17
N ASN D 318 -9.23 -43.49 10.40
CA ASN D 318 -8.99 -42.10 10.81
C ASN D 318 -8.08 -42.05 12.03
N ALA D 319 -7.03 -42.83 11.97
CA ALA D 319 -6.06 -42.87 13.05
C ALA D 319 -5.18 -41.63 13.03
N ASP D 320 -4.82 -41.15 14.20
CA ASP D 320 -3.92 -40.03 14.35
C ASP D 320 -2.51 -40.35 13.86
N ILE D 321 -2.05 -41.57 14.08
CA ILE D 321 -0.68 -41.97 13.75
C ILE D 321 -0.79 -43.09 12.70
N THR D 322 -0.75 -42.71 11.45
CA THR D 322 -0.75 -43.60 10.31
C THR D 322 0.68 -43.98 9.95
N PRO D 323 0.89 -45.01 9.13
CA PRO D 323 2.25 -45.39 8.75
C PRO D 323 3.01 -44.27 8.06
N VAL D 324 4.32 -44.19 8.26
CA VAL D 324 5.14 -43.25 7.53
C VAL D 324 5.36 -43.79 6.13
N ILE D 325 5.80 -42.92 5.23
CA ILE D 325 5.62 -43.14 3.81
C ILE D 325 6.64 -44.12 3.23
N ASP D 326 7.76 -44.31 3.90
CA ASP D 326 8.83 -45.13 3.37
C ASP D 326 9.32 -46.11 4.42
N ASN D 327 10.02 -47.13 3.96
CA ASN D 327 10.84 -47.93 4.87
C ASN D 327 12.12 -47.20 5.21
N ALA D 328 12.66 -46.43 4.26
CA ALA D 328 13.85 -45.65 4.52
C ALA D 328 13.61 -44.59 5.56
N SER D 329 12.47 -43.90 5.48
CA SER D 329 12.13 -42.93 6.50
C SER D 329 11.85 -43.59 7.84
N ALA D 330 11.14 -44.73 7.83
CA ALA D 330 10.91 -45.46 9.07
C ALA D 330 12.22 -45.84 9.73
N ASP D 331 13.21 -46.24 8.93
CA ASP D 331 14.53 -46.55 9.45
C ASP D 331 15.23 -45.29 9.98
N PHE D 332 14.99 -44.14 9.34
CA PHE D 332 15.58 -42.90 9.81
C PHE D 332 15.04 -42.51 11.19
N ILE D 333 13.72 -42.53 11.34
CA ILE D 333 13.15 -42.26 12.67
C ILE D 333 13.61 -43.32 13.67
N TRP D 334 13.72 -44.58 13.25
CA TRP D 334 14.20 -45.61 14.16
C TRP D 334 15.62 -45.34 14.62
N GLY D 335 16.48 -44.87 13.72
CA GLY D 335 17.83 -44.52 14.10
C GLY D 335 17.89 -43.35 15.06
N LEU D 336 17.02 -42.36 14.86
CA LEU D 336 16.98 -41.24 15.80
C LEU D 336 16.52 -41.70 17.18
N ILE D 337 15.49 -42.55 17.22
CA ILE D 337 15.01 -43.11 18.49
C ILE D 337 16.09 -43.95 19.15
N GLU D 338 16.82 -44.74 18.38
CA GLU D 338 17.91 -45.54 18.92
C GLU D 338 19.01 -44.65 19.51
N ASP D 339 19.38 -43.58 18.80
CA ASP D 339 20.41 -42.69 19.33
C ASP D 339 19.94 -42.05 20.63
N ALA D 340 18.67 -41.69 20.72
CA ALA D 340 18.17 -41.12 21.96
C ALA D 340 18.17 -42.16 23.08
N GLN D 341 17.76 -43.40 22.78
CA GLN D 341 17.74 -44.47 23.78
C GLN D 341 19.13 -44.77 24.30
N GLU D 342 20.12 -44.90 23.40
CA GLU D 342 21.46 -45.28 23.80
C GLU D 342 22.11 -44.21 24.68
N LYS D 343 21.69 -42.96 24.55
CA LYS D 343 22.30 -41.84 25.25
C LYS D 343 21.51 -41.44 26.49
N GLU D 344 20.70 -42.36 27.02
CA GLU D 344 19.98 -42.19 28.27
C GLU D 344 19.00 -41.02 28.21
N ALA D 345 18.05 -41.13 27.30
CA ALA D 345 16.93 -40.20 27.21
C ALA D 345 15.68 -40.88 27.74
N GLN D 346 14.91 -40.14 28.52
CA GLN D 346 13.75 -40.69 29.21
C GLN D 346 12.58 -40.71 28.23
N ALA D 347 12.21 -41.90 27.77
CA ALA D 347 11.06 -42.05 26.89
C ALA D 347 9.79 -42.15 27.72
N LEU D 348 8.85 -41.25 27.45
CA LEU D 348 7.61 -41.17 28.22
C LEU D 348 6.46 -41.92 27.57
N THR D 349 6.67 -42.51 26.41
CA THR D 349 5.65 -43.21 25.65
C THR D 349 6.27 -44.45 25.03
N PRO D 350 5.51 -45.54 24.88
CA PRO D 350 6.08 -46.77 24.33
C PRO D 350 6.71 -46.59 22.96
N ILE D 351 7.81 -47.31 22.76
CA ILE D 351 8.53 -47.34 21.49
C ILE D 351 8.21 -48.66 20.81
N LYS D 352 7.48 -48.60 19.69
CA LYS D 352 7.11 -49.78 18.93
C LYS D 352 7.32 -49.48 17.45
N ARG D 353 7.50 -50.54 16.66
CA ARG D 353 7.63 -50.40 15.21
C ARG D 353 7.05 -51.65 14.55
N GLU D 354 5.81 -51.55 14.08
CA GLU D 354 5.19 -52.65 13.34
C GLU D 354 5.24 -52.37 11.83
N GLY D 355 6.45 -52.42 11.29
CA GLY D 355 6.62 -52.12 9.87
C GLY D 355 6.90 -50.66 9.66
N ASN D 356 6.17 -50.05 8.71
CA ASN D 356 6.16 -48.60 8.55
C ASN D 356 5.55 -47.90 9.75
N LEU D 357 4.68 -48.58 10.48
CA LEU D 357 3.91 -47.95 11.55
C LEU D 357 4.78 -47.68 12.77
N LEU D 358 5.49 -46.55 12.73
CA LEU D 358 6.19 -46.09 13.92
C LEU D 358 5.19 -45.67 14.97
N TRP D 359 5.64 -45.63 16.20
CA TRP D 359 4.73 -45.32 17.28
C TRP D 359 5.10 -43.95 17.84
N PRO D 360 4.12 -43.13 18.25
CA PRO D 360 4.45 -41.79 18.77
C PRO D 360 5.32 -41.85 20.01
N VAL D 361 6.52 -41.30 19.94
CA VAL D 361 7.48 -41.39 21.04
C VAL D 361 7.69 -40.01 21.64
N LEU D 362 7.47 -39.89 22.94
CA LEU D 362 7.74 -38.65 23.65
C LEU D 362 9.00 -38.81 24.50
N PHE D 363 10.07 -38.14 24.09
CA PHE D 363 11.36 -38.23 24.76
C PHE D 363 11.56 -37.03 25.67
N ASP D 364 11.96 -37.31 26.91
CA ASP D 364 12.34 -36.27 27.85
C ASP D 364 13.83 -36.39 28.13
N GLN D 365 14.35 -35.40 28.86
CA GLN D 365 15.76 -35.34 29.24
C GLN D 365 16.67 -35.35 28.02
N VAL D 366 16.23 -34.69 26.95
CA VAL D 366 17.00 -34.62 25.71
C VAL D 366 18.04 -33.52 25.84
N THR D 367 19.26 -33.81 25.42
CA THR D 367 20.36 -32.88 25.56
C THR D 367 20.87 -32.45 24.18
N LYS D 368 21.90 -31.63 24.15
CA LYS D 368 22.49 -31.10 22.94
C LYS D 368 23.20 -32.17 22.12
N ASP D 369 23.42 -33.36 22.68
CA ASP D 369 24.26 -34.36 22.03
C ASP D 369 23.46 -35.38 21.24
N MET D 370 22.19 -35.58 21.56
CA MET D 370 21.37 -36.53 20.81
C MET D 370 20.98 -35.93 19.46
N LYS D 371 20.84 -36.78 18.46
CA LYS D 371 20.49 -36.29 17.13
C LYS D 371 19.04 -35.87 17.02
N VAL D 372 18.16 -36.42 17.83
CA VAL D 372 16.74 -36.09 17.75
C VAL D 372 16.52 -34.64 18.14
N ALA D 373 17.51 -34.03 18.80
CA ALA D 373 17.43 -32.63 19.20
C ALA D 373 17.84 -31.69 18.09
N TRP D 374 18.38 -32.20 16.99
CA TRP D 374 18.89 -31.33 15.93
C TRP D 374 18.47 -31.75 14.53
N GLU D 375 17.79 -32.88 14.37
CA GLU D 375 17.48 -33.37 13.03
C GLU D 375 15.99 -33.49 12.86
N GLU D 376 15.53 -33.22 11.63
CA GLU D 376 14.10 -33.29 11.34
C GLU D 376 13.76 -34.74 11.02
N PRO D 377 12.96 -35.42 11.84
CA PRO D 377 12.69 -36.83 11.63
C PRO D 377 11.59 -37.09 10.60
N PHE D 378 10.62 -36.19 10.48
CA PHE D 378 9.43 -36.45 9.63
C PHE D 378 8.82 -37.73 10.15
N GLY D 379 8.73 -37.85 11.48
CA GLY D 379 8.20 -39.06 12.13
C GLY D 379 7.67 -38.72 13.48
N PRO D 380 6.89 -39.58 14.14
CA PRO D 380 6.20 -39.19 15.38
C PRO D 380 7.08 -39.31 16.63
N VAL D 381 8.12 -38.49 16.69
CA VAL D 381 8.97 -38.41 17.86
C VAL D 381 9.14 -36.94 18.24
N LEU D 382 8.97 -36.64 19.53
CA LEU D 382 8.99 -35.26 20.04
C LEU D 382 9.91 -35.17 21.25
N PRO D 383 11.10 -34.59 21.08
CA PRO D 383 11.99 -34.36 22.21
C PRO D 383 11.48 -33.24 23.12
N ILE D 384 11.78 -33.37 24.41
CA ILE D 384 11.58 -32.30 25.38
C ILE D 384 12.94 -31.81 25.84
N ILE D 385 13.17 -30.51 25.75
CA ILE D 385 14.44 -29.91 26.13
C ILE D 385 14.21 -29.11 27.40
N ARG D 386 15.15 -29.17 28.33
CA ARG D 386 15.05 -28.44 29.59
C ARG D 386 16.14 -27.38 29.65
N VAL D 387 15.72 -26.14 29.93
CA VAL D 387 16.62 -25.01 30.05
C VAL D 387 16.29 -24.28 31.34
N ALA D 388 17.26 -23.52 31.83
CA ALA D 388 17.12 -22.84 33.11
C ALA D 388 16.82 -21.35 32.98
N SER D 389 16.83 -20.81 31.78
CA SER D 389 16.59 -19.38 31.57
C SER D 389 15.90 -19.21 30.22
N VAL D 390 15.23 -18.07 30.07
CA VAL D 390 14.63 -17.76 28.78
C VAL D 390 15.69 -17.39 27.76
N GLU D 391 16.79 -16.76 28.21
CA GLU D 391 17.91 -16.49 27.32
C GLU D 391 18.53 -17.79 26.82
N GLU D 392 18.66 -18.79 27.71
CA GLU D 392 19.15 -20.09 27.31
C GLU D 392 18.20 -20.78 26.34
N ALA D 393 16.89 -20.61 26.54
CA ALA D 393 15.92 -21.15 25.60
C ALA D 393 16.06 -20.51 24.23
N ILE D 394 16.24 -19.19 24.19
CA ILE D 394 16.38 -18.51 22.90
C ILE D 394 17.67 -18.95 22.22
N ALA D 395 18.74 -19.10 22.98
CA ALA D 395 20.00 -19.57 22.39
C ALA D 395 19.86 -20.97 21.83
N PHE D 396 19.20 -21.87 22.56
CA PHE D 396 19.00 -23.24 22.08
C PHE D 396 18.14 -23.25 20.83
N ALA D 397 17.07 -22.45 20.81
CA ALA D 397 16.23 -22.37 19.63
C ALA D 397 16.98 -21.82 18.43
N ASN D 398 17.83 -20.82 18.62
CA ASN D 398 18.57 -20.22 17.52
C ASN D 398 19.82 -20.99 17.12
N GLU D 399 20.19 -22.03 17.86
CA GLU D 399 21.26 -22.91 17.40
C GLU D 399 20.81 -23.82 16.26
N SER D 400 19.53 -23.87 15.96
CA SER D 400 19.04 -24.76 14.91
C SER D 400 19.48 -24.29 13.53
N GLU D 401 19.51 -25.21 12.58
CA GLU D 401 19.82 -24.87 11.21
C GLU D 401 18.62 -24.37 10.45
N PHE D 402 17.42 -24.54 11.01
CA PHE D 402 16.18 -24.18 10.35
C PHE D 402 15.56 -22.95 10.99
N GLY D 403 14.78 -22.23 10.21
CA GLY D 403 14.18 -20.99 10.65
C GLY D 403 12.74 -20.78 10.24
N LEU D 404 11.92 -21.82 10.22
CA LEU D 404 10.59 -21.69 9.62
C LEU D 404 9.59 -21.00 10.55
N GLN D 405 9.19 -21.68 11.63
CA GLN D 405 8.18 -21.15 12.54
C GLN D 405 8.55 -21.57 13.95
N SER D 406 7.86 -20.97 14.92
CA SER D 406 8.14 -21.24 16.32
C SER D 406 6.97 -20.74 17.14
N SER D 407 6.81 -21.30 18.33
CA SER D 407 5.75 -20.89 19.23
C SER D 407 6.38 -20.42 20.53
N VAL D 408 5.78 -19.40 21.13
CA VAL D 408 6.10 -18.99 22.49
C VAL D 408 4.83 -19.12 23.30
N PHE D 409 4.89 -19.90 24.37
CA PHE D 409 3.74 -20.18 25.22
C PHE D 409 3.99 -19.46 26.54
N THR D 410 3.13 -18.50 26.84
CA THR D 410 3.32 -17.64 28.00
C THR D 410 2.01 -17.02 28.46
N ASN D 411 2.09 -16.02 29.34
CA ASN D 411 0.95 -15.19 29.70
C ASN D 411 1.21 -13.72 29.51
N ASP D 412 2.46 -13.30 29.42
CA ASP D 412 2.85 -11.91 29.25
C ASP D 412 3.17 -11.68 27.78
N PHE D 413 2.33 -10.91 27.09
CA PHE D 413 2.60 -10.66 25.67
C PHE D 413 3.70 -9.67 25.43
N LYS D 414 4.03 -8.82 26.39
CA LYS D 414 5.18 -7.93 26.20
C LYS D 414 6.47 -8.73 26.10
N LYS D 415 6.67 -9.69 27.01
CA LYS D 415 7.87 -10.51 26.91
C LYS D 415 7.74 -11.54 25.80
N ALA D 416 6.53 -11.97 25.48
CA ALA D 416 6.36 -12.86 24.32
C ALA D 416 6.78 -12.16 23.04
N PHE D 417 6.39 -10.89 22.89
CA PHE D 417 6.86 -10.08 21.78
C PHE D 417 8.37 -9.92 21.81
N GLU D 418 8.94 -9.71 23.00
CA GLU D 418 10.41 -9.63 23.11
C GLU D 418 11.07 -10.88 22.55
N ILE D 419 10.65 -12.05 23.03
CA ILE D 419 11.22 -13.31 22.59
C ILE D 419 10.99 -13.51 21.09
N ALA D 420 9.80 -13.16 20.62
CA ALA D 420 9.47 -13.34 19.21
C ALA D 420 10.38 -12.51 18.30
N GLU D 421 10.66 -11.27 18.69
CA GLU D 421 11.62 -10.48 17.96
C GLU D 421 13.04 -11.00 18.13
N LYS D 422 13.30 -11.80 19.16
CA LYS D 422 14.63 -12.36 19.34
C LYS D 422 14.81 -13.72 18.65
N LEU D 423 13.75 -14.34 18.17
CA LEU D 423 13.83 -15.63 17.51
C LEU D 423 14.13 -15.46 16.02
N GLU D 424 15.10 -16.22 15.53
CA GLU D 424 15.56 -16.14 14.15
C GLU D 424 14.71 -17.09 13.32
N VAL D 425 13.48 -16.68 13.06
CA VAL D 425 12.52 -17.59 12.50
C VAL D 425 11.61 -16.76 11.61
N GLY D 426 10.79 -17.38 10.78
CA GLY D 426 9.94 -16.61 9.90
C GLY D 426 8.63 -16.16 10.53
N THR D 427 8.01 -17.01 11.32
CA THR D 427 6.71 -16.71 11.93
C THR D 427 6.80 -17.13 13.38
N VAL D 428 6.24 -16.33 14.28
CA VAL D 428 6.16 -16.70 15.68
C VAL D 428 4.70 -16.74 16.07
N HIS D 429 4.22 -17.88 16.55
CA HIS D 429 2.85 -18.02 17.04
C HIS D 429 2.86 -17.89 18.55
N ILE D 430 2.18 -16.85 19.04
CA ILE D 430 2.15 -16.63 20.48
C ILE D 430 0.98 -17.39 21.06
N ASN D 431 1.27 -18.32 21.98
CA ASN D 431 0.33 -19.19 22.65
C ASN D 431 -0.47 -20.06 21.71
N ASN D 432 0.09 -20.47 20.58
CA ASN D 432 -0.58 -21.37 19.66
C ASN D 432 0.47 -22.18 18.91
N LYS D 433 0.04 -23.29 18.34
CA LYS D 433 0.89 -24.19 17.58
C LYS D 433 1.29 -23.52 16.27
N THR D 434 2.46 -23.89 15.76
CA THR D 434 2.86 -23.42 14.45
C THR D 434 2.02 -24.07 13.36
N GLN D 435 1.68 -23.32 12.34
CA GLN D 435 0.93 -23.87 11.22
C GLN D 435 1.16 -22.99 10.01
N ARG D 436 0.93 -23.55 8.83
CA ARG D 436 0.99 -22.75 7.61
C ARG D 436 -0.11 -21.71 7.58
N GLY D 437 -1.17 -21.92 8.38
CA GLY D 437 -2.05 -20.87 8.79
C GLY D 437 -3.08 -20.51 7.75
N PRO D 438 -3.86 -19.47 8.01
CA PRO D 438 -4.65 -18.88 6.94
C PRO D 438 -3.74 -18.51 5.78
N ASP D 439 -3.92 -19.15 4.65
CA ASP D 439 -2.98 -19.05 3.55
C ASP D 439 -2.84 -17.64 3.01
N ASN D 440 -3.65 -16.71 3.45
CA ASN D 440 -3.33 -15.34 3.11
C ASN D 440 -2.17 -14.81 3.92
N PHE D 441 -1.86 -15.36 5.10
CA PHE D 441 -0.72 -14.95 5.92
C PHE D 441 0.59 -15.27 5.21
N PRO D 442 1.61 -14.45 5.40
CA PRO D 442 2.92 -14.75 4.83
C PRO D 442 3.50 -16.01 5.45
N PHE D 443 4.25 -16.74 4.62
CA PHE D 443 4.83 -18.00 5.03
C PHE D 443 6.23 -18.15 4.49
N LEU D 444 7.21 -17.96 5.35
CA LEU D 444 8.61 -18.02 4.90
C LEU D 444 9.44 -18.79 5.91
N GLY D 445 10.65 -19.17 5.52
CA GLY D 445 11.59 -19.77 6.45
C GLY D 445 12.90 -19.08 6.24
N VAL D 446 13.50 -18.54 7.29
CA VAL D 446 14.85 -17.93 7.18
C VAL D 446 15.89 -19.05 7.30
N LYS D 447 17.18 -18.73 7.20
CA LYS D 447 18.27 -19.73 7.41
C LYS D 447 18.19 -20.86 6.36
N GLY D 448 18.17 -22.11 6.80
CA GLY D 448 18.15 -23.25 5.88
C GLY D 448 16.76 -23.79 5.67
N SER D 449 15.75 -23.00 6.05
CA SER D 449 14.35 -23.44 5.85
C SER D 449 13.82 -22.89 4.52
N GLY D 450 14.60 -22.11 3.78
CA GLY D 450 14.13 -21.75 2.47
C GLY D 450 14.52 -20.37 1.97
N ALA D 451 13.94 -19.98 0.84
CA ALA D 451 14.24 -18.72 0.17
C ALA D 451 12.96 -18.21 -0.47
N GLY D 452 12.57 -16.98 -0.17
CA GLY D 452 11.35 -16.43 -0.71
C GLY D 452 10.25 -16.36 0.33
N VAL D 453 9.24 -15.54 0.05
CA VAL D 453 8.09 -15.36 0.93
C VAL D 453 6.89 -15.93 0.21
N GLN D 454 6.14 -16.78 0.90
CA GLN D 454 5.00 -17.44 0.33
C GLN D 454 3.73 -16.94 1.01
N GLY D 455 2.61 -17.59 0.76
CA GLY D 455 1.32 -16.98 0.99
C GLY D 455 0.77 -16.43 -0.31
N ILE D 456 -0.56 -16.36 -0.39
CA ILE D 456 -1.21 -16.20 -1.68
C ILE D 456 -0.76 -14.91 -2.37
N LYS D 457 -0.89 -13.79 -1.67
CA LYS D 457 -0.51 -12.51 -2.23
C LYS D 457 0.98 -12.44 -2.51
N TYR D 458 1.78 -12.96 -1.60
CA TYR D 458 3.23 -13.02 -1.70
C TYR D 458 3.72 -13.92 -2.82
N SER D 459 3.08 -15.06 -3.01
CA SER D 459 3.35 -15.93 -4.14
C SER D 459 2.95 -15.33 -5.47
N ILE D 460 1.83 -14.60 -5.52
CA ILE D 460 1.48 -13.92 -6.76
C ILE D 460 2.51 -12.86 -7.11
N GLU D 461 2.95 -12.07 -6.12
CA GLU D 461 3.99 -11.10 -6.38
C GLU D 461 5.34 -11.72 -6.67
N ALA D 462 5.60 -12.95 -6.22
CA ALA D 462 6.89 -13.57 -6.43
C ALA D 462 7.11 -14.06 -7.85
N MET D 463 6.12 -14.67 -8.47
CA MET D 463 6.25 -15.21 -9.82
C MET D 463 5.86 -14.17 -10.85
N THR D 464 6.48 -13.01 -10.78
CA THR D 464 6.07 -11.86 -11.56
C THR D 464 7.23 -10.87 -11.61
N ASN D 465 7.45 -10.31 -12.80
CA ASN D 465 8.44 -9.27 -13.02
C ASN D 465 7.81 -7.89 -12.89
N VAL D 466 8.63 -6.91 -12.57
CA VAL D 466 8.23 -5.51 -12.52
C VAL D 466 8.53 -4.94 -13.91
N LYS D 467 7.57 -4.26 -14.51
CA LYS D 467 7.81 -3.44 -15.70
C LYS D 467 7.31 -2.03 -15.42
N SER D 468 8.18 -1.04 -15.54
CA SER D 468 7.80 0.35 -15.41
C SER D 468 7.93 1.03 -16.76
N ILE D 469 6.92 1.80 -17.14
CA ILE D 469 6.98 2.68 -18.30
C ILE D 469 7.10 4.10 -17.79
N VAL D 470 8.16 4.77 -18.21
CA VAL D 470 8.49 6.11 -17.76
C VAL D 470 8.26 7.07 -18.91
N PHE D 471 7.47 8.12 -18.66
CA PHE D 471 7.20 9.12 -19.68
C PHE D 471 7.04 10.47 -19.00
N ASP D 472 7.00 11.52 -19.81
CA ASP D 472 6.88 12.89 -19.34
C ASP D 472 5.42 13.29 -19.24
N VAL D 473 5.00 13.70 -18.05
CA VAL D 473 3.71 14.37 -17.89
C VAL D 473 3.99 15.85 -18.04
N LYS D 474 4.08 16.31 -19.29
CA LYS D 474 4.85 17.50 -19.63
C LYS D 474 4.38 18.77 -18.93
#